data_8EJG
#
_entry.id   8EJG
#
loop_
_entity.id
_entity.type
_entity.pdbx_description
1 polymer 'Glycoprotein GP1'
2 polymer 'Glycoprotein GP2'
3 branched alpha-D-mannopyranose-(1-3)-[alpha-D-mannopyranose-(1-6)]beta-D-mannopyranose-(1-4)-2-acetamido-2-deoxy-beta-D-glucopyranose-(1-4)-2-acetamido-2-deoxy-beta-D-glucopyranose
4 branched beta-D-mannopyranose-(1-4)-2-acetamido-2-deoxy-beta-D-glucopyranose-(1-4)-2-acetamido-2-deoxy-beta-D-glucopyranose
5 branched 2-acetamido-2-deoxy-beta-D-glucopyranose-(1-4)-2-acetamido-2-deoxy-beta-D-glucopyranose
6 branched beta-D-glucopyranose-(1-4)-2-acetamido-2-deoxy-beta-D-glucopyranose-(1-4)-2-acetamido-2-deoxy-beta-D-glucopyranose
7 branched alpha-D-mannopyranose-(1-2)-alpha-D-mannopyranose-(1-3)-[alpha-D-mannopyranose-(1-3)-alpha-D-mannopyranose-(1-6)]beta-D-mannopyranose-(1-4)-2-acetamido-2-deoxy-beta-D-glucopyranose-(1-4)-2-acetamido-2-deoxy-beta-D-glucopyranose
8 non-polymer 2-acetamido-2-deoxy-beta-D-glucopyranose
#
loop_
_entity_poly.entity_id
_entity_poly.type
_entity_poly.pdbx_seq_one_letter_code
_entity_poly.pdbx_strand_id
1 'polypeptide(L)'
;LIYKGSYELQTLELNMETLNMTMPLSCTKNSSHHYIRVGNETGLELTLTNTSIINHKFCNLSDAHKRNLYDHALMSILST
FHLSIPNFNQYEAMSCDFNGGKISVQYNLSHAYAVDAAEHCGTVANGVLQTFMRMAWGGSYIALDSGCGNWDCIMTSYQY
LIIQNTTWEDHCQFSRPSPIGYLGLLSQRTRDIYIS
;
A,B,C
2 'polypeptide(L)'
;GTFTWTLSDSEGNETPGGYCLTRWMLIEAELKCFGNTAVAKCNEKHDEEFCDMLRLFDFNKQAIQRLKSPAQMSIQLINK
AVNALINDQLIMKNHLRDMMCIPYCNYSKYWYLNHTSSGRTSLPKCWLVSNGSYLNETHFSDDIEQQADNMITEMLQKEY
IDRQG
;
a,b,c
#
loop_
_chem_comp.id
_chem_comp.type
_chem_comp.name
_chem_comp.formula
BGC D-saccharide, beta linking beta-D-glucopyranose 'C6 H12 O6'
BMA D-saccharide, beta linking beta-D-mannopyranose 'C6 H12 O6'
MAN D-saccharide, alpha linking alpha-D-mannopyranose 'C6 H12 O6'
NAG D-saccharide, beta linking 2-acetamido-2-deoxy-beta-D-glucopyranose 'C8 H15 N O6'
#
# COMPACT_ATOMS: atom_id res chain seq x y z
N LEU A 1 38.59 9.66 2.58
CA LEU A 1 37.93 10.94 2.42
C LEU A 1 37.60 11.26 0.96
N ILE A 2 38.61 11.17 0.05
CA ILE A 2 38.45 11.47 -1.38
C ILE A 2 38.38 10.22 -2.20
N TYR A 3 37.29 10.10 -2.89
CA TYR A 3 37.06 8.94 -3.67
C TYR A 3 37.26 9.20 -5.15
N LYS A 4 37.92 8.24 -5.80
CA LYS A 4 38.21 8.19 -7.25
C LYS A 4 39.11 9.29 -7.77
N GLY A 5 38.61 10.50 -7.72
CA GLY A 5 39.24 11.70 -8.18
C GLY A 5 39.20 12.74 -7.10
N SER A 6 38.16 13.55 -7.16
CA SER A 6 37.94 14.63 -6.22
C SER A 6 36.55 14.58 -5.59
N TYR A 7 36.01 13.40 -5.32
CA TYR A 7 34.72 13.36 -4.70
C TYR A 7 34.90 13.22 -3.22
N GLU A 8 34.56 14.25 -2.49
CA GLU A 8 34.78 14.27 -1.07
C GLU A 8 33.59 13.79 -0.33
N LEU A 9 33.79 12.94 0.66
CA LEU A 9 32.65 12.49 1.43
C LEU A 9 32.26 13.55 2.44
N GLN A 10 31.00 13.96 2.35
CA GLN A 10 30.39 14.99 3.18
C GLN A 10 29.18 14.47 3.89
N THR A 11 28.86 15.03 5.04
CA THR A 11 27.68 14.60 5.75
C THR A 11 26.77 15.69 6.21
N LEU A 12 25.54 15.28 6.50
CA LEU A 12 24.55 16.15 7.08
C LEU A 12 23.74 15.38 8.10
N GLU A 13 23.35 16.05 9.16
CA GLU A 13 22.51 15.41 10.15
C GLU A 13 21.27 16.26 10.27
N LEU A 14 20.11 15.63 10.28
CA LEU A 14 18.86 16.38 10.28
C LEU A 14 18.33 16.72 11.64
N ASN A 15 17.76 17.92 11.72
CA ASN A 15 17.11 18.40 12.92
C ASN A 15 15.62 18.15 12.81
N MET A 16 15.15 17.08 13.39
CA MET A 16 13.77 16.75 13.15
C MET A 16 12.84 17.45 14.11
N GLU A 17 13.37 18.27 14.98
CA GLU A 17 12.50 18.98 15.89
C GLU A 17 11.67 19.99 15.19
N THR A 18 12.05 20.43 14.00
CA THR A 18 11.26 21.48 13.40
C THR A 18 9.95 20.94 12.86
N LEU A 19 9.82 19.62 12.92
CA LEU A 19 8.62 18.94 12.51
C LEU A 19 7.58 18.77 13.65
N ASN A 20 7.87 19.22 14.92
CA ASN A 20 7.04 19.01 16.12
C ASN A 20 5.59 19.52 16.00
N MET A 21 5.31 20.57 15.18
CA MET A 21 3.96 21.12 15.01
C MET A 21 3.12 20.34 14.02
N THR A 22 3.71 19.39 13.29
CA THR A 22 2.94 18.61 12.34
C THR A 22 2.94 17.12 12.70
N MET A 23 4.02 16.65 13.30
CA MET A 23 4.20 15.26 13.64
C MET A 23 4.67 15.08 15.07
N PRO A 24 4.27 14.01 15.75
CA PRO A 24 4.78 13.66 17.04
C PRO A 24 6.18 13.17 16.85
N LEU A 25 7.04 13.40 17.82
CA LEU A 25 8.42 12.96 17.74
C LEU A 25 8.83 12.12 18.91
N SER A 26 9.37 10.95 18.67
CA SER A 26 9.79 10.11 19.77
C SER A 26 11.27 10.33 20.04
N CYS A 27 11.71 10.18 21.31
CA CYS A 27 13.12 10.24 21.70
C CYS A 27 13.35 9.45 22.98
N THR A 28 14.60 9.24 23.34
CA THR A 28 14.93 8.50 24.56
C THR A 28 15.84 9.26 25.48
N LYS A 29 15.51 9.26 26.76
CA LYS A 29 16.38 9.88 27.74
C LYS A 29 17.43 8.88 28.25
N ASN A 30 16.96 7.72 28.71
CA ASN A 30 17.76 6.58 29.20
C ASN A 30 16.90 5.33 29.04
N SER A 31 17.40 4.17 29.49
CA SER A 31 16.71 2.88 29.29
C SER A 31 15.34 2.74 29.92
N SER A 32 15.02 3.54 30.92
CA SER A 32 13.73 3.38 31.54
C SER A 32 12.81 4.55 31.26
N HIS A 33 13.27 5.54 30.51
CA HIS A 33 12.48 6.72 30.23
C HIS A 33 12.55 7.17 28.79
N HIS A 34 11.40 7.06 28.14
CA HIS A 34 11.25 7.35 26.73
C HIS A 34 10.14 8.37 26.59
N TYR A 35 10.22 9.26 25.60
CA TYR A 35 9.22 10.31 25.47
C TYR A 35 8.67 10.52 24.07
N ILE A 36 7.43 11.03 24.00
CA ILE A 36 6.84 11.45 22.73
C ILE A 36 6.40 12.90 22.80
N ARG A 37 6.88 13.74 21.90
CA ARG A 37 6.43 15.12 21.86
C ARG A 37 5.21 15.08 20.99
N VAL A 38 4.09 15.66 21.39
CA VAL A 38 2.90 15.56 20.52
C VAL A 38 2.46 16.89 20.00
N GLY A 39 3.29 17.87 20.22
CA GLY A 39 3.02 19.22 19.82
C GLY A 39 4.13 20.08 20.36
N ASN A 40 3.99 21.39 20.24
CA ASN A 40 4.99 22.36 20.67
C ASN A 40 5.15 22.42 22.21
N GLU A 41 4.05 22.20 23.00
CA GLU A 41 4.05 22.28 24.47
C GLU A 41 4.03 20.98 25.26
N THR A 42 3.31 19.97 24.79
CA THR A 42 3.08 18.75 25.56
C THR A 42 3.49 17.48 24.89
N GLY A 43 3.42 16.40 25.66
CA GLY A 43 3.77 15.07 25.18
C GLY A 43 3.42 13.97 26.15
N LEU A 44 3.94 12.78 25.89
CA LEU A 44 3.75 11.59 26.69
C LEU A 44 5.07 11.08 27.23
N GLU A 45 5.04 10.56 28.42
CA GLU A 45 6.17 9.93 29.06
C GLU A 45 5.89 8.46 29.13
N LEU A 46 6.85 7.64 28.74
CA LEU A 46 6.72 6.20 28.77
C LEU A 46 7.79 5.63 29.68
N THR A 47 7.37 5.06 30.78
CA THR A 47 8.32 4.58 31.76
C THR A 47 8.29 3.10 31.98
N LEU A 48 9.47 2.51 32.03
CA LEU A 48 9.57 1.10 32.34
C LEU A 48 9.95 1.02 33.79
N THR A 49 9.05 0.48 34.58
CA THR A 49 9.27 0.45 36.00
C THR A 49 8.95 -0.88 36.67
N ASN A 50 9.26 -0.97 37.97
CA ASN A 50 8.89 -2.08 38.86
C ASN A 50 7.76 -1.68 39.84
N THR A 51 7.23 -0.44 39.76
CA THR A 51 6.18 0.09 40.62
C THR A 51 4.92 0.40 39.86
N SER A 52 3.81 -0.20 40.29
CA SER A 52 2.52 0.10 39.68
C SER A 52 2.01 1.39 40.24
N ILE A 53 1.10 2.05 39.54
CA ILE A 53 0.50 3.23 40.09
C ILE A 53 -1.01 3.03 40.08
N ILE A 54 -1.46 2.14 39.22
CA ILE A 54 -2.88 1.84 39.15
C ILE A 54 -3.07 0.49 39.80
N ASN A 55 -3.91 0.45 40.84
CA ASN A 55 -4.14 -0.76 41.62
C ASN A 55 -5.52 -1.36 41.44
N HIS A 56 -6.15 -1.01 40.33
CA HIS A 56 -7.46 -1.52 39.99
C HIS A 56 -7.43 -1.90 38.53
N LYS A 57 -8.53 -2.46 38.05
CA LYS A 57 -8.63 -2.86 36.65
C LYS A 57 -9.88 -2.35 35.97
N PHE A 58 -10.34 -1.14 36.29
CA PHE A 58 -11.58 -0.72 35.62
C PHE A 58 -11.40 -0.32 34.15
N CYS A 59 -10.31 0.45 33.84
CA CYS A 59 -9.90 1.04 32.57
C CYS A 59 -11.12 1.72 31.89
N ASN A 60 -11.50 2.87 32.42
CA ASN A 60 -12.74 3.55 32.06
C ASN A 60 -12.64 4.32 30.74
N LEU A 61 -12.49 3.56 29.63
CA LEU A 61 -12.30 4.05 28.27
C LEU A 61 -13.55 4.67 27.65
N SER A 62 -14.70 4.03 27.87
CA SER A 62 -15.93 4.51 27.27
C SER A 62 -16.43 5.75 27.96
N ASP A 63 -16.06 5.89 29.22
CA ASP A 63 -16.50 7.03 29.98
C ASP A 63 -15.59 8.18 29.66
N ALA A 64 -14.32 7.90 29.36
CA ALA A 64 -13.45 8.98 28.97
C ALA A 64 -14.01 9.62 27.71
N HIS A 65 -14.54 8.78 26.80
CA HIS A 65 -15.10 9.27 25.55
C HIS A 65 -16.40 10.01 25.73
N LYS A 66 -17.26 9.54 26.63
CA LYS A 66 -18.51 10.25 26.85
C LYS A 66 -18.27 11.63 27.47
N ARG A 67 -17.31 11.70 28.39
CA ARG A 67 -17.00 12.95 29.05
C ARG A 67 -16.24 13.91 28.13
N ASN A 68 -15.36 13.36 27.28
CA ASN A 68 -14.56 14.12 26.33
C ASN A 68 -13.70 15.21 26.97
N LEU A 69 -13.01 14.89 28.06
CA LEU A 69 -12.16 15.84 28.76
C LEU A 69 -10.69 15.73 28.43
N TYR A 70 -10.34 14.76 27.61
CA TYR A 70 -8.97 14.47 27.27
C TYR A 70 -8.50 15.21 26.04
N ASP A 71 -7.21 15.43 25.93
CA ASP A 71 -6.66 15.97 24.70
C ASP A 71 -6.78 14.97 23.58
N HIS A 72 -7.30 15.40 22.46
CA HIS A 72 -7.49 14.46 21.37
C HIS A 72 -6.20 13.98 20.76
N ALA A 73 -5.14 14.77 20.73
CA ALA A 73 -3.95 14.24 20.08
C ALA A 73 -3.41 13.12 20.90
N LEU A 74 -3.45 13.31 22.21
CA LEU A 74 -2.89 12.30 23.06
C LEU A 74 -3.71 11.03 22.95
N MET A 75 -5.03 11.17 22.84
CA MET A 75 -5.86 9.98 22.74
C MET A 75 -5.66 9.24 21.44
N SER A 76 -5.41 9.96 20.34
CA SER A 76 -5.20 9.29 19.07
C SER A 76 -3.95 8.46 19.12
N ILE A 77 -2.94 8.98 19.79
CA ILE A 77 -1.71 8.24 19.91
C ILE A 77 -1.92 6.99 20.74
N LEU A 78 -2.66 7.11 21.85
CA LEU A 78 -2.89 5.95 22.69
C LEU A 78 -3.64 4.89 21.93
N SER A 79 -4.60 5.31 21.11
CA SER A 79 -5.35 4.34 20.34
C SER A 79 -4.44 3.62 19.39
N THR A 80 -3.59 4.37 18.69
CA THR A 80 -2.72 3.74 17.72
C THR A 80 -1.85 2.71 18.41
N PHE A 81 -1.30 3.08 19.56
CA PHE A 81 -0.45 2.18 20.28
C PHE A 81 -1.20 0.91 20.61
N HIS A 82 -2.36 1.06 21.22
CA HIS A 82 -3.10 -0.10 21.68
C HIS A 82 -3.53 -1.01 20.56
N LEU A 83 -4.05 -0.44 19.49
CA LEU A 83 -4.57 -1.20 18.38
C LEU A 83 -3.51 -2.05 17.74
N SER A 84 -2.29 -1.55 17.73
CA SER A 84 -1.20 -2.24 17.11
C SER A 84 -0.63 -3.39 17.96
N ILE A 85 -1.04 -3.52 19.24
CA ILE A 85 -0.46 -4.58 20.07
C ILE A 85 -1.07 -5.85 19.54
N PRO A 86 -0.28 -6.79 19.03
CA PRO A 86 -0.79 -7.99 18.41
C PRO A 86 -1.42 -8.91 19.39
N ASN A 87 -2.50 -9.56 18.98
CA ASN A 87 -3.12 -10.59 19.79
C ASN A 87 -3.42 -10.13 21.21
N PHE A 88 -3.96 -8.93 21.37
CA PHE A 88 -4.21 -8.52 22.74
C PHE A 88 -5.67 -8.76 23.09
N ASN A 89 -5.90 -9.73 23.96
CA ASN A 89 -7.22 -10.14 24.36
C ASN A 89 -7.21 -10.14 25.85
N GLN A 90 -6.01 -10.10 26.37
CA GLN A 90 -5.79 -10.19 27.80
C GLN A 90 -5.93 -8.85 28.45
N TYR A 91 -7.16 -8.41 28.54
CA TYR A 91 -7.48 -7.08 29.03
C TYR A 91 -7.17 -6.89 30.48
N GLU A 92 -7.03 -7.98 31.24
CA GLU A 92 -6.64 -7.87 32.63
C GLU A 92 -5.22 -7.32 32.77
N ALA A 93 -4.44 -7.33 31.68
CA ALA A 93 -3.08 -6.80 31.67
C ALA A 93 -3.10 -5.29 31.56
N MET A 94 -4.21 -4.72 31.14
CA MET A 94 -4.26 -3.29 30.95
C MET A 94 -5.14 -2.62 31.95
N SER A 95 -4.68 -1.52 32.46
CA SER A 95 -5.51 -0.73 33.33
C SER A 95 -5.23 0.71 33.03
N CYS A 96 -6.24 1.59 33.10
CA CYS A 96 -6.11 3.00 32.81
C CYS A 96 -7.08 3.77 33.68
N ASP A 97 -6.84 5.05 33.85
CA ASP A 97 -7.76 5.83 34.64
C ASP A 97 -7.76 7.30 34.23
N PHE A 98 -8.73 7.69 33.40
CA PHE A 98 -8.70 9.04 32.85
C PHE A 98 -9.40 10.04 33.73
N ASN A 99 -8.83 10.26 34.88
CA ASN A 99 -9.46 11.09 35.87
C ASN A 99 -9.34 12.55 35.50
N GLY A 100 -10.46 13.15 35.14
CA GLY A 100 -10.48 14.54 34.74
C GLY A 100 -9.96 14.75 33.34
N GLY A 101 -9.83 13.65 32.59
CA GLY A 101 -9.28 13.73 31.25
C GLY A 101 -7.77 13.53 31.26
N LYS A 102 -7.21 13.32 32.44
CA LYS A 102 -5.79 13.07 32.59
C LYS A 102 -5.46 11.75 31.96
N ILE A 103 -4.32 11.60 31.35
CA ILE A 103 -3.97 10.32 30.81
C ILE A 103 -2.95 9.58 31.61
N SER A 104 -3.36 8.40 32.05
CA SER A 104 -2.51 7.51 32.78
C SER A 104 -2.92 6.10 32.43
N VAL A 105 -2.01 5.40 31.77
CA VAL A 105 -2.23 4.05 31.30
C VAL A 105 -1.13 3.10 31.74
N GLN A 106 -1.50 1.97 32.31
CA GLN A 106 -0.51 1.01 32.77
C GLN A 106 -0.68 -0.38 32.19
N TYR A 107 0.40 -0.90 31.64
CA TYR A 107 0.38 -2.27 31.17
C TYR A 107 1.22 -3.13 32.11
N ASN A 108 0.58 -4.13 32.75
CA ASN A 108 1.21 -5.06 33.71
C ASN A 108 1.63 -6.32 32.95
N LEU A 109 2.94 -6.50 32.76
CA LEU A 109 3.50 -7.57 31.96
C LEU A 109 3.99 -8.68 32.85
N SER A 110 3.76 -9.91 32.42
CA SER A 110 4.17 -11.09 33.16
C SER A 110 5.63 -11.41 32.97
N HIS A 111 6.49 -10.52 33.43
CA HIS A 111 7.90 -10.76 33.32
C HIS A 111 8.32 -11.62 34.49
N ALA A 112 8.10 -12.89 34.25
CA ALA A 112 8.29 -14.01 35.13
C ALA A 112 9.76 -14.25 35.31
N TYR A 113 10.12 -15.17 36.21
CA TYR A 113 11.51 -15.49 36.49
C TYR A 113 12.10 -16.32 35.35
N ALA A 114 12.22 -15.68 34.19
CA ALA A 114 12.68 -16.25 32.95
C ALA A 114 14.18 -16.17 32.89
N VAL A 115 14.81 -16.87 33.80
CA VAL A 115 16.26 -16.82 33.91
C VAL A 115 16.90 -17.35 32.66
N ASP A 116 16.37 -18.45 32.16
CA ASP A 116 16.85 -19.06 30.94
C ASP A 116 15.64 -19.69 30.26
N ALA A 117 15.04 -18.94 29.33
CA ALA A 117 13.83 -19.43 28.69
C ALA A 117 13.59 -18.74 27.36
N ALA A 118 12.87 -19.45 26.51
CA ALA A 118 12.36 -18.90 25.26
C ALA A 118 10.94 -19.36 25.16
N GLU A 119 10.23 -19.21 26.26
CA GLU A 119 8.84 -19.59 26.35
C GLU A 119 8.00 -18.34 26.22
N HIS A 120 8.55 -17.24 26.73
CA HIS A 120 7.87 -15.97 26.78
C HIS A 120 7.99 -15.25 25.45
N CYS A 121 7.38 -15.87 24.43
CA CYS A 121 7.37 -15.48 23.04
C CYS A 121 5.92 -15.31 22.65
N GLY A 122 5.10 -16.17 23.25
CA GLY A 122 3.68 -16.23 22.93
C GLY A 122 2.83 -15.44 23.90
N THR A 123 3.48 -14.66 24.74
CA THR A 123 2.79 -13.95 25.79
C THR A 123 2.52 -12.48 25.55
N VAL A 124 1.79 -11.91 26.49
CA VAL A 124 1.38 -10.52 26.48
C VAL A 124 2.54 -9.63 26.61
N ALA A 125 3.45 -10.01 27.49
CA ALA A 125 4.62 -9.21 27.73
C ALA A 125 5.36 -8.95 26.44
N ASN A 126 5.38 -9.92 25.55
CA ASN A 126 6.06 -9.75 24.31
C ASN A 126 5.23 -8.84 23.42
N GLY A 127 3.91 -9.04 23.36
CA GLY A 127 3.10 -8.19 22.49
C GLY A 127 3.20 -6.71 22.86
N VAL A 128 3.24 -6.41 24.14
CA VAL A 128 3.33 -5.02 24.55
C VAL A 128 4.70 -4.48 24.24
N LEU A 129 5.76 -5.26 24.51
CA LEU A 129 7.08 -4.76 24.20
C LEU A 129 7.24 -4.54 22.72
N GLN A 130 6.61 -5.33 21.88
CA GLN A 130 6.75 -5.10 20.47
C GLN A 130 6.23 -3.75 20.05
N THR A 131 5.09 -3.35 20.60
CA THR A 131 4.60 -2.05 20.20
C THR A 131 5.55 -0.99 20.73
N PHE A 132 6.00 -1.17 21.95
CA PHE A 132 6.92 -0.23 22.56
C PHE A 132 8.15 -0.06 21.70
N MET A 133 8.73 -1.17 21.25
CA MET A 133 9.95 -1.11 20.47
C MET A 133 9.80 -0.26 19.26
N ARG A 134 8.64 -0.34 18.61
CA ARG A 134 8.40 0.46 17.44
C ARG A 134 8.19 1.94 17.81
N MET A 135 7.42 2.24 18.86
CA MET A 135 7.18 3.64 19.19
C MET A 135 8.41 4.39 19.59
N ALA A 136 9.34 3.72 20.21
CA ALA A 136 10.56 4.34 20.65
C ALA A 136 11.71 3.80 19.83
N TRP A 137 11.43 3.40 18.60
CA TRP A 137 12.46 2.83 17.77
C TRP A 137 13.60 3.79 17.62
N GLY A 138 14.80 3.26 17.77
CA GLY A 138 16.02 4.04 17.70
C GLY A 138 16.59 4.31 19.10
N GLY A 139 15.78 4.09 20.14
CA GLY A 139 16.26 4.30 21.49
C GLY A 139 15.81 3.13 22.34
N SER A 140 14.78 2.45 21.87
CA SER A 140 14.18 1.32 22.53
C SER A 140 15.09 0.12 22.64
N TYR A 141 16.15 0.10 21.86
CA TYR A 141 17.07 -1.01 21.89
C TYR A 141 17.79 -1.15 23.22
N ILE A 142 17.85 -0.09 24.02
CA ILE A 142 18.54 -0.22 25.30
C ILE A 142 17.59 -0.60 26.42
N ALA A 143 16.31 -0.69 26.10
CA ALA A 143 15.29 -1.01 27.07
C ALA A 143 15.17 -2.50 27.37
N LEU A 144 15.75 -3.32 26.52
CA LEU A 144 15.65 -4.77 26.61
C LEU A 144 16.85 -5.43 27.20
N ASP A 145 16.64 -6.63 27.77
CA ASP A 145 17.77 -7.40 28.25
C ASP A 145 18.53 -8.04 27.09
N SER A 146 17.79 -8.43 26.06
CA SER A 146 18.35 -9.10 24.91
C SER A 146 18.79 -8.13 23.82
N GLY A 147 19.49 -8.68 22.83
CA GLY A 147 19.98 -7.96 21.66
C GLY A 147 19.07 -8.20 20.45
N CYS A 148 19.65 -8.66 19.32
CA CYS A 148 18.95 -8.85 18.03
C CYS A 148 18.04 -10.07 18.05
N GLY A 149 16.95 -9.95 18.79
CA GLY A 149 15.95 -10.98 18.83
C GLY A 149 15.06 -10.64 17.67
N ASN A 150 13.99 -11.37 17.45
CA ASN A 150 13.14 -11.06 16.31
C ASN A 150 12.01 -10.19 16.71
N TRP A 151 12.15 -9.64 17.89
CA TRP A 151 11.17 -8.81 18.54
C TRP A 151 9.90 -9.58 18.73
N ASP A 152 9.92 -10.88 18.52
CA ASP A 152 8.77 -11.73 18.74
C ASP A 152 9.03 -12.72 19.90
N CYS A 153 10.07 -12.45 20.72
CA CYS A 153 10.43 -13.16 21.92
C CYS A 153 11.51 -12.31 22.59
N ILE A 154 11.08 -11.18 23.13
CA ILE A 154 11.96 -10.23 23.82
C ILE A 154 11.49 -10.02 25.23
N MET A 155 12.42 -9.76 26.13
CA MET A 155 12.11 -9.59 27.53
C MET A 155 12.88 -8.46 28.13
N THR A 156 12.34 -7.91 29.19
CA THR A 156 13.06 -6.92 29.94
C THR A 156 12.97 -7.24 31.40
N SER A 157 13.72 -6.50 32.19
CA SER A 157 13.74 -6.70 33.63
C SER A 157 12.58 -6.04 34.33
N TYR A 158 11.97 -5.09 33.65
CA TYR A 158 10.88 -4.28 34.18
C TYR A 158 9.56 -5.01 34.09
N GLN A 159 8.63 -4.67 34.97
CA GLN A 159 7.34 -5.34 34.92
C GLN A 159 6.20 -4.46 34.40
N TYR A 160 6.34 -3.16 34.48
CA TYR A 160 5.24 -2.32 34.04
C TYR A 160 5.65 -1.31 33.01
N LEU A 161 4.76 -1.07 32.07
CA LEU A 161 4.91 0.03 31.13
C LEU A 161 3.87 1.08 31.41
N ILE A 162 4.32 2.23 31.86
CA ILE A 162 3.38 3.28 32.20
C ILE A 162 3.47 4.46 31.30
N ILE A 163 2.33 4.83 30.72
CA ILE A 163 2.24 5.93 29.79
C ILE A 163 1.45 7.07 30.41
N GLN A 164 2.05 8.24 30.51
CA GLN A 164 1.34 9.36 31.11
C GLN A 164 1.50 10.66 30.34
N ASN A 165 0.51 11.59 30.42
CA ASN A 165 0.66 12.92 29.83
C ASN A 165 1.67 13.75 30.63
N THR A 166 2.57 14.45 29.93
CA THR A 166 3.60 15.32 30.47
C THR A 166 3.70 16.64 29.76
N THR A 167 4.59 17.47 30.26
CA THR A 167 4.93 18.77 29.70
C THR A 167 6.23 18.56 28.98
N TRP A 168 6.35 19.07 27.79
CA TRP A 168 7.59 18.78 27.11
C TRP A 168 8.75 19.55 27.70
N GLU A 169 9.83 18.84 28.05
CA GLU A 169 11.04 19.42 28.63
C GLU A 169 12.35 19.00 27.95
N ASP A 170 12.28 18.64 26.68
CA ASP A 170 13.44 18.23 25.89
C ASP A 170 14.29 17.10 26.47
N HIS A 171 13.65 16.08 26.99
CA HIS A 171 14.36 14.95 27.57
C HIS A 171 14.82 13.92 26.55
N CYS A 172 15.80 14.32 25.71
CA CYS A 172 16.28 13.53 24.58
C CYS A 172 17.81 13.40 24.63
N GLN A 173 18.35 13.03 25.78
CA GLN A 173 19.80 12.90 25.89
C GLN A 173 20.39 11.62 25.30
N PHE A 174 19.59 10.57 25.09
CA PHE A 174 20.16 9.34 24.54
C PHE A 174 20.01 9.22 23.04
N SER A 175 18.82 9.54 22.53
CA SER A 175 18.60 9.46 21.08
C SER A 175 17.83 10.67 20.63
N ARG A 176 18.12 11.15 19.41
CA ARG A 176 17.46 12.33 18.88
C ARG A 176 16.01 12.09 18.54
N PRO A 177 15.16 13.12 18.53
CA PRO A 177 13.78 13.10 18.11
C PRO A 177 13.58 12.63 16.71
N SER A 178 12.56 11.84 16.51
CA SER A 178 12.20 11.35 15.19
C SER A 178 10.74 10.95 15.06
N PRO A 179 10.07 11.32 13.96
CA PRO A 179 8.70 11.00 13.68
C PRO A 179 8.50 9.60 13.18
N ILE A 180 9.58 8.89 12.92
CA ILE A 180 9.49 7.59 12.27
C ILE A 180 8.79 6.55 13.08
N GLY A 181 9.02 6.50 14.37
CA GLY A 181 8.39 5.46 15.17
C GLY A 181 6.87 5.48 14.98
N TYR A 182 6.27 6.64 15.23
CA TYR A 182 4.85 6.76 15.08
C TYR A 182 4.37 6.56 13.65
N LEU A 183 5.03 7.17 12.68
CA LEU A 183 4.52 7.07 11.31
C LEU A 183 4.55 5.63 10.85
N GLY A 184 5.55 4.90 11.28
CA GLY A 184 5.75 3.51 10.93
C GLY A 184 4.79 2.58 11.63
N LEU A 185 4.02 3.11 12.58
CA LEU A 185 3.07 2.32 13.29
C LEU A 185 1.71 2.58 12.67
N LEU A 186 1.48 3.86 12.28
CA LEU A 186 0.22 4.26 11.66
C LEU A 186 -0.01 3.53 10.39
N SER A 187 1.05 3.29 9.67
CA SER A 187 0.95 2.64 8.39
C SER A 187 0.42 1.21 8.46
N GLN A 188 0.56 0.53 9.60
CA GLN A 188 0.11 -0.86 9.66
C GLN A 188 -0.99 -1.12 10.69
N ARG A 189 -0.81 -0.67 11.92
CA ARG A 189 -1.76 -0.93 13.02
C ARG A 189 -2.33 -2.35 13.20
N THR A 190 -3.64 -2.52 12.93
CA THR A 190 -4.40 -3.72 13.22
C THR A 190 -4.25 -4.86 12.23
N ARG A 191 -3.06 -5.43 12.16
CA ARG A 191 -2.81 -6.52 11.22
C ARG A 191 -2.40 -7.83 11.91
N ASP A 192 -2.77 -7.96 13.19
CA ASP A 192 -2.41 -9.17 13.97
C ASP A 192 -3.57 -9.55 14.90
N ILE A 193 -4.60 -10.20 14.35
CA ILE A 193 -5.80 -10.59 15.16
C ILE A 193 -6.14 -12.06 14.89
N TYR A 194 -6.84 -12.71 15.83
CA TYR A 194 -7.19 -14.15 15.66
C TYR A 194 -8.69 -14.34 15.85
N ILE A 195 -9.36 -14.88 14.83
CA ILE A 195 -10.82 -15.18 14.94
C ILE A 195 -11.06 -16.64 14.55
N SER A 196 -10.56 -17.05 13.37
CA SER A 196 -10.73 -18.45 12.90
C SER A 196 -12.18 -18.89 13.12
N GLY B 1 6.82 22.34 -11.69
CA GLY B 1 8.07 22.96 -12.03
C GLY B 1 9.24 22.17 -11.43
N THR B 2 10.01 21.44 -12.30
CA THR B 2 11.23 20.64 -12.01
C THR B 2 10.99 19.38 -11.18
N PHE B 3 10.35 19.56 -10.04
CA PHE B 3 10.11 18.48 -9.14
C PHE B 3 8.67 18.04 -9.25
N THR B 4 8.46 16.75 -9.09
CA THR B 4 7.14 16.15 -9.10
C THR B 4 6.78 15.55 -7.76
N TRP B 5 7.75 15.49 -6.86
CA TRP B 5 7.52 14.91 -5.56
C TRP B 5 6.78 15.95 -4.79
N THR B 6 6.42 15.68 -3.54
CA THR B 6 5.63 16.59 -2.69
C THR B 6 5.93 18.06 -2.91
N LEU B 7 7.17 18.42 -3.11
CA LEU B 7 7.57 19.81 -3.25
C LEU B 7 6.76 20.54 -4.30
N SER B 8 6.41 19.81 -5.34
CA SER B 8 5.70 20.27 -6.50
C SER B 8 4.33 20.81 -6.16
N ASP B 9 3.82 20.48 -4.97
CA ASP B 9 2.51 20.93 -4.55
C ASP B 9 2.42 22.43 -4.70
N SER B 10 3.48 23.13 -4.38
CA SER B 10 3.41 24.58 -4.46
C SER B 10 4.56 25.09 -5.27
N GLU B 11 5.02 24.28 -6.22
CA GLU B 11 6.18 24.51 -7.10
C GLU B 11 7.47 24.35 -6.28
N GLY B 12 7.57 25.11 -5.19
CA GLY B 12 8.68 25.03 -4.29
C GLY B 12 9.93 25.57 -4.92
N ASN B 13 10.96 24.73 -5.00
CA ASN B 13 12.29 25.05 -5.55
C ASN B 13 13.14 25.85 -4.56
N GLU B 14 12.54 26.89 -3.99
CA GLU B 14 13.10 27.84 -3.01
C GLU B 14 14.02 28.87 -3.68
N THR B 15 14.98 28.36 -4.42
CA THR B 15 16.00 29.08 -5.15
C THR B 15 15.84 28.59 -6.59
N PRO B 16 16.65 29.03 -7.59
CA PRO B 16 16.59 28.54 -8.96
C PRO B 16 16.76 27.02 -9.03
N GLY B 17 17.32 26.44 -7.97
CA GLY B 17 17.47 25.03 -7.94
C GLY B 17 18.23 24.55 -6.75
N GLY B 18 18.06 23.28 -6.47
CA GLY B 18 18.73 22.62 -5.38
C GLY B 18 17.93 22.40 -4.14
N TYR B 19 16.71 22.93 -4.10
CA TYR B 19 15.84 22.78 -2.95
C TYR B 19 16.66 22.83 -1.66
N CYS B 20 17.20 24.02 -1.35
CA CYS B 20 18.14 24.27 -0.26
C CYS B 20 17.53 23.98 1.10
N LEU B 21 18.35 23.38 1.93
CA LEU B 21 18.01 23.02 3.27
C LEU B 21 18.45 24.17 4.13
N THR B 22 17.54 24.69 4.92
CA THR B 22 17.87 25.84 5.71
C THR B 22 18.54 25.47 7.02
N ARG B 23 18.90 26.49 7.77
CA ARG B 23 19.69 26.29 8.96
C ARG B 23 18.94 25.66 10.09
N TRP B 24 17.62 25.61 9.97
CA TRP B 24 16.86 24.96 10.99
C TRP B 24 16.47 23.57 10.56
N MET B 25 16.87 23.15 9.38
CA MET B 25 16.58 21.79 8.95
C MET B 25 17.74 20.92 9.34
N LEU B 26 18.90 21.53 9.37
CA LEU B 26 20.13 20.85 9.69
C LEU B 26 20.61 21.10 11.08
N ILE B 27 21.35 20.15 11.60
CA ILE B 27 21.99 20.37 12.86
C ILE B 27 23.36 20.89 12.55
N GLU B 28 23.56 22.16 12.86
CA GLU B 28 24.78 22.87 12.54
C GLU B 28 24.99 22.93 11.04
N ALA B 29 26.11 23.51 10.65
CA ALA B 29 26.55 23.69 9.26
C ALA B 29 25.69 24.61 8.41
N GLU B 30 24.90 25.44 9.03
CA GLU B 30 24.13 26.43 8.33
C GLU B 30 23.34 25.88 7.15
N LEU B 31 23.63 26.35 5.94
CA LEU B 31 22.87 25.95 4.77
C LEU B 31 23.57 24.95 3.87
N LYS B 32 22.77 24.09 3.24
CA LYS B 32 23.29 23.18 2.22
C LYS B 32 22.34 23.18 1.04
N CYS B 33 22.87 23.28 -0.20
CA CYS B 33 22.08 23.28 -1.44
C CYS B 33 22.61 22.16 -2.32
N PHE B 34 21.69 21.48 -2.98
CA PHE B 34 22.03 20.40 -3.85
C PHE B 34 21.77 20.82 -5.27
N GLY B 35 22.04 19.99 -6.25
CA GLY B 35 21.71 20.41 -7.60
C GLY B 35 20.33 19.89 -7.96
N ASN B 36 19.66 20.51 -8.92
CA ASN B 36 18.35 20.00 -9.32
C ASN B 36 18.47 18.61 -9.86
N THR B 37 19.60 18.32 -10.47
CA THR B 37 19.84 17.02 -11.04
C THR B 37 19.72 15.92 -9.99
N ALA B 38 20.25 16.15 -8.79
CA ALA B 38 20.19 15.13 -7.77
C ALA B 38 18.88 15.13 -7.04
N VAL B 39 18.34 16.30 -6.78
CA VAL B 39 17.13 16.35 -5.98
C VAL B 39 16.01 15.70 -6.77
N ALA B 40 16.00 15.96 -8.07
CA ALA B 40 15.02 15.47 -9.00
C ALA B 40 15.01 13.96 -9.06
N LYS B 41 16.03 13.29 -8.56
CA LYS B 41 15.98 11.85 -8.58
C LYS B 41 14.77 11.34 -7.77
N CYS B 42 14.32 12.09 -6.72
CA CYS B 42 13.21 11.78 -5.84
C CYS B 42 11.89 11.85 -6.60
N ASN B 43 11.92 12.35 -7.83
CA ASN B 43 10.74 12.39 -8.63
C ASN B 43 10.35 10.98 -9.02
N GLU B 44 11.35 10.12 -9.23
CA GLU B 44 11.13 8.76 -9.68
C GLU B 44 11.42 7.74 -8.60
N LYS B 45 12.40 8.04 -7.76
CA LYS B 45 12.81 7.08 -6.77
C LYS B 45 11.86 7.10 -5.60
N HIS B 46 11.32 5.94 -5.30
CA HIS B 46 10.35 5.82 -4.23
C HIS B 46 11.02 5.34 -2.95
N ASP B 47 11.79 4.28 -3.05
CA ASP B 47 12.41 3.69 -1.88
C ASP B 47 13.77 4.25 -1.48
N GLU B 48 13.76 5.51 -1.05
CA GLU B 48 14.97 6.18 -0.60
C GLU B 48 14.72 6.98 0.67
N GLU B 49 15.49 6.72 1.73
CA GLU B 49 15.25 7.39 3.00
C GLU B 49 15.46 8.88 2.93
N PHE B 50 16.43 9.35 2.18
CA PHE B 50 16.63 10.78 2.16
C PHE B 50 15.43 11.53 1.57
N CYS B 51 14.87 11.01 0.43
CA CYS B 51 13.74 11.57 -0.29
C CYS B 51 12.53 11.59 0.62
N ASP B 52 12.34 10.55 1.43
CA ASP B 52 11.19 10.63 2.33
C ASP B 52 11.35 11.73 3.33
N MET B 53 12.55 11.99 3.81
CA MET B 53 12.63 13.07 4.76
C MET B 53 12.34 14.37 4.06
N LEU B 54 12.75 14.53 2.82
CA LEU B 54 12.45 15.78 2.16
C LEU B 54 10.96 15.95 2.02
N ARG B 55 10.25 14.86 1.72
CA ARG B 55 8.81 14.96 1.56
C ARG B 55 8.17 15.42 2.86
N LEU B 56 8.62 14.89 4.00
CA LEU B 56 8.05 15.30 5.28
C LEU B 56 8.37 16.73 5.63
N PHE B 57 9.58 17.17 5.34
CA PHE B 57 9.91 18.54 5.67
C PHE B 57 9.14 19.49 4.82
N ASP B 58 8.96 19.19 3.54
CA ASP B 58 8.25 20.13 2.73
C ASP B 58 6.80 20.17 3.15
N PHE B 59 6.24 19.03 3.55
CA PHE B 59 4.89 18.99 4.01
C PHE B 59 4.73 19.88 5.21
N ASN B 60 5.63 19.73 6.18
CA ASN B 60 5.56 20.54 7.38
C ASN B 60 5.58 22.00 7.04
N LYS B 61 6.41 22.42 6.10
CA LYS B 61 6.39 23.82 5.76
C LYS B 61 5.05 24.24 5.18
N GLN B 62 4.51 23.46 4.26
CA GLN B 62 3.27 23.86 3.62
C GLN B 62 2.14 23.90 4.58
N ALA B 63 2.15 23.01 5.56
CA ALA B 63 1.09 22.89 6.53
C ALA B 63 1.15 23.99 7.58
N ILE B 64 2.20 24.81 7.57
CA ILE B 64 2.32 25.92 8.47
C ILE B 64 2.00 27.20 7.75
N GLN B 65 2.52 27.37 6.52
CA GLN B 65 2.25 28.58 5.77
C GLN B 65 0.80 28.71 5.36
N ARG B 66 0.23 27.59 4.98
CA ARG B 66 -1.12 27.48 4.52
C ARG B 66 -1.91 26.70 5.49
N LEU B 67 -3.20 26.90 5.52
CA LEU B 67 -4.05 26.07 6.34
C LEU B 67 -3.60 26.12 7.81
N LYS B 68 -3.23 27.31 8.25
CA LYS B 68 -2.80 27.53 9.62
C LYS B 68 -3.96 27.89 10.53
N SER B 69 -5.13 28.01 9.92
CA SER B 69 -6.38 28.39 10.54
C SER B 69 -7.10 27.40 11.51
N PRO B 70 -6.98 26.05 11.41
CA PRO B 70 -7.73 25.09 12.22
C PRO B 70 -7.22 24.95 13.66
N ALA B 71 -7.39 26.05 14.40
CA ALA B 71 -7.03 26.23 15.81
C ALA B 71 -5.56 26.02 16.08
N GLN B 72 -4.76 26.06 15.02
CA GLN B 72 -3.33 25.89 15.06
C GLN B 72 -2.94 24.57 15.73
N MET B 73 -3.77 23.53 15.57
CA MET B 73 -3.48 22.24 16.18
C MET B 73 -3.81 21.07 15.28
N SER B 74 -3.57 21.19 13.98
CA SER B 74 -3.90 20.12 13.02
C SER B 74 -2.85 19.03 12.98
N ILE B 75 -2.53 18.55 14.15
CA ILE B 75 -1.55 17.53 14.40
C ILE B 75 -2.05 16.18 13.91
N GLN B 76 -3.36 16.11 13.67
CA GLN B 76 -4.02 14.91 13.20
C GLN B 76 -4.02 14.81 11.69
N LEU B 77 -3.57 15.84 11.00
CA LEU B 77 -3.61 15.81 9.54
C LEU B 77 -2.78 14.68 9.01
N ILE B 78 -1.65 14.46 9.67
CA ILE B 78 -0.68 13.48 9.31
C ILE B 78 -1.21 12.08 9.36
N ASN B 79 -2.28 11.84 10.12
CA ASN B 79 -2.78 10.51 10.20
C ASN B 79 -3.28 10.03 8.86
N LYS B 80 -3.62 10.96 7.97
CA LYS B 80 -4.03 10.56 6.65
C LYS B 80 -2.95 10.96 5.67
N ALA B 81 -2.34 12.11 5.89
CA ALA B 81 -1.37 12.63 4.93
C ALA B 81 -0.21 11.69 4.74
N VAL B 82 0.17 10.95 5.77
CA VAL B 82 1.30 10.05 5.72
C VAL B 82 1.28 9.09 4.55
N ASN B 83 0.11 8.73 4.08
CA ASN B 83 0.01 7.77 3.00
C ASN B 83 0.62 8.32 1.71
N ALA B 84 0.66 9.64 1.61
CA ALA B 84 1.16 10.37 0.48
C ALA B 84 2.49 11.01 0.75
N LEU B 85 3.10 10.72 1.87
CA LEU B 85 4.34 11.39 2.18
C LEU B 85 5.52 10.48 2.27
N ILE B 86 5.35 9.30 2.85
CA ILE B 86 6.51 8.42 3.01
C ILE B 86 6.27 7.02 2.50
N ASN B 87 7.36 6.30 2.27
CA ASN B 87 7.31 4.91 1.89
C ASN B 87 7.44 4.05 3.14
N ASP B 88 6.35 3.46 3.61
CA ASP B 88 6.43 2.71 4.85
C ASP B 88 7.16 1.41 4.64
N GLN B 89 7.39 1.07 3.38
CA GLN B 89 8.12 -0.11 3.08
C GLN B 89 9.54 0.08 3.57
N LEU B 90 10.06 1.30 3.49
CA LEU B 90 11.41 1.54 3.93
C LEU B 90 11.46 1.40 5.40
N ILE B 91 10.41 1.83 6.06
CA ILE B 91 10.47 1.70 7.49
C ILE B 91 10.55 0.24 7.84
N MET B 92 9.73 -0.58 7.20
CA MET B 92 9.81 -2.00 7.47
C MET B 92 11.15 -2.60 7.16
N LYS B 93 11.80 -2.18 6.08
CA LYS B 93 13.10 -2.74 5.81
C LYS B 93 14.05 -2.40 6.93
N ASN B 94 13.97 -1.19 7.45
CA ASN B 94 14.90 -0.85 8.50
C ASN B 94 14.56 -1.59 9.79
N HIS B 95 13.29 -1.87 10.06
CA HIS B 95 12.98 -2.64 11.26
C HIS B 95 13.48 -4.06 11.12
N LEU B 96 13.36 -4.64 9.93
CA LEU B 96 13.82 -6.00 9.74
C LEU B 96 15.32 -6.08 9.89
N ARG B 97 16.03 -5.10 9.38
CA ARG B 97 17.46 -5.12 9.48
C ARG B 97 17.87 -5.00 10.94
N ASP B 98 17.14 -4.21 11.70
CA ASP B 98 17.47 -4.05 13.09
C ASP B 98 17.35 -5.40 13.79
N MET B 99 16.25 -6.12 13.53
CA MET B 99 16.03 -7.41 14.18
C MET B 99 17.08 -8.43 13.85
N MET B 100 17.60 -8.36 12.65
CA MET B 100 18.61 -9.31 12.26
C MET B 100 20.09 -8.94 12.50
N CYS B 101 20.43 -7.81 13.19
CA CYS B 101 21.82 -7.31 13.36
C CYS B 101 22.45 -6.96 12.01
N ILE B 102 21.64 -6.37 11.18
CA ILE B 102 22.06 -5.89 9.90
C ILE B 102 22.05 -4.38 10.05
N PRO B 103 23.10 -3.66 9.67
CA PRO B 103 23.13 -2.24 9.81
C PRO B 103 21.90 -1.67 9.15
N TYR B 104 21.32 -0.69 9.79
CA TYR B 104 20.07 -0.14 9.32
C TYR B 104 20.09 1.37 9.39
N CYS B 105 19.16 2.03 8.66
CA CYS B 105 19.05 3.48 8.67
C CYS B 105 18.12 3.94 9.78
N ASN B 106 18.60 4.81 10.63
CA ASN B 106 17.71 5.37 11.65
C ASN B 106 17.23 6.79 11.28
N TYR B 107 17.50 7.24 10.03
CA TYR B 107 17.13 8.48 9.36
C TYR B 107 17.78 9.77 9.85
N SER B 108 18.71 9.73 10.80
CA SER B 108 19.29 11.00 11.21
C SER B 108 20.47 11.48 10.43
N LYS B 109 21.28 10.59 9.89
CA LYS B 109 22.50 11.06 9.26
C LYS B 109 22.65 10.52 7.88
N TYR B 110 23.08 11.37 6.99
CA TYR B 110 23.26 11.04 5.60
C TYR B 110 24.62 11.45 5.11
N TRP B 111 25.08 10.79 4.07
CA TRP B 111 26.33 11.14 3.44
C TRP B 111 26.14 11.28 1.97
N TYR B 112 26.99 12.06 1.38
CA TYR B 112 26.96 12.30 -0.03
C TYR B 112 28.30 12.61 -0.54
N LEU B 113 28.47 12.52 -1.82
CA LEU B 113 29.73 12.93 -2.37
C LEU B 113 29.60 14.30 -2.97
N ASN B 114 30.61 15.12 -2.75
CA ASN B 114 30.76 16.49 -3.22
C ASN B 114 31.97 16.59 -4.13
N HIS B 115 31.75 16.91 -5.43
CA HIS B 115 32.82 16.99 -6.42
C HIS B 115 33.45 18.35 -6.20
N THR B 116 34.69 18.38 -5.72
CA THR B 116 35.27 19.64 -5.28
C THR B 116 35.70 20.48 -6.45
N SER B 117 35.68 19.88 -7.61
CA SER B 117 36.06 20.53 -8.83
C SER B 117 34.87 21.23 -9.48
N SER B 118 33.66 21.03 -8.96
CA SER B 118 32.49 21.64 -9.59
C SER B 118 31.41 22.14 -8.63
N GLY B 119 31.28 21.51 -7.47
CA GLY B 119 30.22 21.79 -6.52
C GLY B 119 29.01 20.90 -6.76
N ARG B 120 29.12 19.99 -7.72
CA ARG B 120 28.06 19.07 -8.01
C ARG B 120 28.04 18.07 -6.87
N THR B 121 26.86 17.80 -6.31
CA THR B 121 26.76 16.81 -5.23
C THR B 121 25.76 15.72 -5.55
N SER B 122 25.96 14.55 -4.96
CA SER B 122 25.07 13.43 -5.12
C SER B 122 23.87 13.56 -4.22
N LEU B 123 22.85 12.77 -4.47
CA LEU B 123 21.75 12.76 -3.55
C LEU B 123 22.32 12.05 -2.33
N PRO B 124 22.09 12.49 -1.11
CA PRO B 124 22.50 11.82 0.09
C PRO B 124 21.91 10.45 0.25
N LYS B 125 22.69 9.59 0.85
CA LYS B 125 22.35 8.23 1.19
C LYS B 125 22.42 8.15 2.68
N CYS B 126 21.70 7.22 3.33
CA CYS B 126 21.70 7.11 4.78
C CYS B 126 22.98 6.47 5.32
N TRP B 127 23.53 7.09 6.34
CA TRP B 127 24.67 6.57 7.04
C TRP B 127 24.05 5.53 7.94
N LEU B 128 24.54 4.32 7.92
CA LEU B 128 23.92 3.26 8.69
C LEU B 128 24.52 3.08 10.05
N VAL B 129 23.72 2.50 10.93
CA VAL B 129 24.15 2.19 12.28
C VAL B 129 24.01 0.74 12.59
N SER B 130 24.83 0.31 13.51
CA SER B 130 24.83 -1.04 13.99
C SER B 130 25.43 -1.10 15.38
N ASN B 131 24.85 -1.93 16.27
CA ASN B 131 25.34 -2.17 17.64
C ASN B 131 25.49 -0.86 18.45
N GLY B 132 24.53 0.08 18.29
CA GLY B 132 24.48 1.36 19.00
C GLY B 132 25.31 2.49 18.40
N SER B 133 25.99 2.28 17.28
CA SER B 133 26.76 3.39 16.75
C SER B 133 26.82 3.42 15.23
N TYR B 134 27.50 4.42 14.72
CA TYR B 134 27.62 4.57 13.29
C TYR B 134 28.70 3.69 12.74
N LEU B 135 28.52 3.25 11.51
CA LEU B 135 29.56 2.48 10.88
C LEU B 135 30.68 3.40 10.43
N ASN B 136 31.92 2.89 10.39
CA ASN B 136 33.14 3.54 9.89
C ASN B 136 33.07 3.69 8.37
N GLU B 137 33.81 4.65 7.80
CA GLU B 137 33.93 4.97 6.35
C GLU B 137 34.58 3.86 5.53
N THR B 138 35.17 2.89 6.22
CA THR B 138 35.81 1.76 5.62
C THR B 138 34.74 0.75 5.22
N HIS B 139 33.59 0.89 5.82
CA HIS B 139 32.42 0.11 5.53
C HIS B 139 31.83 1.00 4.52
N PHE B 140 30.91 0.52 3.73
CA PHE B 140 30.34 1.40 2.70
C PHE B 140 31.37 1.73 1.64
N SER B 141 32.60 1.23 1.71
CA SER B 141 33.57 1.69 0.76
C SER B 141 33.14 1.31 -0.64
N ASP B 142 32.39 0.23 -0.77
CA ASP B 142 31.89 -0.17 -2.07
C ASP B 142 30.81 0.77 -2.53
N ASP B 143 30.03 1.29 -1.60
CA ASP B 143 28.91 2.14 -1.95
C ASP B 143 29.36 3.53 -2.23
N ILE B 144 30.40 3.94 -1.56
CA ILE B 144 30.91 5.27 -1.76
C ILE B 144 31.59 5.27 -3.10
N GLU B 145 32.37 4.23 -3.38
CA GLU B 145 33.04 4.13 -4.65
C GLU B 145 32.01 4.07 -5.77
N GLN B 146 30.90 3.35 -5.59
CA GLN B 146 29.92 3.33 -6.65
C GLN B 146 29.27 4.68 -6.84
N GLN B 147 29.01 5.43 -5.78
CA GLN B 147 28.43 6.73 -6.02
C GLN B 147 29.40 7.63 -6.73
N ALA B 148 30.69 7.52 -6.43
CA ALA B 148 31.63 8.36 -7.13
C ALA B 148 31.60 8.02 -8.62
N ASP B 149 31.52 6.72 -8.95
CA ASP B 149 31.47 6.31 -10.35
C ASP B 149 30.22 6.81 -11.02
N ASN B 150 29.13 6.82 -10.29
CA ASN B 150 27.90 7.24 -10.90
C ASN B 150 27.96 8.71 -11.23
N MET B 151 28.57 9.52 -10.36
CA MET B 151 28.67 10.95 -10.64
C MET B 151 29.56 11.18 -11.86
N ILE B 152 30.61 10.39 -11.98
CA ILE B 152 31.51 10.53 -13.11
C ILE B 152 30.78 10.21 -14.39
N THR B 153 30.02 9.11 -14.36
CA THR B 153 29.27 8.67 -15.51
C THR B 153 28.29 9.71 -15.98
N GLU B 154 27.56 10.32 -15.06
CA GLU B 154 26.60 11.33 -15.48
C GLU B 154 27.29 12.52 -16.11
N MET B 155 28.42 12.95 -15.56
CA MET B 155 29.11 14.08 -16.12
C MET B 155 29.53 13.77 -17.55
N LEU B 156 30.04 12.56 -17.77
CA LEU B 156 30.46 12.20 -19.09
C LEU B 156 29.31 12.11 -20.07
N GLN B 157 28.18 11.53 -19.64
CA GLN B 157 27.10 11.37 -20.58
C GLN B 157 26.54 12.70 -20.99
N LYS B 158 26.47 13.63 -20.05
CA LYS B 158 25.98 14.95 -20.35
C LYS B 158 26.86 15.60 -21.39
N GLU B 159 28.17 15.52 -21.22
CA GLU B 159 28.95 16.16 -22.23
C GLU B 159 28.87 15.46 -23.58
N TYR B 160 28.85 14.12 -23.60
CA TYR B 160 28.86 13.42 -24.89
C TYR B 160 27.74 13.85 -25.80
N ILE B 161 26.56 14.03 -25.25
CA ILE B 161 25.43 14.42 -26.08
C ILE B 161 25.09 15.91 -26.05
N ASP B 162 25.04 16.54 -24.86
CA ASP B 162 24.60 17.93 -24.80
C ASP B 162 25.71 18.95 -24.97
N ARG B 163 26.92 18.64 -24.53
CA ARG B 163 27.99 19.61 -24.72
C ARG B 163 28.31 19.59 -26.20
N GLN B 164 28.49 18.39 -26.70
CA GLN B 164 28.81 18.20 -28.11
C GLN B 164 27.53 18.17 -28.93
N GLY B 165 26.81 19.32 -28.98
CA GLY B 165 25.53 19.49 -29.60
C GLY B 165 24.43 19.10 -28.60
N LEU C 1 13.20 -20.85 -31.30
CA LEU C 1 14.27 -21.01 -30.32
C LEU C 1 15.22 -19.80 -30.29
N ILE C 2 15.77 -19.40 -31.48
CA ILE C 2 16.73 -18.29 -31.59
C ILE C 2 16.07 -17.07 -32.13
N TYR C 3 16.13 -16.03 -31.37
CA TYR C 3 15.50 -14.80 -31.74
C TYR C 3 16.50 -13.77 -32.20
N LYS C 4 16.13 -13.09 -33.29
CA LYS C 4 16.86 -11.99 -33.92
C LYS C 4 18.21 -12.35 -34.53
N GLY C 5 19.12 -12.72 -33.66
CA GLY C 5 20.48 -13.07 -33.96
C GLY C 5 20.80 -14.38 -33.30
N SER C 6 21.36 -14.28 -32.11
CA SER C 6 21.76 -15.42 -31.32
C SER C 6 21.18 -15.39 -29.91
N TYR C 7 19.95 -14.91 -29.74
CA TYR C 7 19.39 -14.92 -28.41
C TYR C 7 18.55 -16.15 -28.25
N GLU C 8 19.00 -17.05 -27.42
CA GLU C 8 18.35 -18.32 -27.26
C GLU C 8 17.36 -18.28 -26.13
N LEU C 9 16.17 -18.81 -26.34
CA LEU C 9 15.22 -18.83 -25.27
C LEU C 9 15.54 -19.95 -24.30
N GLN C 10 15.73 -19.58 -23.05
CA GLN C 10 16.08 -20.45 -21.95
C GLN C 10 15.07 -20.36 -20.83
N THR C 11 14.93 -21.42 -20.06
CA THR C 11 14.01 -21.37 -18.95
C THR C 11 14.55 -21.86 -17.64
N LEU C 12 13.86 -21.46 -16.59
CA LEU C 12 14.13 -21.93 -15.25
C LEU C 12 12.84 -22.14 -14.51
N GLU C 13 12.80 -23.16 -13.67
CA GLU C 13 11.63 -23.38 -12.87
C GLU C 13 12.08 -23.36 -11.43
N LEU C 14 11.35 -22.66 -10.58
CA LEU C 14 11.78 -22.51 -9.20
C LEU C 14 11.30 -23.57 -8.26
N ASN C 15 12.17 -23.91 -7.32
CA ASN C 15 11.88 -24.85 -6.26
C ASN C 15 11.47 -24.09 -5.03
N MET C 16 10.20 -23.95 -4.80
CA MET C 16 9.81 -23.09 -3.71
C MET C 16 9.77 -23.81 -2.40
N GLU C 17 10.12 -25.09 -2.39
CA GLU C 17 10.11 -25.80 -1.13
C GLU C 17 11.19 -25.33 -0.23
N THR C 18 12.22 -24.68 -0.72
CA THR C 18 13.27 -24.31 0.19
C THR C 18 12.88 -23.14 1.06
N LEU C 19 11.72 -22.59 0.77
CA LEU C 19 11.15 -21.51 1.53
C LEU C 19 10.25 -21.98 2.71
N ASN C 20 10.05 -23.33 2.92
CA ASN C 20 9.12 -23.92 3.91
C ASN C 20 9.37 -23.48 5.37
N MET C 21 10.64 -23.14 5.75
CA MET C 21 10.97 -22.72 7.12
C MET C 21 10.67 -21.25 7.38
N THR C 22 10.33 -20.48 6.35
CA THR C 22 10.02 -19.08 6.55
C THR C 22 8.59 -18.75 6.15
N MET C 23 8.06 -19.46 5.18
CA MET C 23 6.73 -19.23 4.64
C MET C 23 5.94 -20.50 4.51
N PRO C 24 4.62 -20.47 4.70
CA PRO C 24 3.76 -21.57 4.45
C PRO C 24 3.67 -21.75 2.96
N LEU C 25 3.50 -22.98 2.51
CA LEU C 25 3.40 -23.25 1.08
C LEU C 25 2.17 -24.03 0.74
N SER C 26 1.39 -23.54 -0.20
CA SER C 26 0.18 -24.25 -0.58
C SER C 26 0.48 -25.14 -1.78
N CYS C 27 -0.20 -26.30 -1.91
CA CYS C 27 -0.13 -27.17 -3.08
C CYS C 27 -1.41 -27.98 -3.22
N THR C 28 -1.57 -28.67 -4.34
CA THR C 28 -2.75 -29.49 -4.57
C THR C 28 -2.43 -30.92 -4.92
N LYS C 29 -3.13 -31.85 -4.29
CA LYS C 29 -2.95 -33.25 -4.64
C LYS C 29 -3.88 -33.64 -5.79
N ASN C 30 -5.18 -33.37 -5.62
CA ASN C 30 -6.24 -33.60 -6.59
C ASN C 30 -7.38 -32.62 -6.26
N SER C 31 -8.51 -32.69 -6.97
CA SER C 31 -9.60 -31.72 -6.82
C SER C 31 -10.27 -31.67 -5.47
N SER C 32 -10.16 -32.70 -4.66
CA SER C 32 -10.80 -32.66 -3.38
C SER C 32 -9.83 -32.56 -2.23
N HIS C 33 -8.54 -32.54 -2.53
CA HIS C 33 -7.51 -32.49 -1.48
C HIS C 33 -6.41 -31.53 -1.75
N HIS C 34 -6.36 -30.50 -0.92
CA HIS C 34 -5.43 -29.40 -1.04
C HIS C 34 -4.67 -29.30 0.27
N TYR C 35 -3.41 -28.88 0.22
CA TYR C 35 -2.61 -28.83 1.45
C TYR C 35 -1.81 -27.55 1.67
N ILE C 36 -1.55 -27.23 2.94
CA ILE C 36 -0.65 -26.14 3.29
C ILE C 36 0.46 -26.63 4.19
N ARG C 37 1.71 -26.43 3.80
CA ARG C 37 2.83 -26.80 4.65
C ARG C 37 3.03 -25.60 5.53
N VAL C 38 3.15 -25.74 6.85
CA VAL C 38 3.30 -24.53 7.66
C VAL C 38 4.62 -24.50 8.37
N GLY C 39 5.47 -25.39 7.99
CA GLY C 39 6.78 -25.53 8.58
C GLY C 39 7.41 -26.76 7.99
N ASN C 40 8.57 -27.15 8.52
CA ASN C 40 9.33 -28.30 8.02
C ASN C 40 8.62 -29.66 8.30
N GLU C 41 7.86 -29.79 9.43
CA GLU C 41 7.19 -31.05 9.82
C GLU C 41 5.68 -31.14 9.62
N THR C 42 4.95 -30.06 9.83
CA THR C 42 3.49 -30.10 9.83
C THR C 42 2.82 -29.16 8.87
N GLY C 43 1.50 -29.32 8.77
CA GLY C 43 0.67 -28.50 7.90
C GLY C 43 -0.81 -28.71 8.11
N LEU C 44 -1.59 -28.20 7.17
CA LEU C 44 -3.04 -28.29 7.15
C LEU C 44 -3.53 -29.02 5.92
N GLU C 45 -4.58 -29.79 6.09
CA GLU C 45 -5.25 -30.46 5.01
C GLU C 45 -6.59 -29.81 4.81
N LEU C 46 -6.92 -29.52 3.56
CA LEU C 46 -8.17 -28.89 3.22
C LEU C 46 -8.94 -29.80 2.29
N THR C 47 -10.04 -30.31 2.77
CA THR C 47 -10.78 -31.28 1.99
C THR C 47 -12.15 -30.83 1.59
N LEU C 48 -12.50 -31.07 0.33
CA LEU C 48 -13.83 -30.78 -0.14
C LEU C 48 -14.57 -32.09 -0.14
N THR C 49 -15.57 -32.17 0.69
CA THR C 49 -16.28 -33.42 0.85
C THR C 49 -17.80 -33.28 0.87
N ASN C 50 -18.48 -34.45 0.90
CA ASN C 50 -19.93 -34.57 1.10
C ASN C 50 -20.27 -35.12 2.51
N THR C 51 -19.26 -35.37 3.38
CA THR C 51 -19.43 -35.91 4.72
C THR C 51 -18.99 -34.93 5.79
N SER C 52 -19.89 -34.60 6.71
CA SER C 52 -19.54 -33.74 7.81
C SER C 52 -18.81 -34.55 8.84
N ILE C 53 -18.05 -33.89 9.70
CA ILE C 53 -17.43 -34.61 10.79
C ILE C 53 -17.83 -33.94 12.09
N ILE C 54 -18.24 -32.69 12.00
CA ILE C 54 -18.68 -31.97 13.17
C ILE C 54 -20.19 -31.87 13.05
N ASN C 55 -20.88 -32.38 14.07
CA ASN C 55 -22.34 -32.44 14.08
C ASN C 55 -22.98 -31.51 15.10
N HIS C 56 -22.24 -30.52 15.51
CA HIS C 56 -22.70 -29.52 16.45
C HIS C 56 -22.29 -28.16 15.93
N LYS C 57 -22.70 -27.11 16.62
CA LYS C 57 -22.35 -25.76 16.22
C LYS C 57 -21.77 -24.94 17.36
N PHE C 58 -20.99 -25.53 18.25
CA PHE C 58 -20.49 -24.68 19.35
C PHE C 58 -19.38 -23.70 18.94
N CYS C 59 -18.40 -24.19 18.13
CA CYS C 59 -17.19 -23.53 17.62
C CYS C 59 -16.47 -22.79 18.78
N ASN C 60 -15.82 -23.57 19.64
CA ASN C 60 -15.28 -23.08 20.90
C ASN C 60 -13.93 -22.35 20.72
N LEU C 61 -13.99 -21.18 20.06
CA LEU C 61 -12.85 -20.33 19.70
C LEU C 61 -12.23 -19.60 20.89
N SER C 62 -13.08 -19.09 21.78
CA SER C 62 -12.57 -18.32 22.90
C SER C 62 -11.94 -19.22 23.93
N ASP C 63 -12.41 -20.46 23.97
CA ASP C 63 -11.89 -21.40 24.93
C ASP C 63 -10.60 -21.95 24.40
N ALA C 64 -10.49 -22.08 23.08
CA ALA C 64 -9.23 -22.53 22.54
C ALA C 64 -8.14 -21.55 22.94
N HIS C 65 -8.48 -20.24 22.91
CA HIS C 65 -7.52 -19.20 23.26
C HIS C 65 -7.19 -19.17 24.74
N LYS C 66 -8.19 -19.38 25.59
CA LYS C 66 -7.91 -19.40 27.02
C LYS C 66 -7.01 -20.56 27.41
N ARG C 67 -7.26 -21.73 26.80
CA ARG C 67 -6.47 -22.91 27.09
C ARG C 67 -5.08 -22.85 26.48
N ASN C 68 -4.97 -22.24 25.29
CA ASN C 68 -3.71 -22.08 24.56
C ASN C 68 -2.97 -23.40 24.30
N LEU C 69 -3.69 -24.42 23.85
CA LEU C 69 -3.09 -25.72 23.57
C LEU C 69 -2.79 -25.96 22.10
N TYR C 70 -3.13 -25.00 21.26
CA TYR C 70 -2.98 -25.14 19.83
C TYR C 70 -1.66 -24.60 19.34
N ASP C 71 -1.21 -25.10 18.19
CA ASP C 71 -0.03 -24.52 17.57
C ASP C 71 -0.34 -23.13 17.06
N HIS C 72 0.50 -22.18 17.39
CA HIS C 72 0.24 -20.83 16.98
C HIS C 72 0.34 -20.60 15.48
N ALA C 73 1.21 -21.32 14.77
CA ALA C 73 1.28 -21.02 13.37
C ALA C 73 -0.01 -21.43 12.70
N LEU C 74 -0.50 -22.57 13.14
CA LEU C 74 -1.70 -23.07 12.52
C LEU C 74 -2.85 -22.13 12.82
N MET C 75 -2.90 -21.59 14.04
CA MET C 75 -3.99 -20.70 14.37
C MET C 75 -3.92 -19.39 13.61
N SER C 76 -2.71 -18.88 13.35
CA SER C 76 -2.60 -17.63 12.62
C SER C 76 -3.14 -17.81 11.22
N ILE C 77 -2.87 -18.96 10.63
CA ILE C 77 -3.35 -19.22 9.30
C ILE C 77 -4.87 -19.31 9.31
N LEU C 78 -5.44 -19.99 10.30
CA LEU C 78 -6.89 -20.10 10.34
C LEU C 78 -7.52 -18.75 10.48
N SER C 79 -6.92 -17.89 11.29
CA SER C 79 -7.47 -16.56 11.47
C SER C 79 -7.45 -15.83 10.15
N THR C 80 -6.33 -15.87 9.44
CA THR C 80 -6.22 -15.15 8.19
C THR C 80 -7.30 -15.62 7.24
N PHE C 81 -7.48 -16.93 7.16
CA PHE C 81 -8.46 -17.47 6.27
C PHE C 81 -9.83 -16.93 6.62
N HIS C 82 -10.21 -17.04 7.88
CA HIS C 82 -11.54 -16.67 8.29
C HIS C 82 -11.82 -15.19 8.11
N LEU C 83 -10.88 -14.35 8.49
CA LEU C 83 -11.05 -12.92 8.43
C LEU C 83 -11.27 -12.44 7.02
N SER C 84 -10.64 -13.10 6.08
CA SER C 84 -10.74 -12.72 4.70
C SER C 84 -12.05 -13.16 4.03
N ILE C 85 -12.87 -14.02 4.68
CA ILE C 85 -14.09 -14.46 4.02
C ILE C 85 -15.00 -13.26 4.02
N PRO C 86 -15.41 -12.74 2.86
CA PRO C 86 -16.19 -11.54 2.78
C PRO C 86 -17.58 -11.74 3.29
N ASN C 87 -18.09 -10.71 3.97
CA ASN C 87 -19.48 -10.71 4.40
C ASN C 87 -19.85 -11.96 5.18
N PHE C 88 -19.02 -12.39 6.10
CA PHE C 88 -19.38 -13.59 6.83
C PHE C 88 -20.01 -13.22 8.15
N ASN C 89 -21.31 -13.45 8.27
CA ASN C 89 -22.07 -13.11 9.44
C ASN C 89 -22.84 -14.34 9.80
N GLN C 90 -22.86 -15.25 8.86
CA GLN C 90 -23.63 -16.47 8.99
C GLN C 90 -22.84 -17.52 9.72
N TYR C 91 -22.71 -17.31 11.01
CA TYR C 91 -21.89 -18.13 11.86
C TYR C 91 -22.41 -19.54 12.01
N GLU C 92 -23.68 -19.77 11.72
CA GLU C 92 -24.24 -21.10 11.76
C GLU C 92 -23.60 -21.99 10.67
N ALA C 93 -22.94 -21.38 9.69
CA ALA C 93 -22.27 -22.10 8.63
C ALA C 93 -20.92 -22.65 9.10
N MET C 94 -20.41 -22.11 10.20
CA MET C 94 -19.11 -22.53 10.66
C MET C 94 -19.19 -23.30 11.94
N SER C 95 -18.44 -24.36 12.00
CA SER C 95 -18.36 -25.09 13.23
C SER C 95 -16.93 -25.55 13.38
N CYS C 96 -16.39 -25.59 14.60
CA CYS C 96 -15.02 -26.00 14.88
C CYS C 96 -14.98 -26.65 16.24
N ASP C 97 -13.93 -27.42 16.48
CA ASP C 97 -13.83 -28.06 17.77
C ASP C 97 -12.38 -28.33 18.15
N PHE C 98 -11.78 -27.45 18.95
CA PHE C 98 -10.35 -27.56 19.22
C PHE C 98 -10.07 -28.44 20.41
N ASN C 99 -10.36 -29.70 20.24
CA ASN C 99 -10.27 -30.62 21.35
C ASN C 99 -8.82 -30.98 21.62
N GLY C 100 -8.31 -30.50 22.75
CA GLY C 100 -6.93 -30.75 23.12
C GLY C 100 -5.97 -29.88 22.34
N GLY C 101 -6.50 -28.86 21.69
CA GLY C 101 -5.67 -27.99 20.88
C GLY C 101 -5.59 -28.48 19.45
N LYS C 102 -6.27 -29.58 19.15
CA LYS C 102 -6.32 -30.15 17.82
C LYS C 102 -7.08 -29.20 16.95
N ILE C 103 -6.71 -29.07 15.68
CA ILE C 103 -7.47 -28.21 14.82
C ILE C 103 -8.32 -28.96 13.85
N SER C 104 -9.61 -28.67 13.94
CA SER C 104 -10.61 -29.23 13.07
C SER C 104 -11.69 -28.18 12.89
N VAL C 105 -11.80 -27.69 11.66
CA VAL C 105 -12.74 -26.66 11.31
C VAL C 105 -13.59 -27.05 10.10
N GLN C 106 -14.89 -26.91 10.21
CA GLN C 106 -15.78 -27.25 9.13
C GLN C 106 -16.69 -26.14 8.67
N TYR C 107 -16.68 -25.88 7.38
CA TYR C 107 -17.60 -24.90 6.83
C TYR C 107 -18.66 -25.65 6.02
N ASN C 108 -19.94 -25.51 6.43
CA ASN C 108 -21.11 -26.15 5.80
C ASN C 108 -21.73 -25.17 4.81
N LEU C 109 -21.57 -25.43 3.51
CA LEU C 109 -21.98 -24.54 2.45
C LEU C 109 -23.29 -24.99 1.86
N SER C 110 -24.15 -24.03 1.56
CA SER C 110 -25.45 -24.31 0.99
C SER C 110 -25.40 -24.57 -0.49
N HIS C 111 -24.73 -25.65 -0.86
CA HIS C 111 -24.65 -26.00 -2.25
C HIS C 111 -25.89 -26.76 -2.61
N ALA C 112 -26.89 -25.94 -2.89
CA ALA C 112 -28.25 -26.28 -3.22
C ALA C 112 -28.31 -26.89 -4.58
N TYR C 113 -29.48 -27.38 -4.98
CA TYR C 113 -29.66 -28.01 -6.28
C TYR C 113 -29.70 -26.94 -7.39
N ALA C 114 -28.54 -26.30 -7.57
CA ALA C 114 -28.33 -25.21 -8.50
C ALA C 114 -27.98 -25.77 -9.85
N VAL C 115 -28.94 -26.48 -10.42
CA VAL C 115 -28.70 -27.13 -11.69
C VAL C 115 -28.42 -26.13 -12.78
N ASP C 116 -29.19 -25.05 -12.78
CA ASP C 116 -29.01 -23.96 -13.71
C ASP C 116 -29.40 -22.68 -12.99
N ALA C 117 -28.40 -22.00 -12.44
CA ALA C 117 -28.68 -20.81 -11.66
C ALA C 117 -27.47 -19.90 -11.55
N ALA C 118 -27.76 -18.63 -11.34
CA ALA C 118 -26.74 -17.64 -11.02
C ALA C 118 -27.32 -16.83 -9.91
N GLU C 119 -27.86 -17.53 -8.93
CA GLU C 119 -28.46 -16.92 -7.76
C GLU C 119 -27.47 -17.01 -6.63
N HIS C 120 -26.71 -18.10 -6.64
CA HIS C 120 -25.76 -18.42 -5.59
C HIS C 120 -24.46 -17.67 -5.80
N CYS C 121 -24.57 -16.33 -5.70
CA CYS C 121 -23.54 -15.33 -5.93
C CYS C 121 -23.44 -14.54 -4.64
N GLY C 122 -24.61 -14.36 -4.03
CA GLY C 122 -24.73 -13.53 -2.84
C GLY C 122 -24.69 -14.33 -1.56
N THR C 123 -24.34 -15.60 -1.68
CA THR C 123 -24.39 -16.51 -0.56
C THR C 123 -23.06 -16.81 0.11
N VAL C 124 -23.18 -17.56 1.20
CA VAL C 124 -22.06 -17.97 2.03
C VAL C 124 -21.18 -18.90 1.29
N ALA C 125 -21.80 -19.80 0.56
CA ALA C 125 -21.05 -20.79 -0.17
C ALA C 125 -20.06 -20.11 -1.09
N ASN C 126 -20.43 -18.98 -1.66
CA ASN C 126 -19.54 -18.29 -2.53
C ASN C 126 -18.46 -17.61 -1.70
N GLY C 127 -18.82 -16.99 -0.59
CA GLY C 127 -17.80 -16.31 0.20
C GLY C 127 -16.70 -17.27 0.70
N VAL C 128 -17.09 -18.47 1.08
CA VAL C 128 -16.11 -19.42 1.56
C VAL C 128 -15.27 -19.91 0.41
N LEU C 129 -15.88 -20.22 -0.74
CA LEU C 129 -15.09 -20.67 -1.86
C LEU C 129 -14.13 -19.61 -2.31
N GLN C 130 -14.48 -18.33 -2.20
CA GLN C 130 -13.55 -17.33 -2.61
C GLN C 130 -12.27 -17.36 -1.81
N THR C 131 -12.40 -17.53 -0.50
CA THR C 131 -11.18 -17.56 0.27
C THR C 131 -10.39 -18.79 -0.11
N PHE C 132 -11.09 -19.90 -0.27
CA PHE C 132 -10.45 -21.15 -0.65
C PHE C 132 -9.67 -20.98 -1.93
N MET C 133 -10.28 -20.37 -2.94
CA MET C 133 -9.64 -20.21 -4.21
C MET C 133 -8.34 -19.51 -4.11
N ARG C 134 -8.27 -18.50 -3.25
CA ARG C 134 -7.03 -17.78 -3.07
C ARG C 134 -6.00 -18.62 -2.30
N MET C 135 -6.41 -19.31 -1.24
CA MET C 135 -5.42 -20.09 -0.47
C MET C 135 -4.79 -21.20 -1.24
N ALA C 136 -5.53 -21.78 -2.15
CA ALA C 136 -5.02 -22.86 -2.95
C ALA C 136 -4.88 -22.41 -4.38
N TRP C 137 -4.64 -21.11 -4.57
CA TRP C 137 -4.54 -20.58 -5.89
C TRP C 137 -3.46 -21.29 -6.65
N GLY C 138 -3.78 -21.65 -7.89
CA GLY C 138 -2.89 -22.40 -8.77
C GLY C 138 -3.27 -23.87 -8.84
N GLY C 139 -4.11 -24.32 -7.91
CA GLY C 139 -4.54 -25.71 -7.93
C GLY C 139 -6.03 -25.75 -7.70
N SER C 140 -6.54 -24.69 -7.10
CA SER C 140 -7.94 -24.53 -6.75
C SER C 140 -8.84 -24.47 -7.95
N TYR C 141 -8.31 -24.22 -9.11
CA TYR C 141 -9.11 -24.12 -10.31
C TYR C 141 -9.78 -25.44 -10.67
N ILE C 142 -9.29 -26.56 -10.17
CA ILE C 142 -9.92 -27.83 -10.52
C ILE C 142 -10.96 -28.23 -9.49
N ALA C 143 -11.09 -27.44 -8.44
CA ALA C 143 -12.02 -27.72 -7.36
C ALA C 143 -13.45 -27.31 -7.68
N LEU C 144 -13.62 -26.48 -8.69
CA LEU C 144 -14.91 -25.91 -9.04
C LEU C 144 -15.58 -26.58 -10.20
N ASP C 145 -16.90 -26.47 -10.26
CA ASP C 145 -17.62 -26.98 -11.43
C ASP C 145 -17.46 -26.04 -12.61
N SER C 146 -17.39 -24.75 -12.33
CA SER C 146 -17.28 -23.72 -13.36
C SER C 146 -15.84 -23.39 -13.72
N GLY C 147 -15.69 -22.62 -14.79
CA GLY C 147 -14.41 -22.15 -15.29
C GLY C 147 -14.14 -20.70 -14.85
N CYS C 148 -13.87 -19.79 -15.82
CA CYS C 148 -13.50 -18.39 -15.57
C CYS C 148 -14.69 -17.54 -15.14
N GLY C 149 -15.14 -17.80 -13.92
CA GLY C 149 -16.20 -17.02 -13.33
C GLY C 149 -15.46 -15.87 -12.70
N ASN C 150 -16.16 -14.97 -12.03
CA ASN C 150 -15.45 -13.83 -11.44
C ASN C 150 -15.10 -14.10 -10.03
N TRP C 151 -15.21 -15.35 -9.67
CA TRP C 151 -14.99 -15.86 -8.34
C TRP C 151 -15.95 -15.22 -7.39
N ASP C 152 -16.94 -14.51 -7.88
CA ASP C 152 -17.96 -13.89 -7.07
C ASP C 152 -19.35 -14.53 -7.33
N CYS C 153 -19.37 -15.73 -7.98
CA CYS C 153 -20.52 -16.56 -8.24
C CYS C 153 -19.94 -17.88 -8.77
N ILE C 154 -19.34 -18.63 -7.87
CA ILE C 154 -18.74 -19.92 -8.19
C ILE C 154 -19.35 -20.99 -7.33
N MET C 155 -19.43 -22.21 -7.86
CA MET C 155 -20.05 -23.31 -7.17
C MET C 155 -19.26 -24.57 -7.35
N THR C 156 -19.42 -25.47 -6.41
CA THR C 156 -18.85 -26.78 -6.56
C THR C 156 -19.85 -27.82 -6.20
N SER C 157 -19.52 -29.06 -6.45
CA SER C 157 -20.40 -30.17 -6.16
C SER C 157 -20.39 -30.58 -4.71
N TYR C 158 -19.35 -30.19 -4.01
CA TYR C 158 -19.10 -30.54 -2.62
C TYR C 158 -19.88 -29.67 -1.69
N GLN C 159 -20.21 -30.17 -0.50
CA GLN C 159 -20.95 -29.37 0.45
C GLN C 159 -20.14 -28.88 1.63
N TYR C 160 -19.04 -29.55 1.95
CA TYR C 160 -18.30 -29.10 3.11
C TYR C 160 -16.86 -28.83 2.80
N LEU C 161 -16.32 -27.82 3.46
CA LEU C 161 -14.89 -27.57 3.44
C LEU C 161 -14.31 -27.83 4.80
N ILE C 162 -13.49 -28.86 4.89
CA ILE C 162 -12.93 -29.23 6.17
C ILE C 162 -11.45 -29.00 6.25
N ILE C 163 -11.04 -28.25 7.26
CA ILE C 163 -9.65 -27.91 7.47
C ILE C 163 -9.12 -28.59 8.71
N GLN C 164 -8.10 -29.39 8.58
CA GLN C 164 -7.56 -30.09 9.74
C GLN C 164 -6.05 -30.04 9.83
N ASN C 165 -5.46 -30.14 11.06
CA ASN C 165 -4.00 -30.26 11.20
C ASN C 165 -3.54 -31.66 10.76
N THR C 166 -2.45 -31.71 9.99
CA THR C 166 -1.82 -32.92 9.48
C THR C 166 -0.32 -32.91 9.64
N THR C 167 0.28 -34.02 9.23
CA THR C 167 1.71 -34.23 9.20
C THR C 167 2.12 -34.04 7.77
N TRP C 168 3.17 -33.31 7.52
CA TRP C 168 3.46 -33.10 6.13
C TRP C 168 4.02 -34.35 5.47
N GLU C 169 3.41 -34.75 4.35
CA GLU C 169 3.81 -35.93 3.58
C GLU C 169 4.01 -35.69 2.07
N ASP C 170 4.33 -34.48 1.70
CA ASP C 170 4.57 -34.09 0.31
C ASP C 170 3.47 -34.42 -0.69
N HIS C 171 2.23 -34.19 -0.30
CA HIS C 171 1.10 -34.46 -1.18
C HIS C 171 0.82 -33.36 -2.19
N CYS C 172 1.74 -33.20 -3.15
CA CYS C 172 1.72 -32.13 -4.15
C CYS C 172 1.84 -32.69 -5.57
N GLN C 173 1.04 -33.69 -5.89
CA GLN C 173 1.10 -34.29 -7.22
C GLN C 173 0.41 -33.49 -8.33
N PHE C 174 -0.50 -32.56 -8.00
CA PHE C 174 -1.17 -31.83 -9.06
C PHE C 174 -0.55 -30.48 -9.34
N SER C 175 -0.20 -29.73 -8.29
CA SER C 175 0.42 -28.42 -8.48
C SER C 175 1.55 -28.27 -7.50
N ARG C 176 2.62 -27.56 -7.90
CA ARG C 176 3.78 -27.37 -7.05
C ARG C 176 3.51 -26.43 -5.90
N PRO C 177 4.25 -26.54 -4.79
CA PRO C 177 4.21 -25.67 -3.65
C PRO C 177 4.49 -24.23 -3.99
N SER C 178 3.75 -23.34 -3.36
CA SER C 178 3.95 -21.92 -3.53
C SER C 178 3.45 -21.09 -2.36
N PRO C 179 4.19 -20.08 -1.91
CA PRO C 179 3.84 -19.20 -0.84
C PRO C 179 2.86 -18.12 -1.24
N ILE C 180 2.58 -18.01 -2.53
CA ILE C 180 1.80 -16.91 -3.04
C ILE C 180 0.38 -16.87 -2.53
N GLY C 181 -0.27 -18.01 -2.44
CA GLY C 181 -1.66 -17.99 -2.00
C GLY C 181 -1.79 -17.27 -0.66
N TYR C 182 -1.05 -17.72 0.33
CA TYR C 182 -1.09 -17.11 1.63
C TYR C 182 -0.62 -15.67 1.63
N LEU C 183 0.50 -15.37 0.99
CA LEU C 183 1.02 -14.00 1.07
C LEU C 183 0.04 -13.02 0.46
N GLY C 184 -0.64 -13.47 -0.58
CA GLY C 184 -1.60 -12.67 -1.30
C GLY C 184 -2.90 -12.50 -0.55
N LEU C 185 -3.05 -13.20 0.56
CA LEU C 185 -4.25 -13.09 1.33
C LEU C 185 -3.92 -12.18 2.51
N LEU C 186 -2.69 -12.30 3.03
CA LEU C 186 -2.24 -11.49 4.16
C LEU C 186 -2.25 -10.04 3.81
N SER C 187 -1.93 -9.75 2.57
CA SER C 187 -1.84 -8.39 2.13
C SER C 187 -3.17 -7.65 2.17
N GLN C 188 -4.30 -8.35 2.10
CA GLN C 188 -5.58 -7.66 2.07
C GLN C 188 -6.51 -7.98 3.24
N ARG C 189 -6.73 -9.25 3.54
CA ARG C 189 -7.65 -9.68 4.60
C ARG C 189 -9.04 -9.01 4.70
N THR C 190 -9.26 -8.23 5.76
CA THR C 190 -10.56 -7.67 6.13
C THR C 190 -10.99 -6.44 5.38
N ARG C 191 -11.24 -6.59 4.09
CA ARG C 191 -11.65 -5.46 3.27
C ARG C 191 -13.04 -5.64 2.65
N ASP C 192 -13.86 -6.50 3.27
CA ASP C 192 -15.23 -6.78 2.74
C ASP C 192 -16.20 -6.94 3.90
N ILE C 193 -16.65 -5.83 4.49
CA ILE C 193 -17.58 -5.88 5.66
C ILE C 193 -18.75 -4.91 5.42
N TYR C 194 -19.88 -5.14 6.09
CA TYR C 194 -21.07 -4.28 5.89
C TYR C 194 -21.59 -3.77 7.24
N ILE C 195 -21.64 -2.45 7.41
CA ILE C 195 -22.18 -1.86 8.68
C ILE C 195 -23.27 -0.84 8.31
N SER C 196 -22.93 0.10 7.43
CA SER C 196 -23.91 1.15 7.01
C SER C 196 -24.63 1.71 8.24
N LEU D 1 0.31 29.51 -26.79
CA LEU D 1 -0.15 28.36 -27.57
C LEU D 1 1.01 27.47 -28.03
N ILE D 2 2.03 28.07 -28.69
CA ILE D 2 3.20 27.34 -29.24
C ILE D 2 4.40 27.53 -28.37
N TYR D 3 4.91 26.44 -27.90
CA TYR D 3 6.01 26.46 -27.01
C TYR D 3 7.30 26.04 -27.71
N LYS D 4 8.37 26.79 -27.42
CA LYS D 4 9.74 26.58 -27.89
C LYS D 4 9.96 26.72 -29.39
N GLY D 5 9.36 25.81 -30.11
CA GLY D 5 9.43 25.69 -31.55
C GLY D 5 8.04 25.57 -32.10
N SER D 6 7.61 24.33 -32.26
CA SER D 6 6.32 24.00 -32.80
C SER D 6 5.53 23.05 -31.91
N TYR D 7 5.65 23.18 -30.59
CA TYR D 7 4.88 22.29 -29.75
C TYR D 7 3.62 23.00 -29.35
N GLU D 8 2.51 22.51 -29.84
CA GLU D 8 1.25 23.16 -29.61
C GLU D 8 0.56 22.59 -28.42
N LEU D 9 0.01 23.44 -27.57
CA LEU D 9 -0.71 22.92 -26.43
C LEU D 9 -2.09 22.47 -26.85
N GLN D 10 -2.37 21.21 -26.57
CA GLN D 10 -3.62 20.53 -26.91
C GLN D 10 -4.26 19.95 -25.68
N THR D 11 -5.57 19.82 -25.70
CA THR D 11 -6.25 19.23 -24.56
C THR D 11 -7.23 18.16 -24.88
N LEU D 12 -7.53 17.38 -23.86
CA LEU D 12 -8.56 16.38 -23.92
C LEU D 12 -9.33 16.34 -22.62
N GLU D 13 -10.62 16.08 -22.71
CA GLU D 13 -11.41 15.96 -21.50
C GLU D 13 -12.04 14.60 -21.54
N LEU D 14 -12.00 13.88 -20.43
CA LEU D 14 -12.49 12.50 -20.42
C LEU D 14 -13.95 12.36 -20.09
N ASN D 15 -14.57 11.40 -20.76
CA ASN D 15 -15.95 11.03 -20.54
C ASN D 15 -16.00 9.85 -19.61
N MET D 16 -16.20 10.09 -18.34
CA MET D 16 -16.08 8.98 -17.44
C MET D 16 -17.38 8.22 -17.29
N GLU D 17 -18.39 8.60 -18.02
CA GLU D 17 -19.63 7.87 -17.93
C GLU D 17 -19.52 6.51 -18.53
N THR D 18 -18.54 6.25 -19.39
CA THR D 18 -18.52 4.95 -20.00
C THR D 18 -18.04 3.90 -19.03
N LEU D 19 -17.61 4.35 -17.86
CA LEU D 19 -17.18 3.48 -16.81
C LEU D 19 -18.31 3.05 -15.84
N ASN D 20 -19.60 3.51 -16.04
CA ASN D 20 -20.75 3.30 -15.14
C ASN D 20 -21.07 1.82 -14.86
N MET D 21 -20.77 0.88 -15.79
CA MET D 21 -21.05 -0.55 -15.61
C MET D 21 -19.99 -1.27 -14.79
N THR D 22 -18.87 -0.60 -14.50
CA THR D 22 -17.83 -1.24 -13.69
C THR D 22 -17.59 -0.51 -12.39
N MET D 23 -17.78 0.80 -12.39
CA MET D 23 -17.53 1.65 -11.25
C MET D 23 -18.68 2.59 -10.97
N PRO D 24 -18.96 2.92 -9.71
CA PRO D 24 -19.92 3.92 -9.35
C PRO D 24 -19.33 5.25 -9.71
N LEU D 25 -20.16 6.20 -10.08
CA LEU D 25 -19.69 7.53 -10.44
C LEU D 25 -20.38 8.61 -9.65
N SER D 26 -19.62 9.48 -9.02
CA SER D 26 -20.23 10.54 -8.26
C SER D 26 -20.32 11.79 -9.12
N CYS D 27 -21.36 12.64 -8.90
CA CYS D 27 -21.48 13.95 -9.57
C CYS D 27 -22.31 14.89 -8.70
N THR D 28 -22.36 16.16 -9.07
CA THR D 28 -23.14 17.15 -8.31
C THR D 28 -24.11 17.90 -9.16
N LYS D 29 -25.34 18.05 -8.67
CA LYS D 29 -26.32 18.84 -9.39
C LYS D 29 -26.23 20.31 -8.95
N ASN D 30 -26.29 20.55 -7.63
CA ASN D 30 -26.17 21.86 -6.99
C ASN D 30 -25.69 21.60 -5.56
N SER D 31 -25.57 22.65 -4.73
CA SER D 31 -25.01 22.54 -3.38
C SER D 31 -25.76 21.66 -2.41
N SER D 32 -27.02 21.38 -2.65
CA SER D 32 -27.74 20.55 -1.72
C SER D 32 -28.07 19.19 -2.28
N HIS D 33 -27.70 18.93 -3.53
CA HIS D 33 -28.02 17.66 -4.18
C HIS D 33 -26.88 17.06 -4.94
N HIS D 34 -26.42 15.93 -4.43
CA HIS D 34 -25.28 15.21 -4.95
C HIS D 34 -25.73 13.80 -5.28
N TYR D 35 -25.15 13.18 -6.29
CA TYR D 35 -25.58 11.85 -6.70
C TYR D 35 -24.49 10.83 -6.94
N ILE D 36 -24.82 9.55 -6.76
CA ILE D 36 -23.93 8.45 -7.13
C ILE D 36 -24.61 7.49 -8.09
N ARG D 37 -24.03 7.25 -9.24
CA ARG D 37 -24.60 6.29 -10.17
C ARG D 37 -23.99 4.99 -9.74
N VAL D 38 -24.75 3.91 -9.56
CA VAL D 38 -24.12 2.68 -9.09
C VAL D 38 -24.23 1.58 -10.10
N GLY D 39 -24.66 1.94 -11.26
CA GLY D 39 -24.86 1.02 -12.35
C GLY D 39 -25.50 1.78 -13.47
N ASN D 40 -25.91 1.06 -14.53
CA ASN D 40 -26.51 1.65 -15.72
C ASN D 40 -27.90 2.27 -15.44
N GLU D 41 -28.71 1.68 -14.52
CA GLU D 41 -30.09 2.14 -14.22
C GLU D 41 -30.31 2.92 -12.93
N THR D 42 -29.61 2.57 -11.85
CA THR D 42 -29.90 3.14 -10.54
C THR D 42 -28.73 3.80 -9.86
N GLY D 43 -29.03 4.45 -8.74
CA GLY D 43 -28.03 5.14 -7.94
C GLY D 43 -28.56 5.63 -6.61
N LEU D 44 -27.77 6.47 -5.96
CA LEU D 44 -28.09 7.08 -4.67
C LEU D 44 -28.16 8.59 -4.78
N GLU D 45 -29.06 9.17 -4.04
CA GLU D 45 -29.21 10.59 -3.93
C GLU D 45 -28.77 11.00 -2.55
N LEU D 46 -27.94 12.03 -2.47
CA LEU D 46 -27.45 12.52 -1.20
C LEU D 46 -27.87 13.97 -1.04
N THR D 47 -28.73 14.21 -0.08
CA THR D 47 -29.28 15.53 0.08
C THR D 47 -28.93 16.21 1.37
N LEU D 48 -28.54 17.46 1.28
CA LEU D 48 -28.28 18.24 2.48
C LEU D 48 -29.51 19.07 2.72
N THR D 49 -30.16 18.80 3.81
CA THR D 49 -31.42 19.45 4.09
C THR D 49 -31.56 19.96 5.52
N ASN D 50 -32.68 20.69 5.77
CA ASN D 50 -33.12 21.13 7.10
C ASN D 50 -34.35 20.32 7.59
N THR D 51 -34.83 19.32 6.80
CA THR D 51 -36.00 18.51 7.12
C THR D 51 -35.63 17.06 7.31
N SER D 52 -35.97 16.50 8.47
CA SER D 52 -35.74 15.09 8.72
C SER D 52 -36.83 14.30 8.06
N ILE D 53 -36.57 13.02 7.79
CA ILE D 53 -37.63 12.20 7.27
C ILE D 53 -37.80 11.00 8.19
N ILE D 54 -36.74 10.70 8.94
CA ILE D 54 -36.80 9.61 9.88
C ILE D 54 -36.91 10.23 11.25
N ASN D 55 -37.97 9.87 11.97
CA ASN D 55 -38.26 10.44 13.28
C ASN D 55 -38.10 9.46 14.44
N HIS D 56 -37.33 8.42 14.19
CA HIS D 56 -37.04 7.41 15.18
C HIS D 56 -35.56 7.12 15.11
N LYS D 57 -35.09 6.25 16.00
CA LYS D 57 -33.69 5.89 16.02
C LYS D 57 -33.47 4.38 16.06
N PHE D 58 -34.29 3.60 15.38
CA PHE D 58 -34.05 2.16 15.49
C PHE D 58 -32.82 1.65 14.68
N CYS D 59 -32.66 2.16 13.43
CA CYS D 59 -31.66 1.83 12.41
C CYS D 59 -31.50 0.30 12.30
N ASN D 60 -32.49 -0.33 11.67
CA ASN D 60 -32.62 -1.79 11.65
C ASN D 60 -31.69 -2.45 10.62
N LEU D 61 -30.38 -2.37 10.89
CA LEU D 61 -29.28 -2.87 10.05
C LEU D 61 -29.16 -4.38 10.02
N SER D 62 -29.31 -5.01 11.18
CA SER D 62 -29.15 -6.45 11.25
C SER D 62 -30.33 -7.17 10.65
N ASP D 63 -31.47 -6.51 10.67
CA ASP D 63 -32.67 -7.10 10.14
C ASP D 63 -32.66 -6.92 8.66
N ALA D 64 -32.08 -5.82 8.17
CA ALA D 64 -31.99 -5.67 6.74
C ALA D 64 -31.17 -6.82 6.18
N HIS D 65 -30.12 -7.22 6.91
CA HIS D 65 -29.25 -8.31 6.46
C HIS D 65 -29.91 -9.66 6.56
N LYS D 66 -30.69 -9.90 7.60
CA LYS D 66 -31.38 -11.18 7.71
C LYS D 66 -32.41 -11.35 6.61
N ARG D 67 -33.13 -10.27 6.30
CA ARG D 67 -34.16 -10.31 5.27
C ARG D 67 -33.56 -10.36 3.87
N ASN D 68 -32.43 -9.67 3.66
CA ASN D 68 -31.73 -9.62 2.38
C ASN D 68 -32.59 -9.14 1.21
N LEU D 69 -33.34 -8.06 1.42
CA LEU D 69 -34.21 -7.51 0.38
C LEU D 69 -33.62 -6.32 -0.35
N TYR D 70 -32.44 -5.90 0.05
CA TYR D 70 -31.80 -4.71 -0.48
C TYR D 70 -30.88 -5.04 -1.63
N ASP D 71 -30.65 -4.06 -2.50
CA ASP D 71 -29.65 -4.23 -3.54
C ASP D 71 -28.27 -4.27 -2.94
N HIS D 72 -27.49 -5.27 -3.31
CA HIS D 72 -26.18 -5.39 -2.73
C HIS D 72 -25.22 -4.30 -3.13
N ALA D 73 -25.33 -3.73 -4.33
CA ALA D 73 -24.34 -2.72 -4.65
C ALA D 73 -24.57 -1.52 -3.79
N LEU D 74 -25.84 -1.22 -3.60
CA LEU D 74 -26.15 -0.04 -2.83
C LEU D 74 -25.69 -0.24 -1.40
N MET D 75 -25.86 -1.45 -0.87
CA MET D 75 -25.45 -1.69 0.50
C MET D 75 -23.95 -1.63 0.68
N SER D 76 -23.19 -2.09 -0.32
CA SER D 76 -21.74 -2.05 -0.20
C SER D 76 -21.27 -0.63 -0.12
N ILE D 77 -21.91 0.24 -0.89
CA ILE D 77 -21.54 1.63 -0.88
C ILE D 77 -21.86 2.25 0.47
N LEU D 78 -23.03 1.93 1.02
CA LEU D 78 -23.39 2.50 2.32
C LEU D 78 -22.42 2.05 3.37
N SER D 79 -21.99 0.79 3.30
CA SER D 79 -21.04 0.31 4.29
C SER D 79 -19.76 1.07 4.18
N THR D 80 -19.26 1.25 2.96
CA THR D 80 -18.00 1.94 2.79
C THR D 80 -18.09 3.33 3.38
N PHE D 81 -19.20 4.01 3.08
CA PHE D 81 -19.36 5.35 3.58
C PHE D 81 -19.30 5.36 5.08
N HIS D 82 -20.10 4.51 5.71
CA HIS D 82 -20.20 4.52 7.15
C HIS D 82 -18.90 4.16 7.85
N LEU D 83 -18.23 3.14 7.36
CA LEU D 83 -17.02 2.65 7.98
C LEU D 83 -15.93 3.68 7.97
N SER D 84 -15.92 4.51 6.93
CA SER D 84 -14.92 5.53 6.81
C SER D 84 -15.16 6.76 7.68
N ILE D 85 -16.35 6.90 8.31
CA ILE D 85 -16.60 8.10 9.11
C ILE D 85 -15.73 7.94 10.34
N PRO D 86 -14.77 8.83 10.59
CA PRO D 86 -13.85 8.70 11.66
C PRO D 86 -14.49 8.87 12.99
N ASN D 87 -14.05 8.09 13.97
CA ASN D 87 -14.50 8.26 15.34
C ASN D 87 -16.01 8.28 15.45
N PHE D 88 -16.71 7.38 14.79
CA PHE D 88 -18.15 7.43 14.92
C PHE D 88 -18.60 6.42 15.95
N ASN D 89 -19.07 6.92 17.08
CA ASN D 89 -19.49 6.09 18.19
C ASN D 89 -20.85 6.60 18.57
N GLN D 90 -21.15 7.76 18.05
CA GLN D 90 -22.36 8.46 18.39
C GLN D 90 -23.51 7.99 17.52
N TYR D 91 -23.96 6.79 17.80
CA TYR D 91 -24.95 6.12 17.00
C TYR D 91 -26.30 6.80 17.04
N GLU D 92 -26.55 7.61 18.06
CA GLU D 92 -27.79 8.35 18.14
C GLU D 92 -27.90 9.36 16.99
N ALA D 93 -26.77 9.67 16.33
CA ALA D 93 -26.74 10.59 15.22
C ALA D 93 -27.21 9.92 13.94
N MET D 94 -27.24 8.59 13.93
CA MET D 94 -27.61 7.90 12.72
C MET D 94 -28.93 7.19 12.87
N SER D 95 -29.73 7.30 11.86
CA SER D 95 -30.96 6.55 11.85
C SER D 95 -31.18 6.09 10.43
N CYS D 96 -31.75 4.89 10.25
CA CYS D 96 -32.00 4.30 8.94
C CYS D 96 -33.24 3.45 9.02
N ASP D 97 -33.84 3.17 7.89
CA ASP D 97 -35.02 2.33 7.91
C ASP D 97 -35.21 1.58 6.59
N PHE D 98 -34.76 0.33 6.54
CA PHE D 98 -34.76 -0.40 5.28
C PHE D 98 -36.05 -1.12 5.03
N ASN D 99 -37.09 -0.35 4.85
CA ASN D 99 -38.41 -0.91 4.74
C ASN D 99 -38.61 -1.54 3.38
N GLY D 100 -38.70 -2.85 3.36
CA GLY D 100 -38.87 -3.58 2.11
C GLY D 100 -37.59 -3.68 1.33
N GLY D 101 -36.47 -3.36 1.98
CA GLY D 101 -35.20 -3.37 1.30
C GLY D 101 -34.87 -2.01 0.70
N LYS D 102 -35.77 -1.05 0.89
CA LYS D 102 -35.59 0.31 0.41
C LYS D 102 -34.46 0.92 1.18
N ILE D 103 -33.66 1.76 0.57
CA ILE D 103 -32.61 2.42 1.32
C ILE D 103 -32.90 3.84 1.61
N SER D 104 -32.91 4.14 2.90
CA SER D 104 -33.11 5.47 3.40
C SER D 104 -32.30 5.60 4.68
N VAL D 105 -31.29 6.43 4.63
CA VAL D 105 -30.39 6.66 5.74
C VAL D 105 -30.25 8.14 6.07
N GLN D 106 -30.39 8.49 7.32
CA GLN D 106 -30.28 9.87 7.76
C GLN D 106 -29.26 10.12 8.83
N TYR D 107 -28.38 11.07 8.58
CA TYR D 107 -27.44 11.47 9.60
C TYR D 107 -27.84 12.85 10.12
N ASN D 108 -28.14 12.95 11.44
CA ASN D 108 -28.55 14.17 12.12
C ASN D 108 -27.32 14.82 12.76
N LEU D 109 -26.85 15.94 12.19
CA LEU D 109 -25.63 16.60 12.59
C LEU D 109 -25.93 17.77 13.49
N SER D 110 -25.11 17.95 14.50
CA SER D 110 -25.28 19.03 15.46
C SER D 110 -24.74 20.34 14.94
N HIS D 111 -25.36 20.84 13.89
CA HIS D 111 -24.94 22.11 13.34
C HIS D 111 -25.60 23.19 14.15
N ALA D 112 -24.94 23.46 15.24
CA ALA D 112 -25.29 24.38 16.29
C ALA D 112 -25.11 25.79 15.79
N TYR D 113 -25.52 26.77 16.59
CA TYR D 113 -25.43 28.18 16.23
C TYR D 113 -23.97 28.65 16.33
N ALA D 114 -23.15 28.10 15.45
CA ALA D 114 -21.72 28.33 15.37
C ALA D 114 -21.45 29.54 14.53
N VAL D 115 -21.91 30.68 15.02
CA VAL D 115 -21.80 31.91 14.26
C VAL D 115 -20.35 32.28 14.07
N ASP D 116 -19.56 32.12 15.12
CA ASP D 116 -18.14 32.37 15.08
C ASP D 116 -17.49 31.39 16.02
N ALA D 117 -17.03 30.27 15.49
CA ALA D 117 -16.46 29.24 16.33
C ALA D 117 -15.54 28.30 15.56
N ALA D 118 -14.61 27.71 16.28
CA ALA D 118 -13.77 26.64 15.76
C ALA D 118 -13.73 25.60 16.84
N GLU D 119 -14.91 25.30 17.34
CA GLU D 119 -15.08 24.30 18.38
C GLU D 119 -15.57 23.03 17.74
N HIS D 120 -16.37 23.20 16.70
CA HIS D 120 -17.01 22.12 16.00
C HIS D 120 -16.05 21.48 15.01
N CYS D 121 -14.98 20.88 15.57
CA CYS D 121 -13.87 20.26 14.90
C CYS D 121 -13.83 18.83 15.39
N GLY D 122 -14.17 18.69 16.66
CA GLY D 122 -14.09 17.41 17.36
C GLY D 122 -15.42 16.67 17.38
N THR D 123 -16.37 17.17 16.63
CA THR D 123 -17.71 16.64 16.64
C THR D 123 -18.09 15.71 15.51
N VAL D 124 -19.29 15.17 15.65
CA VAL D 124 -19.86 14.23 14.71
C VAL D 124 -20.14 14.89 13.41
N ALA D 125 -20.64 16.11 13.50
CA ALA D 125 -20.98 16.84 12.31
C ALA D 125 -19.78 16.94 11.40
N ASN D 126 -18.60 17.07 11.95
CA ASN D 126 -17.43 17.16 11.15
C ASN D 126 -17.09 15.79 10.61
N GLY D 127 -17.19 14.75 11.42
CA GLY D 127 -16.85 13.42 10.90
C GLY D 127 -17.72 13.00 9.72
N VAL D 128 -19.00 13.33 9.78
CA VAL D 128 -19.88 12.96 8.69
C VAL D 128 -19.58 13.79 7.47
N LEU D 129 -19.37 15.10 7.65
CA LEU D 129 -19.05 15.92 6.50
C LEU D 129 -17.77 15.48 5.87
N GLN D 130 -16.81 14.99 6.62
CA GLN D 130 -15.58 14.55 5.99
C GLN D 130 -15.81 13.41 5.03
N THR D 131 -16.64 12.46 5.42
CA THR D 131 -16.85 11.38 4.50
C THR D 131 -17.58 11.90 3.28
N PHE D 132 -18.55 12.76 3.50
CA PHE D 132 -19.31 13.34 2.42
C PHE D 132 -18.39 14.04 1.44
N MET D 133 -17.47 14.85 1.94
CA MET D 133 -16.58 15.59 1.09
C MET D 133 -15.82 14.72 0.16
N ARG D 134 -15.39 13.56 0.64
CA ARG D 134 -14.67 12.64 -0.21
C ARG D 134 -15.60 11.96 -1.22
N MET D 135 -16.79 11.53 -0.81
CA MET D 135 -17.67 10.85 -1.76
C MET D 135 -18.13 11.71 -2.90
N ALA D 136 -18.28 12.98 -2.65
CA ALA D 136 -18.71 13.90 -3.67
C ALA D 136 -17.58 14.84 -4.01
N TRP D 137 -16.35 14.36 -3.85
CA TRP D 137 -15.20 15.19 -4.11
C TRP D 137 -15.25 15.70 -5.52
N GLY D 138 -14.98 17.00 -5.65
CA GLY D 138 -15.02 17.69 -6.93
C GLY D 138 -16.30 18.51 -7.08
N GLY D 139 -17.30 18.26 -6.23
CA GLY D 139 -18.53 19.02 -6.29
C GLY D 139 -18.92 19.41 -4.90
N SER D 140 -18.41 18.66 -3.94
CA SER D 140 -18.67 18.84 -2.52
C SER D 140 -18.17 20.15 -1.98
N TYR D 141 -17.28 20.80 -2.68
CA TYR D 141 -16.74 22.05 -2.22
C TYR D 141 -17.78 23.15 -2.13
N ILE D 142 -18.90 23.02 -2.83
CA ILE D 142 -19.91 24.08 -2.75
C ILE D 142 -20.93 23.80 -1.69
N ALA D 143 -20.81 22.65 -1.04
CA ALA D 143 -21.74 22.24 -0.01
C ALA D 143 -21.47 22.86 1.34
N LEU D 144 -20.28 23.42 1.51
CA LEU D 144 -19.83 23.96 2.79
C LEU D 144 -19.93 25.46 2.88
N ASP D 145 -20.02 25.96 4.11
CA ASP D 145 -19.98 27.40 4.30
C ASP D 145 -18.56 27.93 4.16
N SER D 146 -17.59 27.14 4.59
CA SER D 146 -16.20 27.50 4.57
C SER D 146 -15.50 27.12 3.27
N GLY D 147 -14.28 27.62 3.12
CA GLY D 147 -13.41 27.35 1.97
C GLY D 147 -12.36 26.29 2.32
N CYS D 148 -11.06 26.61 2.12
CA CYS D 148 -9.94 25.67 2.30
C CYS D 148 -9.63 25.41 3.79
N GLY D 149 -10.53 24.68 4.41
CA GLY D 149 -10.34 24.27 5.78
C GLY D 149 -9.57 22.99 5.66
N ASN D 150 -9.26 22.33 6.74
CA ASN D 150 -8.47 21.09 6.63
C ASN D 150 -9.36 19.91 6.59
N TRP D 151 -10.62 20.18 6.35
CA TRP D 151 -11.69 19.21 6.34
C TRP D 151 -11.79 18.52 7.66
N ASP D 152 -11.09 19.01 8.67
CA ASP D 152 -11.15 18.47 10.01
C ASP D 152 -11.79 19.47 10.99
N CYS D 153 -12.48 20.52 10.45
CA CYS D 153 -13.24 21.52 11.17
C CYS D 153 -14.00 22.29 10.08
N ILE D 154 -14.99 21.63 9.50
CA ILE D 154 -15.82 22.22 8.45
C ILE D 154 -17.26 22.19 8.87
N MET D 155 -18.03 23.16 8.41
CA MET D 155 -19.41 23.28 8.79
C MET D 155 -20.27 23.66 7.63
N THR D 156 -21.53 23.33 7.72
CA THR D 156 -22.47 23.77 6.72
C THR D 156 -23.71 24.29 7.39
N SER D 157 -24.58 24.89 6.62
CA SER D 157 -25.80 25.46 7.13
C SER D 157 -26.88 24.43 7.35
N TYR D 158 -26.73 23.29 6.70
CA TYR D 158 -27.70 22.20 6.72
C TYR D 158 -27.55 21.36 7.95
N GLN D 159 -28.63 20.71 8.38
CA GLN D 159 -28.55 19.89 9.56
C GLN D 159 -28.60 18.39 9.28
N TYR D 160 -29.15 17.98 8.16
CA TYR D 160 -29.23 16.56 7.92
C TYR D 160 -28.61 16.15 6.61
N LEU D 161 -28.00 14.98 6.62
CA LEU D 161 -27.54 14.34 5.40
C LEU D 161 -28.36 13.12 5.12
N ILE D 162 -29.14 13.16 4.08
CA ILE D 162 -30.00 12.04 3.77
C ILE D 162 -29.62 11.32 2.51
N ILE D 163 -29.42 10.03 2.64
CA ILE D 163 -29.00 9.18 1.54
C ILE D 163 -30.12 8.23 1.16
N GLN D 164 -30.56 8.28 -0.08
CA GLN D 164 -31.66 7.41 -0.50
C GLN D 164 -31.42 6.75 -1.84
N ASN D 165 -32.01 5.55 -2.09
CA ASN D 165 -31.96 4.93 -3.42
C ASN D 165 -32.84 5.71 -4.41
N THR D 166 -32.31 5.94 -5.62
CA THR D 166 -32.98 6.63 -6.72
C THR D 166 -32.81 5.92 -8.05
N THR D 167 -33.44 6.50 -9.04
CA THR D 167 -33.36 6.06 -10.42
C THR D 167 -32.42 7.01 -11.09
N TRP D 168 -31.50 6.52 -11.88
CA TRP D 168 -30.58 7.46 -12.43
C TRP D 168 -31.22 8.32 -13.52
N GLU D 169 -31.08 9.64 -13.38
CA GLU D 169 -31.64 10.62 -14.33
C GLU D 169 -30.64 11.67 -14.81
N ASP D 170 -29.37 11.35 -14.80
CA ASP D 170 -28.30 12.25 -15.25
C ASP D 170 -28.25 13.63 -14.61
N HIS D 171 -28.45 13.68 -13.30
CA HIS D 171 -28.42 14.95 -12.58
C HIS D 171 -27.03 15.43 -12.22
N CYS D 172 -26.26 15.81 -13.26
CA CYS D 172 -24.85 16.20 -13.14
C CYS D 172 -24.59 17.56 -13.80
N GLN D 173 -25.41 18.54 -13.47
CA GLN D 173 -25.23 19.86 -14.07
C GLN D 173 -24.11 20.70 -13.45
N PHE D 174 -23.63 20.40 -12.24
CA PHE D 174 -22.58 21.22 -11.65
C PHE D 174 -21.20 20.64 -11.86
N SER D 175 -21.04 19.35 -11.66
CA SER D 175 -19.73 18.71 -11.84
C SER D 175 -19.91 17.41 -12.57
N ARG D 176 -18.94 17.04 -13.42
CA ARG D 176 -19.00 15.82 -14.20
C ARG D 176 -18.84 14.58 -13.34
N PRO D 177 -19.37 13.43 -13.77
CA PRO D 177 -19.21 12.13 -13.16
C PRO D 177 -17.78 11.70 -13.04
N SER D 178 -17.46 11.10 -11.91
CA SER D 178 -16.14 10.57 -11.67
C SER D 178 -16.11 9.45 -10.63
N PRO D 179 -15.36 8.38 -10.88
CA PRO D 179 -15.21 7.25 -9.99
C PRO D 179 -14.26 7.51 -8.86
N ILE D 180 -13.57 8.63 -8.88
CA ILE D 180 -12.50 8.88 -7.94
C ILE D 180 -12.95 8.99 -6.51
N GLY D 181 -14.08 9.64 -6.26
CA GLY D 181 -14.51 9.80 -4.88
C GLY D 181 -14.60 8.44 -4.19
N TYR D 182 -15.35 7.53 -4.77
CA TYR D 182 -15.51 6.22 -4.20
C TYR D 182 -14.21 5.43 -4.15
N LEU D 183 -13.44 5.41 -5.23
CA LEU D 183 -12.25 4.58 -5.24
C LEU D 183 -11.26 5.06 -4.18
N GLY D 184 -11.23 6.36 -3.98
CA GLY D 184 -10.34 6.97 -3.02
C GLY D 184 -10.79 6.79 -1.59
N LEU D 185 -11.98 6.22 -1.40
CA LEU D 185 -12.47 5.99 -0.08
C LEU D 185 -12.23 4.52 0.22
N LEU D 186 -12.40 3.67 -0.81
CA LEU D 186 -12.20 2.23 -0.66
C LEU D 186 -10.80 1.91 -0.27
N SER D 187 -9.88 2.68 -0.79
CA SER D 187 -8.49 2.45 -0.54
C SER D 187 -8.10 2.62 0.94
N GLN D 188 -8.84 3.39 1.72
CA GLN D 188 -8.44 3.61 3.10
C GLN D 188 -9.46 3.13 4.14
N ARG D 189 -10.73 3.50 3.99
CA ARG D 189 -11.78 3.16 4.96
C ARG D 189 -11.49 3.33 6.47
N THR D 190 -11.41 2.20 7.20
CA THR D 190 -11.33 2.16 8.65
C THR D 190 -9.98 2.43 9.26
N ARG D 191 -9.51 3.66 9.11
CA ARG D 191 -8.19 4.02 9.64
C ARG D 191 -8.26 5.14 10.70
N ASP D 192 -9.43 5.30 11.31
CA ASP D 192 -9.62 6.37 12.34
C ASP D 192 -10.51 5.84 13.46
N ILE D 193 -9.94 5.06 14.39
CA ILE D 193 -10.73 4.48 15.51
C ILE D 193 -9.97 4.71 16.82
N TYR D 194 -10.69 4.69 17.96
CA TYR D 194 -10.05 4.96 19.27
C TYR D 194 -10.40 3.83 20.25
N ILE D 195 -9.37 3.14 20.77
CA ILE D 195 -9.60 2.06 21.78
C ILE D 195 -8.72 2.35 23.01
N SER D 196 -7.42 2.56 22.79
CA SER D 196 -6.49 2.83 23.92
C SER D 196 -6.75 1.86 25.07
N GLY E 1 25.94 -2.28 -1.86
CA GLY E 1 26.85 -2.74 -2.88
C GLY E 1 26.07 -3.35 -4.06
N THR E 2 26.02 -2.62 -5.21
CA THR E 2 25.39 -2.98 -6.51
C THR E 2 23.87 -3.06 -6.48
N PHE E 3 23.35 -3.84 -5.57
CA PHE E 3 21.93 -4.03 -5.47
C PHE E 3 21.38 -3.21 -4.34
N THR E 4 20.17 -2.72 -4.52
CA THR E 4 19.45 -1.95 -3.52
C THR E 4 18.21 -2.68 -3.06
N TRP E 5 17.87 -3.77 -3.72
CA TRP E 5 16.67 -4.51 -3.38
C TRP E 5 17.05 -5.30 -2.16
N THR E 6 16.14 -6.08 -1.61
CA THR E 6 16.33 -6.85 -0.37
C THR E 6 17.75 -7.41 -0.21
N LEU E 7 18.36 -7.86 -1.28
CA LEU E 7 19.67 -8.47 -1.23
C LEU E 7 20.69 -7.60 -0.52
N SER E 8 20.53 -6.31 -0.71
CA SER E 8 21.40 -5.27 -0.20
C SER E 8 21.45 -5.25 1.31
N ASP E 9 20.49 -5.91 1.97
CA ASP E 9 20.45 -5.94 3.41
C ASP E 9 21.78 -6.42 3.95
N SER E 10 22.38 -7.38 3.30
CA SER E 10 23.63 -7.89 3.81
C SER E 10 24.67 -7.88 2.73
N GLU E 11 24.55 -6.92 1.80
CA GLU E 11 25.38 -6.75 0.60
C GLU E 11 25.04 -7.83 -0.42
N GLY E 12 25.14 -9.08 0.01
CA GLY E 12 24.80 -10.22 -0.80
C GLY E 12 25.78 -10.41 -1.91
N ASN E 13 25.29 -10.39 -3.15
CA ASN E 13 26.04 -10.57 -4.39
C ASN E 13 26.36 -12.04 -4.65
N GLU E 14 26.86 -12.73 -3.62
CA GLU E 14 27.27 -14.14 -3.57
C GLU E 14 28.62 -14.37 -4.24
N THR E 15 28.72 -13.90 -5.47
CA THR E 15 29.87 -14.00 -6.35
C THR E 15 30.16 -12.55 -6.73
N PRO E 16 31.16 -12.21 -7.57
CA PRO E 16 31.43 -10.85 -8.03
C PRO E 16 30.21 -10.22 -8.70
N GLY E 17 29.27 -11.06 -9.14
CA GLY E 17 28.09 -10.55 -9.72
C GLY E 17 27.21 -11.63 -10.28
N GLY E 18 25.95 -11.27 -10.46
CA GLY E 18 24.96 -12.14 -11.01
C GLY E 18 24.01 -12.77 -10.04
N TYR E 19 24.24 -12.55 -8.74
CA TYR E 19 23.40 -13.12 -7.70
C TYR E 19 22.93 -14.51 -8.10
N CYS E 20 23.87 -15.47 -8.13
CA CYS E 20 23.67 -16.83 -8.62
C CYS E 20 22.63 -17.60 -7.82
N LEU E 21 21.85 -18.34 -8.56
CA LEU E 21 20.81 -19.17 -8.02
C LEU E 21 21.42 -20.53 -7.83
N THR E 22 21.32 -21.05 -6.63
CA THR E 22 21.93 -22.31 -6.35
C THR E 22 21.08 -23.49 -6.75
N ARG E 23 21.62 -24.68 -6.55
CA ARG E 23 20.99 -25.87 -7.04
C ARG E 23 19.76 -26.25 -6.27
N TRP E 24 19.56 -25.64 -5.12
CA TRP E 24 18.37 -25.91 -4.38
C TRP E 24 17.34 -24.82 -4.60
N MET E 25 17.65 -23.83 -5.40
CA MET E 25 16.66 -22.81 -5.68
C MET E 25 15.93 -23.20 -6.92
N LEU E 26 16.61 -23.93 -7.77
CA LEU E 26 16.07 -24.36 -9.03
C LEU E 26 15.67 -25.80 -9.04
N ILE E 27 14.71 -26.12 -9.88
CA ILE E 27 14.37 -27.49 -10.08
C ILE E 27 15.20 -27.98 -11.23
N GLU E 28 16.15 -28.84 -10.92
CA GLU E 28 17.11 -29.33 -11.87
C GLU E 28 17.96 -28.21 -12.42
N ALA E 29 18.83 -28.55 -13.36
CA ALA E 29 19.75 -27.65 -14.05
C ALA E 29 20.82 -26.99 -13.19
N GLU E 30 21.08 -27.56 -12.04
CA GLU E 30 22.15 -27.10 -11.18
C GLU E 30 22.14 -25.60 -10.95
N LEU E 31 23.20 -24.91 -11.38
CA LEU E 31 23.33 -23.47 -11.11
C LEU E 31 23.05 -22.59 -12.29
N LYS E 32 22.52 -21.41 -12.01
CA LYS E 32 22.35 -20.38 -13.04
C LYS E 32 22.78 -19.04 -12.47
N CYS E 33 23.58 -18.26 -13.24
CA CYS E 33 24.07 -16.94 -12.85
C CYS E 33 23.66 -15.95 -13.90
N PHE E 34 23.27 -14.79 -13.46
CA PHE E 34 22.83 -13.73 -14.35
C PHE E 34 23.88 -12.65 -14.33
N GLY E 35 23.71 -11.59 -15.09
CA GLY E 35 24.69 -10.52 -15.01
C GLY E 35 24.20 -9.49 -14.01
N ASN E 36 25.11 -8.69 -13.43
CA ASN E 36 24.65 -7.65 -12.52
C ASN E 36 23.78 -6.68 -13.23
N THR E 37 24.03 -6.47 -14.51
CA THR E 37 23.25 -5.56 -15.28
C THR E 37 21.77 -5.91 -15.28
N ALA E 38 21.45 -7.20 -15.36
CA ALA E 38 20.06 -7.60 -15.40
C ALA E 38 19.48 -7.70 -14.02
N VAL E 39 20.24 -8.20 -13.07
CA VAL E 39 19.69 -8.41 -11.75
C VAL E 39 19.35 -7.07 -11.15
N ALA E 40 20.21 -6.11 -11.39
CA ALA E 40 20.12 -4.75 -10.89
C ALA E 40 18.87 -4.08 -11.39
N LYS E 41 18.22 -4.59 -12.41
CA LYS E 41 16.99 -3.96 -12.84
C LYS E 41 15.95 -3.95 -11.71
N CYS E 42 15.99 -4.96 -10.78
CA CYS E 42 15.10 -5.14 -9.65
C CYS E 42 15.32 -4.04 -8.63
N ASN E 43 16.38 -3.25 -8.80
CA ASN E 43 16.62 -2.14 -7.91
C ASN E 43 15.56 -1.08 -8.12
N GLU E 44 15.10 -0.94 -9.37
CA GLU E 44 14.14 0.09 -9.72
C GLU E 44 12.77 -0.48 -10.04
N LYS E 45 12.76 -1.67 -10.62
CA LYS E 45 11.52 -2.25 -11.06
C LYS E 45 10.79 -2.86 -9.89
N HIS E 46 9.56 -2.42 -9.70
CA HIS E 46 8.77 -2.89 -8.59
C HIS E 46 7.82 -3.98 -9.03
N ASP E 47 7.10 -3.76 -10.11
CA ASP E 47 6.11 -4.72 -10.56
C ASP E 47 6.61 -5.79 -11.51
N GLU E 48 7.46 -6.66 -10.99
CA GLU E 48 8.00 -7.79 -11.76
C GLU E 48 7.99 -9.07 -10.93
N GLU E 49 7.36 -10.13 -11.45
CA GLU E 49 7.25 -11.36 -10.71
C GLU E 49 8.58 -12.02 -10.41
N PHE E 50 9.52 -11.96 -11.34
CA PHE E 50 10.78 -12.61 -11.05
C PHE E 50 11.50 -11.98 -9.87
N CYS E 51 11.54 -10.62 -9.82
CA CYS E 51 12.21 -9.83 -8.79
C CYS E 51 11.56 -10.12 -7.45
N ASP E 52 10.23 -10.28 -7.41
CA ASP E 52 9.67 -10.63 -6.12
C ASP E 52 10.11 -11.96 -5.64
N MET E 53 10.28 -12.93 -6.53
CA MET E 53 10.74 -14.19 -6.01
C MET E 53 12.15 -14.06 -5.49
N LEU E 54 12.98 -13.25 -6.12
CA LEU E 54 14.32 -13.11 -5.62
C LEU E 54 14.30 -12.50 -4.24
N ARG E 55 13.41 -11.53 -4.02
CA ARG E 55 13.34 -10.89 -2.72
C ARG E 55 12.95 -11.91 -1.65
N LEU E 56 12.01 -12.81 -1.96
CA LEU E 56 11.62 -13.81 -0.97
C LEU E 56 12.70 -14.82 -0.71
N PHE E 57 13.43 -15.23 -1.74
CA PHE E 57 14.47 -16.20 -1.51
C PHE E 57 15.59 -15.60 -0.71
N ASP E 58 15.94 -14.35 -0.97
CA ASP E 58 17.04 -13.81 -0.22
C ASP E 58 16.62 -13.62 1.22
N PHE E 59 15.36 -13.25 1.45
CA PHE E 59 14.87 -13.10 2.78
C PHE E 59 14.98 -14.40 3.53
N ASN E 60 14.52 -15.49 2.91
CA ASN E 60 14.59 -16.79 3.53
C ASN E 60 16.00 -17.13 3.91
N LYS E 61 16.96 -16.84 3.06
CA LYS E 61 18.32 -17.13 3.45
C LYS E 61 18.76 -16.32 4.65
N GLN E 62 18.47 -15.03 4.65
CA GLN E 62 18.93 -14.20 5.75
C GLN E 62 18.28 -14.58 7.05
N ALA E 63 17.05 -15.02 6.99
CA ALA E 63 16.29 -15.37 8.16
C ALA E 63 16.69 -16.72 8.73
N ILE E 64 17.56 -17.44 8.05
CA ILE E 64 18.06 -18.71 8.53
C ILE E 64 19.47 -18.52 9.06
N GLN E 65 20.30 -17.78 8.33
CA GLN E 65 21.68 -17.57 8.78
C GLN E 65 21.75 -16.73 10.03
N ARG E 66 20.89 -15.73 10.09
CA ARG E 66 20.83 -14.78 11.16
C ARG E 66 19.53 -14.96 11.86
N LEU E 67 19.49 -14.57 13.12
CA LEU E 67 18.23 -14.60 13.84
C LEU E 67 17.60 -15.99 13.80
N LYS E 68 18.45 -16.99 13.98
CA LYS E 68 18.01 -18.38 14.00
C LYS E 68 17.67 -18.84 15.41
N SER E 69 17.89 -17.95 16.36
CA SER E 69 17.68 -18.14 17.78
C SER E 69 16.25 -18.24 18.36
N PRO E 70 15.16 -17.65 17.77
CA PRO E 70 13.83 -17.63 18.36
C PRO E 70 13.06 -18.95 18.21
N ALA E 71 13.58 -19.95 18.91
CA ALA E 71 13.10 -21.33 19.00
C ALA E 71 13.01 -22.02 17.66
N GLN E 72 13.72 -21.47 16.68
CA GLN E 72 13.79 -21.98 15.33
C GLN E 72 12.40 -22.13 14.72
N MET E 73 11.46 -21.25 15.08
CA MET E 73 10.10 -21.32 14.56
C MET E 73 9.52 -19.96 14.26
N SER E 74 10.32 -19.02 13.74
CA SER E 74 9.84 -17.67 13.44
C SER E 74 9.10 -17.57 12.13
N ILE E 75 8.16 -18.46 11.96
CA ILE E 75 7.33 -18.61 10.80
C ILE E 75 6.35 -17.45 10.70
N GLN E 76 6.19 -16.73 11.80
CA GLN E 76 5.30 -15.59 11.88
C GLN E 76 5.98 -14.30 11.48
N LEU E 77 7.29 -14.33 11.23
CA LEU E 77 7.98 -13.10 10.89
C LEU E 77 7.44 -12.51 9.63
N ILE E 78 7.11 -13.39 8.70
CA ILE E 78 6.61 -13.06 7.39
C ILE E 78 5.31 -12.31 7.43
N ASN E 79 4.55 -12.42 8.52
CA ASN E 79 3.29 -11.75 8.57
C ASN E 79 3.50 -10.25 8.52
N LYS E 80 4.67 -9.78 8.91
CA LYS E 80 4.92 -8.36 8.81
C LYS E 80 5.94 -8.14 7.71
N ALA E 81 6.91 -9.03 7.59
CA ALA E 81 7.98 -8.83 6.64
C ALA E 81 7.48 -8.71 5.23
N VAL E 82 6.40 -9.40 4.89
CA VAL E 82 5.84 -9.41 3.56
C VAL E 82 5.62 -8.03 2.97
N ASN E 83 5.36 -7.05 3.80
CA ASN E 83 5.08 -5.73 3.29
C ASN E 83 6.29 -5.12 2.60
N ALA E 84 7.47 -5.61 2.97
CA ALA E 84 8.73 -5.17 2.46
C ALA E 84 9.37 -6.16 1.53
N LEU E 85 8.65 -7.20 1.16
CA LEU E 85 9.26 -8.21 0.33
C LEU E 85 8.64 -8.35 -1.02
N ILE E 86 7.32 -8.27 -1.10
CA ILE E 86 6.68 -8.47 -2.40
C ILE E 86 5.72 -7.38 -2.77
N ASN E 87 5.40 -7.30 -4.06
CA ASN E 87 4.41 -6.40 -4.57
C ASN E 87 3.06 -7.11 -4.65
N ASP E 88 2.15 -6.84 -3.73
CA ASP E 88 0.91 -7.58 -3.73
C ASP E 88 0.03 -7.14 -4.88
N GLN E 89 0.41 -6.05 -5.52
CA GLN E 89 -0.32 -5.59 -6.65
C GLN E 89 -0.18 -6.61 -7.74
N LEU E 90 0.99 -7.25 -7.84
CA LEU E 90 1.19 -8.24 -8.88
C LEU E 90 0.33 -9.39 -8.60
N ILE E 91 0.20 -9.72 -7.33
CA ILE E 91 -0.62 -10.87 -7.06
C ILE E 91 -2.03 -10.58 -7.53
N MET E 92 -2.54 -9.39 -7.22
CA MET E 92 -3.86 -9.06 -7.69
C MET E 92 -3.99 -9.06 -9.18
N LYS E 93 -2.99 -8.60 -9.91
CA LYS E 93 -3.11 -8.64 -11.34
C LYS E 93 -3.23 -10.06 -11.82
N ASN E 94 -2.48 -10.96 -11.21
CA ASN E 94 -2.57 -12.32 -11.67
C ASN E 94 -3.90 -12.95 -11.29
N HIS E 95 -4.48 -12.57 -10.15
CA HIS E 95 -5.79 -13.13 -9.81
C HIS E 95 -6.84 -12.61 -10.77
N LEU E 96 -6.76 -11.33 -11.16
CA LEU E 96 -7.74 -10.79 -12.07
C LEU E 96 -7.64 -11.44 -13.42
N ARG E 97 -6.43 -11.70 -13.88
CA ARG E 97 -6.26 -12.33 -15.16
C ARG E 97 -6.83 -13.73 -15.12
N ASP E 98 -6.66 -14.41 -14.00
CA ASP E 98 -7.18 -15.75 -13.90
C ASP E 98 -8.70 -15.71 -14.06
N MET E 99 -9.35 -14.80 -13.36
CA MET E 99 -10.81 -14.70 -13.41
C MET E 99 -11.33 -14.40 -14.78
N MET E 100 -10.59 -13.64 -15.54
CA MET E 100 -11.03 -13.30 -16.87
C MET E 100 -10.60 -14.22 -18.04
N CYS E 101 -9.93 -15.39 -17.80
CA CYS E 101 -9.36 -16.27 -18.86
C CYS E 101 -8.28 -15.54 -19.67
N ILE E 102 -7.49 -14.80 -18.94
CA ILE E 102 -6.38 -14.11 -19.48
C ILE E 102 -5.17 -14.85 -18.96
N PRO E 103 -4.20 -15.24 -19.77
CA PRO E 103 -3.06 -15.96 -19.29
C PRO E 103 -2.45 -15.19 -18.16
N TYR E 104 -2.04 -15.90 -17.15
CA TYR E 104 -1.53 -15.27 -15.95
C TYR E 104 -0.29 -15.96 -15.46
N CYS E 105 0.49 -15.29 -14.58
CA CYS E 105 1.70 -15.85 -14.00
C CYS E 105 1.37 -16.60 -12.72
N ASN E 106 1.76 -17.87 -12.66
CA ASN E 106 1.57 -18.59 -11.41
C ASN E 106 2.88 -18.70 -10.60
N TYR E 107 3.93 -17.95 -11.01
CA TYR E 107 5.26 -17.79 -10.43
C TYR E 107 6.22 -18.97 -10.49
N SER E 108 5.86 -20.09 -11.10
CA SER E 108 6.82 -21.19 -11.11
C SER E 108 7.82 -21.20 -12.23
N LYS E 109 7.47 -20.68 -13.39
CA LYS E 109 8.39 -20.82 -14.51
C LYS E 109 8.64 -19.51 -15.17
N TYR E 110 9.90 -19.30 -15.51
CA TYR E 110 10.35 -18.09 -16.13
C TYR E 110 11.15 -18.37 -17.37
N TRP E 111 11.20 -17.40 -18.26
CA TRP E 111 12.02 -17.52 -19.44
C TRP E 111 12.85 -16.29 -19.60
N TYR E 112 13.95 -16.45 -20.27
CA TYR E 112 14.85 -15.37 -20.51
C TYR E 112 15.60 -15.60 -21.76
N LEU E 113 16.20 -14.56 -22.28
CA LEU E 113 17.03 -14.76 -23.43
C LEU E 113 18.47 -14.79 -23.01
N ASN E 114 19.22 -15.71 -23.62
CA ASN E 114 20.64 -15.94 -23.41
C ASN E 114 21.39 -15.69 -24.72
N HIS E 115 22.27 -14.67 -24.74
CA HIS E 115 23.02 -14.30 -25.93
C HIS E 115 24.17 -15.29 -26.01
N THR E 116 24.15 -16.16 -27.00
CA THR E 116 25.09 -17.27 -27.02
C THR E 116 26.47 -16.83 -27.42
N SER E 117 26.54 -15.60 -27.90
CA SER E 117 27.77 -15.01 -28.34
C SER E 117 28.50 -14.32 -27.19
N SER E 118 27.86 -14.20 -26.02
CA SER E 118 28.51 -13.50 -24.91
C SER E 118 28.27 -14.09 -23.53
N GLY E 119 27.13 -14.73 -23.32
CA GLY E 119 26.72 -15.23 -22.02
C GLY E 119 25.88 -14.19 -21.28
N ARG E 120 25.61 -13.07 -21.92
CA ARG E 120 24.81 -12.04 -21.33
C ARG E 120 23.38 -12.55 -21.34
N THR E 121 22.67 -12.46 -20.22
CA THR E 121 21.28 -12.89 -20.17
C THR E 121 20.34 -11.79 -19.71
N SER E 122 19.09 -11.88 -20.14
CA SER E 122 18.07 -10.92 -19.72
C SER E 122 17.54 -11.27 -18.36
N LEU E 123 16.83 -10.34 -17.76
CA LEU E 123 16.18 -10.68 -16.52
C LEU E 123 15.05 -11.61 -16.97
N PRO E 124 14.77 -12.72 -16.29
CA PRO E 124 13.66 -13.58 -16.59
C PRO E 124 12.33 -12.91 -16.45
N LYS E 125 11.42 -13.34 -17.29
CA LYS E 125 10.04 -12.92 -17.35
C LYS E 125 9.23 -14.15 -17.06
N CYS E 126 8.00 -14.02 -16.54
CA CYS E 126 7.17 -15.18 -16.20
C CYS E 126 6.57 -15.84 -17.45
N TRP E 127 6.65 -17.15 -17.48
CA TRP E 127 6.06 -17.94 -18.51
C TRP E 127 4.62 -18.02 -18.07
N LEU E 128 3.69 -17.67 -18.91
CA LEU E 128 2.30 -17.63 -18.50
C LEU E 128 1.56 -18.91 -18.75
N VAL E 129 0.49 -19.09 -18.00
CA VAL E 129 -0.38 -20.23 -18.14
C VAL E 129 -1.79 -19.83 -18.42
N SER E 130 -2.49 -20.72 -19.07
CA SER E 130 -3.88 -20.55 -19.39
C SER E 130 -4.53 -21.91 -19.59
N ASN E 131 -5.79 -22.07 -19.12
CA ASN E 131 -6.59 -23.29 -19.30
C ASN E 131 -5.86 -24.56 -18.79
N GLY E 132 -5.14 -24.46 -17.66
CA GLY E 132 -4.43 -25.56 -17.01
C GLY E 132 -3.03 -25.85 -17.54
N SER E 133 -2.54 -25.09 -18.51
CA SER E 133 -1.19 -25.41 -18.99
C SER E 133 -0.40 -24.20 -19.42
N TYR E 134 0.83 -24.45 -19.84
CA TYR E 134 1.70 -23.39 -20.27
C TYR E 134 1.40 -22.97 -21.68
N LEU E 135 1.61 -21.71 -21.97
CA LEU E 135 1.46 -21.26 -23.33
C LEU E 135 2.65 -21.69 -24.16
N ASN E 136 2.43 -21.94 -25.47
CA ASN E 136 3.45 -22.26 -26.49
C ASN E 136 4.33 -21.02 -26.77
N GLU E 137 5.55 -21.25 -27.27
CA GLU E 137 6.56 -20.24 -27.64
C GLU E 137 6.14 -19.33 -28.80
N THR E 138 5.08 -19.73 -29.48
CA THR E 138 4.52 -18.99 -30.59
C THR E 138 3.71 -17.84 -30.05
N HIS E 139 3.32 -17.96 -28.80
CA HIS E 139 2.61 -16.94 -28.07
C HIS E 139 3.78 -16.25 -27.50
N PHE E 140 3.64 -15.06 -27.01
CA PHE E 140 4.79 -14.36 -26.47
C PHE E 140 5.78 -14.02 -27.57
N SER E 141 5.52 -14.33 -28.84
CA SER E 141 6.56 -14.09 -29.81
C SER E 141 6.87 -12.63 -29.89
N ASP E 142 5.89 -11.79 -29.60
CA ASP E 142 6.13 -10.36 -29.61
C ASP E 142 6.98 -9.95 -28.43
N ASP E 143 6.83 -10.65 -27.31
CA ASP E 143 7.54 -10.29 -26.10
C ASP E 143 8.93 -10.80 -26.14
N ILE E 144 9.12 -11.93 -26.77
CA ILE E 144 10.42 -12.51 -26.86
C ILE E 144 11.20 -11.67 -27.82
N GLU E 145 10.60 -11.30 -28.94
CA GLU E 145 11.27 -10.45 -29.90
C GLU E 145 11.61 -9.12 -29.27
N GLN E 146 10.74 -8.55 -28.44
CA GLN E 146 11.09 -7.29 -27.83
C GLN E 146 12.23 -7.45 -26.85
N GLN E 147 12.28 -8.54 -26.09
CA GLN E 147 13.41 -8.67 -25.20
C GLN E 147 14.69 -8.83 -25.96
N ALA E 148 14.65 -9.52 -27.10
CA ALA E 148 15.88 -9.65 -27.86
C ALA E 148 16.33 -8.27 -28.33
N ASP E 149 15.38 -7.42 -28.76
CA ASP E 149 15.74 -6.07 -29.20
C ASP E 149 16.29 -5.25 -28.08
N ASN E 150 15.76 -5.44 -26.89
CA ASN E 150 16.21 -4.65 -25.78
C ASN E 150 17.64 -5.01 -25.45
N MET E 151 17.99 -6.30 -25.52
CA MET E 151 19.35 -6.70 -25.22
C MET E 151 20.30 -6.14 -26.25
N ILE E 152 19.87 -6.11 -27.50
CA ILE E 152 20.71 -5.58 -28.56
C ILE E 152 20.96 -4.11 -28.32
N THR E 153 19.89 -3.38 -27.97
CA THR E 153 19.99 -1.96 -27.74
C THR E 153 20.94 -1.65 -26.63
N GLU E 154 20.87 -2.38 -25.52
CA GLU E 154 21.78 -2.09 -24.43
C GLU E 154 23.22 -2.34 -24.82
N MET E 155 23.49 -3.40 -25.57
CA MET E 155 24.85 -3.67 -25.99
C MET E 155 25.37 -2.52 -26.82
N LEU E 156 24.54 -2.02 -27.73
CA LEU E 156 24.97 -0.94 -28.58
C LEU E 156 25.21 0.34 -27.81
N GLN E 157 24.31 0.65 -26.86
CA GLN E 157 24.47 1.91 -26.16
C GLN E 157 25.72 1.90 -25.33
N LYS E 158 26.02 0.76 -24.72
CA LYS E 158 27.21 0.65 -23.92
C LYS E 158 28.43 0.90 -24.77
N GLU E 159 28.48 0.30 -25.95
CA GLU E 159 29.67 0.57 -26.70
C GLU E 159 29.74 2.01 -27.20
N TYR E 160 28.62 2.59 -27.63
CA TYR E 160 28.66 3.94 -28.18
C TYR E 160 29.32 4.93 -27.27
N ILE E 161 29.00 4.86 -25.99
CA ILE E 161 29.56 5.80 -25.05
C ILE E 161 30.75 5.28 -24.24
N ASP E 162 30.68 4.07 -23.68
CA ASP E 162 31.75 3.61 -22.81
C ASP E 162 32.88 2.90 -23.53
N ARG E 163 32.60 2.19 -24.64
CA ARG E 163 33.70 1.54 -25.33
C ARG E 163 34.47 2.65 -26.00
N GLN E 164 33.73 3.51 -26.69
CA GLN E 164 34.35 4.62 -27.40
C GLN E 164 34.52 5.80 -26.45
N GLY E 165 35.40 5.62 -25.44
CA GLY E 165 35.65 6.56 -24.36
C GLY E 165 34.64 6.32 -23.24
N GLY F 1 3.26 -7.39 -24.83
CA GLY F 1 3.53 -6.69 -26.07
C GLY F 1 3.49 -5.17 -25.86
N THR F 2 4.68 -4.51 -25.86
CA THR F 2 4.92 -3.04 -25.74
C THR F 2 4.60 -2.46 -24.37
N PHE F 3 3.40 -2.69 -23.91
CA PHE F 3 2.94 -2.15 -22.67
C PHE F 3 2.98 -3.22 -21.62
N THR F 4 3.29 -2.81 -20.40
CA THR F 4 3.31 -3.68 -19.24
C THR F 4 2.26 -3.29 -18.22
N TRP F 5 1.62 -2.15 -18.44
CA TRP F 5 0.63 -1.68 -17.51
C TRP F 5 -0.60 -2.49 -17.80
N THR F 6 -1.69 -2.27 -17.08
CA THR F 6 -2.93 -3.05 -17.20
C THR F 6 -3.26 -3.48 -18.63
N LEU F 7 -3.00 -2.64 -19.61
CA LEU F 7 -3.34 -2.93 -20.99
C LEU F 7 -2.79 -4.26 -21.45
N SER F 8 -1.62 -4.60 -20.93
CA SER F 8 -0.86 -5.78 -21.25
C SER F 8 -1.60 -7.05 -20.91
N ASP F 9 -2.65 -6.95 -20.09
CA ASP F 9 -3.41 -8.11 -19.69
C ASP F 9 -3.86 -8.86 -20.91
N SER F 10 -4.25 -8.15 -21.95
CA SER F 10 -4.74 -8.84 -23.13
C SER F 10 -4.02 -8.35 -24.34
N GLU F 11 -2.74 -7.93 -24.14
CA GLU F 11 -1.86 -7.33 -25.16
C GLU F 11 -2.32 -5.91 -25.46
N GLY F 12 -3.58 -5.77 -25.85
CA GLY F 12 -4.19 -4.51 -26.12
C GLY F 12 -3.62 -3.88 -27.35
N ASN F 13 -3.06 -2.68 -27.21
CA ASN F 13 -2.47 -1.87 -28.27
C ASN F 13 -3.53 -1.16 -29.12
N GLU F 14 -4.55 -1.92 -29.53
CA GLU F 14 -5.71 -1.52 -30.35
C GLU F 14 -5.34 -1.38 -31.83
N THR F 15 -4.31 -0.60 -32.08
CA THR F 15 -3.76 -0.28 -33.38
C THR F 15 -2.29 -0.67 -33.26
N PRO F 16 -1.41 -0.51 -34.28
CA PRO F 16 0.02 -0.80 -34.20
C PRO F 16 0.68 -0.04 -33.05
N GLY F 17 0.03 1.02 -32.59
CA GLY F 17 0.57 1.74 -31.49
C GLY F 17 -0.21 2.99 -31.18
N GLY F 18 0.00 3.45 -29.97
CA GLY F 18 -0.64 4.66 -29.49
C GLY F 18 -1.81 4.48 -28.58
N TYR F 19 -2.25 3.23 -28.40
CA TYR F 19 -3.39 2.93 -27.54
C TYR F 19 -4.44 4.02 -27.67
N CYS F 20 -5.09 4.09 -28.85
CA CYS F 20 -6.02 5.14 -29.24
C CYS F 20 -7.25 5.20 -28.35
N LEU F 21 -7.64 6.42 -28.07
CA LEU F 21 -8.78 6.71 -27.26
C LEU F 21 -9.92 6.89 -28.20
N THR F 22 -11.00 6.15 -27.97
CA THR F 22 -12.11 6.22 -28.89
C THR F 22 -13.04 7.36 -28.60
N ARG F 23 -14.05 7.48 -29.42
CA ARG F 23 -14.93 8.64 -29.36
C ARG F 23 -15.84 8.62 -28.18
N TRP F 24 -15.93 7.49 -27.50
CA TRP F 24 -16.73 7.45 -26.31
C TRP F 24 -15.88 7.57 -25.07
N MET F 25 -14.57 7.69 -25.23
CA MET F 25 -13.73 7.88 -24.08
C MET F 25 -13.56 9.34 -23.85
N LEU F 26 -13.62 10.09 -24.93
CA LEU F 26 -13.45 11.52 -24.90
C LEU F 26 -14.73 12.27 -25.00
N ILE F 27 -14.73 13.47 -24.45
CA ILE F 27 -15.85 14.33 -24.64
C ILE F 27 -15.54 15.17 -25.85
N GLU F 28 -16.27 14.92 -26.91
CA GLU F 28 -16.05 15.55 -28.19
C GLU F 28 -14.68 15.21 -28.73
N ALA F 29 -14.36 15.79 -29.88
CA ALA F 29 -13.09 15.63 -30.59
C ALA F 29 -12.80 14.24 -31.14
N GLU F 30 -13.82 13.42 -31.27
CA GLU F 30 -13.68 12.13 -31.88
C GLU F 30 -12.52 11.30 -31.31
N LEU F 31 -11.56 10.97 -32.16
CA LEU F 31 -10.47 10.10 -31.74
C LEU F 31 -9.16 10.81 -31.50
N LYS F 32 -8.38 10.28 -30.55
CA LYS F 32 -7.02 10.77 -30.32
C LYS F 32 -6.10 9.58 -30.14
N CYS F 33 -4.93 9.58 -30.81
CA CYS F 33 -3.93 8.52 -30.72
C CYS F 33 -2.62 9.14 -30.29
N PHE F 34 -1.91 8.43 -29.44
CA PHE F 34 -0.64 8.89 -28.93
C PHE F 34 0.44 8.02 -29.51
N GLY F 35 1.69 8.28 -29.20
CA GLY F 35 2.71 7.38 -29.73
C GLY F 35 3.01 6.31 -28.69
N ASN F 36 3.54 5.16 -29.12
CA ASN F 36 3.88 4.14 -28.12
C ASN F 36 4.93 4.65 -27.18
N THR F 37 5.78 5.53 -27.67
CA THR F 37 6.83 6.08 -26.87
C THR F 37 6.27 6.78 -25.64
N ALA F 38 5.17 7.53 -25.79
CA ALA F 38 4.63 8.24 -24.65
C ALA F 38 3.75 7.37 -23.80
N VAL F 39 2.97 6.51 -24.42
CA VAL F 39 2.03 5.72 -23.66
C VAL F 39 2.81 4.79 -22.76
N ALA F 40 3.89 4.26 -23.30
CA ALA F 40 4.77 3.32 -22.63
C ALA F 40 5.39 3.92 -21.39
N LYS F 41 5.36 5.23 -21.24
CA LYS F 41 5.92 5.77 -20.03
C LYS F 41 5.19 5.24 -18.79
N CYS F 42 3.86 4.88 -18.92
CA CYS F 42 2.99 4.37 -17.87
C CYS F 42 3.44 2.97 -17.46
N ASN F 43 4.38 2.39 -18.20
CA ASN F 43 4.91 1.10 -17.83
C ASN F 43 5.73 1.24 -16.57
N GLU F 44 6.41 2.37 -16.42
CA GLU F 44 7.30 2.60 -15.30
C GLU F 44 6.75 3.63 -14.33
N LYS F 45 6.03 4.61 -14.85
CA LYS F 45 5.57 5.69 -14.03
C LYS F 45 4.34 5.25 -13.27
N HIS F 46 4.42 5.37 -11.96
CA HIS F 46 3.33 4.95 -11.11
C HIS F 46 2.46 6.14 -10.72
N ASP F 47 3.09 7.20 -10.26
CA ASP F 47 2.34 8.36 -9.79
C ASP F 47 1.99 9.40 -10.83
N GLU F 48 1.12 9.02 -11.76
CA GLU F 48 0.66 9.91 -12.82
C GLU F 48 -0.85 9.77 -13.02
N GLU F 49 -1.58 10.88 -12.92
CA GLU F 49 -3.04 10.81 -13.04
C GLU F 49 -3.51 10.35 -14.39
N PHE F 50 -2.85 10.73 -15.45
CA PHE F 50 -3.34 10.29 -16.74
C PHE F 50 -3.28 8.77 -16.90
N CYS F 51 -2.15 8.15 -16.48
CA CYS F 51 -1.89 6.71 -16.56
C CYS F 51 -2.93 5.98 -15.73
N ASP F 52 -3.29 6.51 -14.57
CA ASP F 52 -4.33 5.81 -13.83
C ASP F 52 -5.63 5.80 -14.56
N MET F 53 -5.97 6.88 -15.25
CA MET F 53 -7.23 6.80 -15.94
C MET F 53 -7.15 5.78 -17.05
N LEU F 54 -6.01 5.65 -17.70
CA LEU F 54 -5.93 4.66 -18.75
C LEU F 54 -6.10 3.27 -18.18
N ARG F 55 -5.55 3.03 -17.00
CA ARG F 55 -5.67 1.73 -16.39
C ARG F 55 -7.13 1.41 -16.11
N LEU F 56 -7.89 2.39 -15.62
CA LEU F 56 -9.30 2.14 -15.34
C LEU F 56 -10.11 1.95 -16.60
N PHE F 57 -9.83 2.69 -17.65
CA PHE F 57 -10.59 2.51 -18.86
C PHE F 57 -10.31 1.18 -19.47
N ASP F 58 -9.06 0.74 -19.45
CA ASP F 58 -8.80 -0.53 -20.09
C ASP F 58 -9.44 -1.63 -19.27
N PHE F 59 -9.45 -1.50 -17.95
CA PHE F 59 -10.07 -2.48 -17.11
C PHE F 59 -11.53 -2.59 -17.47
N ASN F 60 -12.20 -1.45 -17.55
CA ASN F 60 -13.62 -1.44 -17.88
C ASN F 60 -13.86 -2.17 -19.17
N LYS F 61 -13.04 -1.95 -20.18
CA LYS F 61 -13.25 -2.66 -21.41
C LYS F 61 -13.10 -4.15 -21.23
N GLN F 62 -12.06 -4.59 -20.55
CA GLN F 62 -11.83 -6.01 -20.41
C GLN F 62 -12.91 -6.68 -19.62
N ALA F 63 -13.46 -5.98 -18.66
CA ALA F 63 -14.47 -6.51 -17.78
C ALA F 63 -15.84 -6.57 -18.45
N ILE F 64 -15.97 -6.03 -19.66
CA ILE F 64 -17.20 -6.09 -20.40
C ILE F 64 -17.07 -7.14 -21.49
N GLN F 65 -15.95 -7.17 -22.19
CA GLN F 65 -15.77 -8.15 -23.25
C GLN F 65 -15.67 -9.56 -22.72
N ARG F 66 -15.00 -9.70 -21.60
CA ARG F 66 -14.75 -10.96 -20.96
C ARG F 66 -15.46 -10.97 -19.66
N LEU F 67 -15.78 -12.15 -19.18
CA LEU F 67 -16.36 -12.26 -17.85
C LEU F 67 -17.64 -11.40 -17.75
N LYS F 68 -18.44 -11.45 -18.80
CA LYS F 68 -19.68 -10.72 -18.86
C LYS F 68 -20.85 -11.56 -18.33
N SER F 69 -20.53 -12.81 -18.00
CA SER F 69 -21.44 -13.82 -17.51
C SER F 69 -22.06 -13.70 -16.10
N PRO F 70 -21.45 -13.07 -15.06
CA PRO F 70 -21.95 -13.04 -13.69
C PRO F 70 -23.11 -12.08 -13.46
N ALA F 71 -24.23 -12.43 -14.09
CA ALA F 71 -25.53 -11.74 -14.08
C ALA F 71 -25.44 -10.32 -14.58
N GLN F 72 -24.37 -10.01 -15.28
CA GLN F 72 -24.10 -8.71 -15.85
C GLN F 72 -24.15 -7.61 -14.80
N MET F 73 -23.74 -7.92 -13.56
CA MET F 73 -23.77 -6.95 -12.48
C MET F 73 -22.55 -7.04 -11.58
N SER F 74 -21.37 -7.30 -12.13
CA SER F 74 -20.15 -7.45 -11.33
C SER F 74 -19.52 -6.12 -10.96
N ILE F 75 -20.35 -5.26 -10.43
CA ILE F 75 -20.03 -3.91 -10.02
C ILE F 75 -19.16 -3.95 -8.78
N GLN F 76 -19.12 -5.10 -8.12
CA GLN F 76 -18.35 -5.31 -6.91
C GLN F 76 -16.94 -5.77 -7.21
N LEU F 77 -16.62 -6.05 -8.47
CA LEU F 77 -15.29 -6.55 -8.79
C LEU F 77 -14.24 -5.54 -8.43
N ILE F 78 -14.57 -4.28 -8.65
CA ILE F 78 -13.72 -3.15 -8.42
C ILE F 78 -13.31 -3.01 -6.98
N ASN F 79 -14.09 -3.57 -6.05
CA ASN F 79 -13.75 -3.41 -4.66
C ASN F 79 -12.42 -4.07 -4.37
N LYS F 80 -12.01 -5.05 -5.19
CA LYS F 80 -10.73 -5.65 -4.98
C LYS F 80 -9.81 -5.21 -6.11
N ALA F 81 -10.36 -5.12 -7.32
CA ALA F 81 -9.52 -4.83 -8.47
C ALA F 81 -8.80 -3.51 -8.33
N VAL F 82 -9.39 -2.54 -7.66
CA VAL F 82 -8.81 -1.23 -7.50
C VAL F 82 -7.38 -1.24 -6.99
N ASN F 83 -7.02 -2.23 -6.22
CA ASN F 83 -5.68 -2.26 -5.66
C ASN F 83 -4.62 -2.40 -6.74
N ALA F 84 -5.02 -2.95 -7.88
CA ALA F 84 -4.19 -3.20 -9.02
C ALA F 84 -4.46 -2.25 -10.16
N LEU F 85 -5.28 -1.24 -9.94
CA LEU F 85 -5.61 -0.37 -11.03
C LEU F 85 -5.15 1.04 -10.86
N ILE F 86 -5.26 1.58 -9.65
CA ILE F 86 -4.87 2.97 -9.47
C ILE F 86 -3.92 3.20 -8.33
N ASN F 87 -3.26 4.35 -8.34
CA ASN F 87 -2.39 4.76 -7.27
C ASN F 87 -3.18 5.64 -6.30
N ASP F 88 -3.56 5.11 -5.14
CA ASP F 88 -4.39 5.90 -4.25
C ASP F 88 -3.59 6.99 -3.60
N GLN F 89 -2.27 6.93 -3.75
CA GLN F 89 -1.43 7.94 -3.22
C GLN F 89 -1.72 9.22 -3.97
N LEU F 90 -2.02 9.13 -5.27
CA LEU F 90 -2.30 10.32 -6.03
C LEU F 90 -3.57 10.90 -5.57
N ILE F 91 -4.51 10.04 -5.22
CA ILE F 91 -5.75 10.61 -4.79
C ILE F 91 -5.50 11.40 -3.53
N MET F 92 -4.73 10.85 -2.60
CA MET F 92 -4.43 11.59 -1.40
C MET F 92 -3.70 12.88 -1.67
N LYS F 93 -2.78 12.90 -2.61
CA LYS F 93 -2.10 14.15 -2.88
C LYS F 93 -3.09 15.18 -3.35
N ASN F 94 -4.04 14.78 -4.19
CA ASN F 94 -4.97 15.75 -4.66
C ASN F 94 -5.92 16.20 -3.56
N HIS F 95 -6.26 15.33 -2.61
CA HIS F 95 -7.11 15.78 -1.53
C HIS F 95 -6.37 16.76 -0.63
N LEU F 96 -5.08 16.51 -0.40
CA LEU F 96 -4.31 17.41 0.44
C LEU F 96 -4.18 18.76 -0.20
N ARG F 97 -3.97 18.78 -1.51
CA ARG F 97 -3.82 20.04 -2.18
C ARG F 97 -5.12 20.82 -2.13
N ASP F 98 -6.24 20.12 -2.21
CA ASP F 98 -7.50 20.78 -2.16
C ASP F 98 -7.64 21.47 -0.79
N MET F 99 -7.33 20.76 0.28
CA MET F 99 -7.47 21.32 1.62
C MET F 99 -6.59 22.53 1.84
N MET F 100 -5.46 22.56 1.22
CA MET F 100 -4.56 23.68 1.40
C MET F 100 -4.68 24.86 0.41
N CYS F 101 -5.68 24.90 -0.53
CA CYS F 101 -5.81 25.92 -1.60
C CYS F 101 -4.61 25.87 -2.54
N ILE F 102 -4.21 24.66 -2.84
CA ILE F 102 -3.16 24.39 -3.77
C ILE F 102 -3.86 23.81 -4.97
N PRO F 103 -3.62 24.27 -6.19
CA PRO F 103 -4.28 23.74 -7.34
C PRO F 103 -4.10 22.26 -7.35
N TYR F 104 -5.15 21.56 -7.70
CA TYR F 104 -5.14 20.12 -7.66
C TYR F 104 -5.77 19.53 -8.89
N CYS F 105 -5.52 18.23 -9.15
CA CYS F 105 -6.09 17.52 -10.29
C CYS F 105 -7.42 16.90 -9.91
N ASN F 106 -8.45 17.24 -10.66
CA ASN F 106 -9.73 16.59 -10.42
C ASN F 106 -10.02 15.46 -11.44
N TYR F 107 -9.01 15.09 -12.25
CA TYR F 107 -8.94 14.03 -13.27
C TYR F 107 -9.77 14.21 -14.54
N SER F 108 -10.46 15.33 -14.72
CA SER F 108 -11.22 15.42 -15.97
C SER F 108 -10.50 15.97 -17.17
N LYS F 109 -9.54 16.84 -16.97
CA LYS F 109 -8.94 17.48 -18.14
C LYS F 109 -7.46 17.38 -18.11
N TYR F 110 -6.90 17.10 -19.26
CA TYR F 110 -5.49 16.93 -19.42
C TYR F 110 -4.97 17.76 -20.58
N TRP F 111 -3.70 18.08 -20.52
CA TRP F 111 -3.06 18.78 -21.61
C TRP F 111 -1.80 18.09 -22.00
N TYR F 112 -1.42 18.29 -23.23
CA TYR F 112 -0.23 17.69 -23.76
C TYR F 112 0.33 18.53 -24.84
N LEU F 113 1.57 18.30 -25.16
CA LEU F 113 2.11 19.02 -26.28
C LEU F 113 2.12 18.13 -27.50
N ASN F 114 1.77 18.73 -28.64
CA ASN F 114 1.69 18.12 -29.95
C ASN F 114 2.69 18.81 -30.88
N HIS F 115 3.72 18.07 -31.36
CA HIS F 115 4.75 18.60 -32.23
C HIS F 115 4.14 18.64 -33.61
N THR F 116 3.90 19.84 -34.13
CA THR F 116 3.11 19.95 -35.35
C THR F 116 3.93 19.58 -36.56
N SER F 117 5.21 19.44 -36.34
CA SER F 117 6.15 19.09 -37.39
C SER F 117 6.27 17.57 -37.53
N SER F 118 5.68 16.80 -36.61
CA SER F 118 5.81 15.34 -36.70
C SER F 118 4.58 14.53 -36.32
N GLY F 119 3.75 15.06 -35.44
CA GLY F 119 2.60 14.36 -34.89
C GLY F 119 2.96 13.64 -33.60
N ARG F 120 4.19 13.80 -33.16
CA ARG F 120 4.64 13.18 -31.94
C ARG F 120 3.97 13.96 -30.81
N THR F 121 3.37 13.26 -29.84
CA THR F 121 2.75 13.93 -28.71
C THR F 121 3.30 13.45 -27.38
N SER F 122 3.23 14.30 -26.37
CA SER F 122 3.66 13.96 -25.04
C SER F 122 2.60 13.18 -24.32
N LEU F 123 2.96 12.56 -23.21
CA LEU F 123 1.94 11.93 -22.41
C LEU F 123 1.19 13.11 -21.81
N PRO F 124 -0.13 13.14 -21.74
CA PRO F 124 -0.89 14.16 -21.09
C PRO F 124 -0.62 14.27 -19.63
N LYS F 125 -0.70 15.50 -19.15
CA LYS F 125 -0.54 15.89 -17.76
C LYS F 125 -1.86 16.47 -17.36
N CYS F 126 -2.22 16.46 -16.07
CA CYS F 126 -3.50 16.98 -15.61
C CYS F 126 -3.54 18.51 -15.59
N TRP F 127 -4.62 19.05 -16.12
CA TRP F 127 -4.87 20.47 -16.08
C TRP F 127 -5.40 20.67 -14.69
N LEU F 128 -4.82 21.58 -13.94
CA LEU F 128 -5.23 21.75 -12.56
C LEU F 128 -6.30 22.78 -12.36
N VAL F 129 -7.01 22.63 -11.26
CA VAL F 129 -8.05 23.57 -10.88
C VAL F 129 -7.80 24.16 -9.54
N SER F 130 -8.34 25.34 -9.36
CA SER F 130 -8.26 26.06 -8.12
C SER F 130 -9.41 27.04 -8.02
N ASN F 131 -10.00 27.20 -6.81
CA ASN F 131 -11.08 28.16 -6.52
C ASN F 131 -12.29 28.00 -7.47
N GLY F 132 -12.65 26.75 -7.81
CA GLY F 132 -13.80 26.40 -8.65
C GLY F 132 -13.54 26.44 -10.16
N SER F 133 -12.33 26.72 -10.61
CA SER F 133 -12.15 26.74 -12.06
C SER F 133 -10.78 26.29 -12.50
N TYR F 134 -10.57 26.28 -13.79
CA TYR F 134 -9.30 25.85 -14.35
C TYR F 134 -8.30 26.94 -14.30
N LEU F 135 -7.04 26.58 -14.16
CA LEU F 135 -6.00 27.58 -14.20
C LEU F 135 -5.75 27.99 -15.65
N ASN F 136 -5.33 29.26 -15.87
CA ASN F 136 -4.92 29.84 -17.14
C ASN F 136 -3.60 29.23 -17.61
N GLU F 137 -3.32 29.27 -18.93
CA GLU F 137 -2.11 28.76 -19.62
C GLU F 137 -0.83 29.50 -19.24
N THR F 138 -1.00 30.63 -18.57
CA THR F 138 0.10 31.45 -18.11
C THR F 138 0.67 30.83 -16.85
N HIS F 139 -0.13 30.00 -16.21
CA HIS F 139 0.25 29.24 -15.06
C HIS F 139 0.73 28.04 -15.74
N PHE F 140 1.48 27.19 -15.10
CA PHE F 140 1.98 26.02 -15.79
C PHE F 140 2.99 26.41 -16.85
N SER F 141 3.33 27.68 -17.04
CA SER F 141 4.18 27.99 -18.16
C SER F 141 5.52 27.33 -17.98
N ASP F 142 5.92 27.10 -16.74
CA ASP F 142 7.17 26.42 -16.49
C ASP F 142 7.06 24.95 -16.84
N ASP F 143 5.89 24.38 -16.64
CA ASP F 143 5.70 22.96 -16.85
C ASP F 143 5.50 22.67 -18.30
N ILE F 144 4.90 23.61 -19.01
CA ILE F 144 4.66 23.42 -20.40
C ILE F 144 6.00 23.56 -21.08
N GLU F 145 6.78 24.56 -20.70
CA GLU F 145 8.08 24.75 -21.27
C GLU F 145 8.96 23.54 -21.00
N GLN F 146 8.88 22.96 -19.79
CA GLN F 146 9.69 21.78 -19.55
C GLN F 146 9.25 20.60 -20.38
N GLN F 147 7.94 20.42 -20.59
CA GLN F 147 7.58 19.31 -21.43
C GLN F 147 8.03 19.52 -22.85
N ALA F 148 8.02 20.75 -23.33
CA ALA F 148 8.49 20.97 -24.68
C ALA F 148 9.97 20.61 -24.76
N ASP F 149 10.76 20.97 -23.72
CA ASP F 149 12.18 20.64 -23.73
C ASP F 149 12.39 19.16 -23.67
N ASN F 150 11.55 18.46 -22.95
CA ASN F 150 11.73 17.05 -22.83
C ASN F 150 11.49 16.37 -24.16
N MET F 151 10.51 16.84 -24.92
CA MET F 151 10.23 16.25 -26.20
C MET F 151 11.38 16.49 -27.16
N ILE F 152 11.97 17.68 -27.07
CA ILE F 152 13.09 18.01 -27.93
C ILE F 152 14.26 17.11 -27.61
N THR F 153 14.53 16.92 -26.32
CA THR F 153 15.62 16.10 -25.88
C THR F 153 15.48 14.68 -26.36
N GLU F 154 14.29 14.10 -26.25
CA GLU F 154 14.14 12.74 -26.71
C GLU F 154 14.37 12.62 -28.20
N MET F 155 13.89 13.58 -28.98
CA MET F 155 14.08 13.51 -30.41
C MET F 155 15.57 13.53 -30.73
N LEU F 156 16.32 14.39 -30.04
CA LEU F 156 17.73 14.46 -30.29
C LEU F 156 18.46 13.21 -29.89
N GLN F 157 18.12 12.63 -28.74
CA GLN F 157 18.84 11.47 -28.29
C GLN F 157 18.62 10.31 -29.22
N LYS F 158 17.39 10.18 -29.70
CA LYS F 158 17.10 9.11 -30.62
C LYS F 158 17.93 9.24 -31.86
N GLU F 159 18.02 10.44 -32.42
CA GLU F 159 18.83 10.50 -33.59
C GLU F 159 20.31 10.29 -33.32
N TYR F 160 20.84 10.82 -32.21
CA TYR F 160 22.26 10.70 -31.96
C TYR F 160 22.76 9.28 -31.99
N ILE F 161 22.00 8.38 -31.40
CA ILE F 161 22.42 6.99 -31.36
C ILE F 161 21.76 6.08 -32.40
N ASP F 162 20.44 6.17 -32.60
CA ASP F 162 19.78 5.23 -33.51
C ASP F 162 19.73 5.69 -34.95
N ARG F 163 19.65 6.99 -35.20
CA ARG F 163 19.62 7.43 -36.60
C ARG F 163 21.03 7.22 -37.11
N GLN F 164 21.98 7.71 -36.33
CA GLN F 164 23.38 7.61 -36.70
C GLN F 164 23.93 6.26 -36.23
N GLY F 165 23.42 5.16 -36.84
CA GLY F 165 23.71 3.79 -36.48
C GLY F 165 22.77 3.35 -35.36
C1 NAG G . 8.90 23.29 16.90
C2 NAG G . 10.37 23.88 17.02
C3 NAG G . 10.28 25.43 16.83
C4 NAG G . 9.71 25.74 15.42
C5 NAG G . 8.32 25.05 15.26
C6 NAG G . 7.83 25.05 13.81
C7 NAG G . 12.31 23.24 18.39
C8 NAG G . 12.91 22.82 19.70
N2 NAG G . 10.99 23.47 18.30
O3 NAG G . 11.60 26.01 16.95
O4 NAG G . 9.45 27.16 15.33
O5 NAG G . 8.41 23.62 15.57
O6 NAG G . 8.84 24.71 12.86
O7 NAG G . 13.08 23.37 17.43
C1 NAG G . 10.15 27.94 14.26
C2 NAG G . 9.24 29.16 13.87
C3 NAG G . 10.00 29.98 12.76
C4 NAG G . 11.39 30.47 13.33
C5 NAG G . 12.21 29.19 13.73
C6 NAG G . 13.56 29.51 14.38
C7 NAG G . 6.75 28.96 13.83
C8 NAG G . 5.50 28.42 13.20
N2 NAG G . 7.95 28.66 13.30
O3 NAG G . 9.18 31.10 12.38
O4 NAG G . 12.11 31.24 12.34
O5 NAG G . 11.46 28.39 14.72
O6 NAG G . 13.43 30.23 15.60
O7 NAG G . 6.64 29.67 14.84
C1 BMA G . 12.58 32.59 12.81
C2 BMA G . 13.44 33.27 11.69
C3 BMA G . 13.95 34.64 12.22
C4 BMA G . 12.73 35.51 12.62
C5 BMA G . 11.91 34.77 13.70
C6 BMA G . 10.65 35.52 14.12
O2 BMA G . 12.66 33.44 10.50
O3 BMA G . 14.74 35.26 11.17
O4 BMA G . 13.17 36.76 13.14
O5 BMA G . 11.48 33.45 13.19
O6 BMA G . 9.92 36.10 13.03
C1 MAN G . 15.93 36.10 11.60
C2 MAN G . 16.83 36.39 10.34
C3 MAN G . 17.51 35.05 9.90
C4 MAN G . 18.36 34.47 11.09
C5 MAN G . 17.41 34.23 12.31
C6 MAN G . 18.14 33.72 13.56
O2 MAN G . 17.79 37.43 10.63
O3 MAN G . 18.35 35.29 8.75
O4 MAN G . 18.97 33.24 10.69
O5 MAN G . 16.73 35.50 12.68
O6 MAN G . 17.21 33.21 14.53
C1 MAN G . 8.91 35.17 12.43
C2 MAN G . 8.49 35.67 11.01
C3 MAN G . 7.66 36.99 11.17
C4 MAN G . 6.41 36.73 12.10
C5 MAN G . 6.93 36.22 13.50
C6 MAN G . 5.79 35.85 14.45
O2 MAN G . 7.78 34.64 10.30
O3 MAN G . 7.23 37.45 9.88
O4 MAN G . 5.67 37.95 12.26
O5 MAN G . 7.75 34.99 13.30
O6 MAN G . 6.28 35.43 15.73
C1 NAG H . 16.52 8.14 33.80
C2 NAG H . 16.99 7.24 35.02
C3 NAG H . 15.96 7.43 36.19
C4 NAG H . 15.85 8.93 36.61
C5 NAG H . 15.46 9.77 35.34
C6 NAG H . 15.42 11.27 35.58
C7 NAG H . 18.02 5.01 34.62
C8 NAG H . 17.84 3.59 34.17
N2 NAG H . 16.97 5.83 34.61
O3 NAG H . 16.44 6.67 37.31
O4 NAG H . 14.76 8.99 37.57
O5 NAG H . 16.45 9.53 34.25
O6 NAG H . 16.68 11.79 36.01
O7 NAG H . 19.13 5.40 35.01
C1 NAG H . 14.93 9.89 38.76
C2 NAG H . 13.50 10.36 39.23
C3 NAG H . 13.69 11.36 40.42
C4 NAG H . 14.46 10.65 41.60
C5 NAG H . 15.85 10.15 41.03
C6 NAG H . 16.65 9.35 42.06
C7 NAG H . 11.73 10.42 37.47
C8 NAG H . 11.08 11.12 36.32
N2 NAG H . 12.77 11.00 38.10
O3 NAG H . 12.39 11.82 40.85
O4 NAG H . 14.74 11.61 42.67
O5 NAG H . 15.65 9.26 39.86
O6 NAG H . 17.97 9.08 41.61
O7 NAG H . 11.31 9.30 37.82
C1 BMA H . 13.93 11.44 43.93
C2 BMA H . 14.62 12.29 45.09
C3 BMA H . 13.76 12.10 46.38
C4 BMA H . 12.28 12.56 46.13
C5 BMA H . 11.68 11.72 44.95
C6 BMA H . 10.26 12.17 44.55
O2 BMA H . 14.74 13.67 44.73
O3 BMA H . 14.35 12.86 47.46
O4 BMA H . 11.51 12.37 47.32
O5 BMA H . 12.54 11.86 43.75
O6 BMA H . 9.65 11.27 43.63
C1 NAG I . 5.72 27.35 21.03
C2 NAG I . 5.95 27.22 22.60
C3 NAG I . 6.54 28.57 23.13
C4 NAG I . 7.92 28.86 22.40
C5 NAG I . 7.65 28.90 20.84
C6 NAG I . 8.97 29.08 20.04
C7 NAG I . 3.54 27.45 23.32
C8 NAG I . 2.39 26.90 24.11
N2 NAG I . 4.71 26.80 23.34
O3 NAG I . 6.75 28.47 24.55
O4 NAG I . 8.42 30.19 22.76
O5 NAG I . 7.02 27.62 20.39
O6 NAG I . 8.80 28.97 18.63
O7 NAG I . 3.38 28.48 22.65
C1 NAG I . 9.14 30.34 24.09
C2 NAG I . 10.39 31.29 23.87
C3 NAG I . 11.13 31.47 25.24
C4 NAG I . 10.13 32.05 26.32
C5 NAG I . 8.92 31.07 26.46
C6 NAG I . 7.83 31.58 27.42
C7 NAG I . 11.79 31.30 21.78
C8 NAG I . 12.71 30.59 20.84
N2 NAG I . 11.30 30.66 22.87
O3 NAG I . 12.24 32.38 25.09
O4 NAG I . 10.80 32.18 27.57
O5 NAG I . 8.27 30.88 25.13
O6 NAG I . 6.84 30.59 27.70
O7 NAG I . 11.48 32.48 21.55
C1 NAG J . 12.48 -5.54 38.84
C2 NAG J . 14.05 -5.48 38.74
C3 NAG J . 14.51 -6.81 38.05
C4 NAG J . 14.03 -8.08 38.83
C5 NAG J . 12.47 -8.01 39.00
C6 NAG J . 11.91 -9.11 39.88
C7 NAG J . 15.53 -3.63 37.95
C8 NAG J . 15.73 -2.46 37.05
N2 NAG J . 14.37 -4.29 37.90
O3 NAG J . 15.95 -6.82 37.97
O4 NAG J . 14.26 -9.14 37.89
O5 NAG J . 12.08 -6.72 39.62
O6 NAG J . 10.49 -9.23 39.75
O7 NAG J . 16.43 -3.97 38.73
C1 NAG J . 14.98 -10.38 38.33
C2 NAG J . 16.54 -10.25 38.03
C3 NAG J . 17.20 -11.66 38.31
C4 NAG J . 16.90 -12.13 39.79
C5 NAG J . 15.34 -12.09 40.03
C6 NAG J . 14.93 -12.41 41.48
C7 NAG J . 16.39 -10.29 35.49
C8 NAG J . 16.71 -9.63 34.17
N2 NAG J . 16.80 -9.73 36.65
O3 NAG J . 18.60 -11.50 38.14
O4 NAG J . 17.23 -13.56 39.91
O5 NAG J . 14.76 -10.76 39.72
O6 NAG J . 13.53 -12.66 41.60
O7 NAG J . 15.73 -11.33 35.49
C2 BGC J . 19.22 -14.65 38.86
C3 BGC J . 20.62 -15.21 39.15
C4 BGC J . 21.48 -14.05 39.66
C5 BGC J . 20.84 -13.45 40.92
C6 BGC J . 21.67 -12.31 41.46
C1 BGC J . 18.66 -13.99 40.15
O2 BGC J . 18.37 -15.71 38.42
O3 BGC J . 21.33 -15.91 38.05
O4 BGC J . 22.76 -14.56 40.01
O5 BGC J . 19.51 -12.94 40.62
O6 BGC J . 22.94 -12.78 41.89
C1 NAG K . -15.51 2.96 35.98
C2 NAG K . -15.26 3.89 37.27
C3 NAG K . -16.16 3.38 38.46
C4 NAG K . -17.68 3.36 38.02
C5 NAG K . -17.83 2.40 36.78
C6 NAG K . -19.24 2.33 36.20
C7 NAG K . -13.00 4.80 37.81
C8 NAG K . -11.57 4.54 38.20
N2 NAG K . -13.84 3.76 37.66
O3 NAG K . -15.96 4.30 39.55
O4 NAG K . -18.78 3.17 38.98
O5 NAG K . -16.96 2.91 35.69
O6 NAG K . -19.34 1.42 35.11
O7 NAG K . -13.38 5.97 37.63
C1 NAG K . -18.68 2.38 40.26
C2 NAG K . -18.38 0.83 40.08
C3 NAG K . -18.53 0.18 41.51
C4 NAG K . -17.54 0.87 42.54
C5 NAG K . -17.84 2.42 42.59
C6 NAG K . -16.83 3.20 43.44
C7 NAG K . -19.06 -0.78 38.30
C8 NAG K . -20.12 -1.35 37.39
N2 NAG K . -19.37 0.21 39.14
O3 NAG K . -18.19 -1.22 41.42
O4 NAG K . -17.50 0.32 43.92
O5 NAG K . -17.75 2.99 41.21
O6 NAG K . -17.28 4.51 43.73
O7 NAG K . -17.92 -1.26 38.23
C1 BMA K . -18.71 -0.29 44.66
C2 BMA K . -19.83 0.75 45.09
C3 BMA K . -20.87 -0.03 45.99
C4 BMA K . -21.48 -1.22 45.18
C5 BMA K . -20.31 -2.19 44.73
C6 BMA K . -20.78 -3.31 43.80
O2 BMA K . -20.52 1.34 43.98
O3 BMA K . -21.91 0.87 46.43
O4 BMA K . -22.40 -1.92 46.03
O5 BMA K . -19.31 -1.42 43.94
O6 BMA K . -21.58 -4.28 44.50
C1 NAG L . 0.61 -7.97 37.76
C2 NAG L . -0.17 -7.64 39.10
C3 NAG L . 0.40 -8.57 40.23
C4 NAG L . 0.23 -10.08 39.82
C5 NAG L . 0.97 -10.33 38.45
C6 NAG L . 0.80 -11.74 37.89
C7 NAG L . -0.91 -5.26 39.33
C8 NAG L . -0.62 -3.83 39.66
N2 NAG L . 0.06 -6.20 39.42
O3 NAG L . -0.30 -8.31 41.44
O4 NAG L . 0.86 -10.91 40.84
O5 NAG L . 0.43 -9.39 37.42
O6 NAG L . 1.60 -11.94 36.73
O7 NAG L . -2.06 -5.58 38.99
C1 NAG L . 0.02 -12.05 41.40
C2 NAG L . 1.01 -13.09 42.07
C3 NAG L . 0.16 -14.26 42.65
C4 NAG L . -0.90 -13.73 43.69
C5 NAG L . -1.81 -12.68 42.94
C6 NAG L . -2.86 -12.01 43.83
C7 NAG L . 3.29 -13.51 41.10
C8 NAG L . 4.13 -14.09 40.00
N2 NAG L . 1.94 -13.62 41.03
O3 NAG L . 1.06 -15.21 43.26
O4 NAG L . -1.70 -14.86 44.15
O5 NAG L . -0.97 -11.59 42.36
O6 NAG L . -3.76 -11.21 43.08
O7 NAG L . 3.84 -12.95 42.06
C1 BMA L . -1.86 -15.08 45.65
C2 BMA L . -0.59 -15.81 46.27
C3 BMA L . -0.90 -16.10 47.78
C4 BMA L . -1.22 -14.75 48.52
C5 BMA L . -2.47 -14.09 47.83
C6 BMA L . -2.85 -12.72 48.43
O2 BMA L . 0.60 -15.02 46.15
O3 BMA L . 0.24 -16.74 48.39
O4 BMA L . -1.52 -15.04 49.90
O5 BMA L . -2.17 -13.86 46.37
O6 BMA L . -4.16 -12.32 48.05
C1 NAG M . -1.55 15.98 32.63
C2 NAG M . -0.66 17.16 33.19
C3 NAG M . -1.39 17.75 34.45
C4 NAG M . -2.84 18.26 34.09
C5 NAG M . -3.65 17.05 33.47
C6 NAG M . -5.02 17.43 32.89
C7 NAG M . 1.82 17.20 33.40
C8 NAG M . 3.08 16.57 33.90
N2 NAG M . 0.64 16.60 33.63
O3 NAG M . -0.61 18.85 34.96
O4 NAG M . -3.39 18.66 35.39
O5 NAG M . -2.90 16.50 32.32
O6 NAG M . -5.80 16.29 32.57
O7 NAG M . 1.89 18.28 32.78
C1 NAG M . -4.51 19.67 35.42
C2 NAG M . -4.30 20.64 36.66
C3 NAG M . -5.54 21.60 36.72
C4 NAG M . -5.69 22.40 35.37
C5 NAG M . -5.83 21.36 34.19
C6 NAG M . -5.89 22.03 32.82
C7 NAG M . -3.42 20.16 38.94
C8 NAG M . -3.38 19.28 40.16
N2 NAG M . -4.20 19.82 37.90
O3 NAG M . -5.37 22.53 37.81
O4 NAG M . -6.90 23.22 35.40
O5 NAG M . -4.66 20.44 34.18
O6 NAG M . -6.15 21.09 31.78
O7 NAG M . -2.72 21.18 38.92
C1 BMA M . -6.78 24.64 35.92
C2 BMA M . -6.76 25.64 34.68
C3 BMA M . -6.62 27.10 35.24
C4 BMA M . -7.79 27.41 36.25
C5 BMA M . -7.75 26.36 37.42
C6 BMA M . -8.91 26.52 38.41
O2 BMA M . -7.95 25.50 33.89
O3 BMA M . -6.62 28.04 34.15
O4 BMA M . -7.63 28.74 36.77
O5 BMA M . -7.85 24.98 36.84
O6 BMA M . -8.75 25.69 39.55
C1 NAG N . 20.88 7.24 15.20
C2 NAG N . 20.15 8.14 16.26
C3 NAG N . 21.18 9.15 16.83
C4 NAG N . 22.38 8.39 17.50
C5 NAG N . 23.00 7.42 16.44
C6 NAG N . 24.11 6.53 16.98
C7 NAG N . 17.75 8.67 16.02
C8 NAG N . 16.64 9.45 15.36
N2 NAG N . 19.01 8.86 15.64
O3 NAG N . 20.48 9.92 17.82
O4 NAG N . 23.43 9.33 17.80
O5 NAG N . 21.97 6.52 15.88
O6 NAG N . 23.89 6.05 18.30
O7 NAG N . 17.45 7.86 16.90
C1 NAG N . 23.55 9.81 19.21
C2 NAG N . 24.99 10.45 19.35
C3 NAG N . 25.13 11.01 20.80
C4 NAG N . 23.98 12.04 21.10
C5 NAG N . 22.61 11.31 20.92
C6 NAG N . 21.41 12.22 21.18
C7 NAG N . 26.82 9.36 18.07
C8 NAG N . 27.80 8.23 17.91
N2 NAG N . 25.99 9.39 19.11
O3 NAG N . 26.40 11.65 20.96
O4 NAG N . 24.00 12.44 22.48
O5 NAG N . 22.52 10.76 19.56
O6 NAG N . 21.46 13.46 20.48
O7 NAG N . 26.79 10.25 17.20
C1 BMA N . 24.56 13.78 22.82
C2 BMA N . 23.77 14.32 24.06
C3 BMA N . 24.33 15.70 24.45
C4 BMA N . 25.84 15.56 24.76
C5 BMA N . 26.56 15.00 23.48
C6 BMA N . 28.03 14.74 23.75
O2 BMA N . 23.88 13.38 25.14
O3 BMA N . 23.63 16.16 25.64
O4 BMA N . 26.39 16.83 25.11
O5 BMA N . 25.97 13.71 23.10
O6 BMA N . 28.19 13.86 24.87
C1 MAN N . 23.00 17.53 25.56
C2 MAN N . 22.44 17.94 26.95
C3 MAN N . 21.25 17.05 27.27
C4 MAN N . 20.21 17.24 26.19
C5 MAN N . 20.83 16.83 24.86
C6 MAN N . 19.84 16.94 23.74
O2 MAN N . 21.97 19.31 26.92
O3 MAN N . 20.71 17.42 28.55
O4 MAN N . 19.07 16.45 26.48
O5 MAN N . 21.99 17.64 24.55
O6 MAN N . 19.62 18.30 23.39
C1 MAN N . 22.77 20.30 27.74
C2 MAN N . 21.92 21.63 27.90
C3 MAN N . 21.81 22.32 26.51
C4 MAN N . 23.25 22.61 25.93
C5 MAN N . 24.03 21.25 25.82
C6 MAN N . 25.48 21.41 25.37
O2 MAN N . 22.53 22.46 28.89
O3 MAN N . 21.07 23.54 26.63
O4 MAN N . 23.11 23.22 24.64
O5 MAN N . 24.08 20.60 27.16
O6 MAN N . 25.58 21.68 23.97
C1 MAN N . 29.59 13.68 25.34
C2 MAN N . 29.54 12.79 26.59
C3 MAN N . 28.81 13.55 27.71
C4 MAN N . 29.63 14.83 27.97
C5 MAN N . 29.64 15.65 26.69
C6 MAN N . 30.42 16.94 26.90
O2 MAN N . 30.86 12.49 27.00
O3 MAN N . 28.70 12.70 28.88
O4 MAN N . 29.04 15.59 29.01
O5 MAN N . 30.28 14.91 25.60
O6 MAN N . 29.75 17.79 27.80
C1 MAN N . 27.41 12.83 29.67
C2 MAN N . 27.49 11.94 30.98
C3 MAN N . 27.44 10.44 30.55
C4 MAN N . 26.12 10.15 29.74
C5 MAN N . 26.11 11.08 28.46
C6 MAN N . 24.80 10.98 27.66
O2 MAN N . 26.43 12.30 31.88
O3 MAN N . 27.49 9.61 31.73
O4 MAN N . 26.11 8.77 29.35
O5 MAN N . 26.20 12.50 28.89
O6 MAN N . 24.63 9.72 27.00
C1 NAG O . 30.08 21.21 -1.87
C2 NAG O . 29.14 21.99 -0.85
C3 NAG O . 29.20 23.51 -1.21
C4 NAG O . 30.67 24.03 -1.10
C5 NAG O . 31.57 23.18 -2.08
C6 NAG O . 33.06 23.51 -1.98
C7 NAG O . 27.18 20.69 -0.03
C8 NAG O . 25.74 20.22 -0.12
N2 NAG O . 27.73 21.50 -0.95
O3 NAG O . 28.36 24.23 -0.29
O4 NAG O . 30.68 25.39 -1.58
O5 NAG O . 31.44 21.74 -1.75
O6 NAG O . 33.86 22.63 -2.77
O7 NAG O . 27.88 20.33 0.92
C1 NAG O . 31.28 26.43 -0.67
C2 NAG O . 31.55 27.71 -1.56
C3 NAG O . 32.17 28.82 -0.64
C4 NAG O . 31.18 29.14 0.55
C5 NAG O . 30.96 27.81 1.37
C6 NAG O . 29.97 27.98 2.53
C7 NAG O . 32.16 27.06 -3.90
C8 NAG O . 33.21 26.70 -4.92
N2 NAG O . 32.53 27.35 -2.64
O3 NAG O . 32.37 30.00 -1.43
O4 NAG O . 31.75 30.17 1.40
O5 NAG O . 30.42 26.76 0.46
O6 NAG O . 29.91 26.82 3.36
O7 NAG O . 30.97 27.08 -4.25
C1 BMA O . 31.14 31.58 1.31
C2 BMA O . 29.99 31.73 2.38
C3 BMA O . 29.38 33.17 2.23
C4 BMA O . 30.50 34.25 2.41
C5 BMA O . 31.63 34.01 1.33
C6 BMA O . 32.81 34.96 1.46
O2 BMA O . 30.49 31.51 3.71
O3 BMA O . 28.33 33.36 3.21
O4 BMA O . 29.95 35.56 2.25
O5 BMA O . 32.16 32.62 1.48
O6 BMA O . 33.71 34.83 0.36
C1 NAG P . 12.66 -27.07 3.82
C2 NAG P . 13.33 -27.96 2.70
C3 NAG P . 14.74 -28.42 3.24
C4 NAG P . 15.62 -27.17 3.50
C5 NAG P . 14.88 -26.22 4.51
C6 NAG P . 15.54 -24.84 4.59
C7 NAG P . 12.43 -29.58 1.07
C8 NAG P . 11.51 -30.70 0.73
N2 NAG P . 12.46 -29.08 2.33
O3 NAG P . 15.38 -29.26 2.27
O4 NAG P . 16.82 -27.60 4.19
O5 NAG P . 13.53 -25.92 4.03
O6 NAG P . 15.89 -24.30 3.31
O7 NAG P . 13.15 -29.12 0.17
C1 NAG P . 18.14 -27.31 3.53
C2 NAG P . 19.22 -27.14 4.66
C3 NAG P . 20.60 -26.87 3.96
C4 NAG P . 20.95 -28.07 3.00
C5 NAG P . 19.81 -28.18 1.92
C6 NAG P . 19.97 -29.35 0.97
C7 NAG P . 18.66 -26.08 6.85
C8 NAG P . 18.31 -24.86 7.65
N2 NAG P . 18.88 -25.98 5.52
O3 NAG P . 21.60 -26.71 4.97
O4 NAG P . 22.23 -27.84 2.34
O5 NAG P . 18.51 -28.37 2.61
O6 NAG P . 19.94 -30.61 1.64
O7 NAG P . 18.74 -27.17 7.44
C1 BMA P . 23.21 -28.99 2.48
C2 BMA P . 24.50 -28.66 1.63
C3 BMA P . 25.47 -29.87 1.75
C4 BMA P . 25.81 -30.09 3.25
C5 BMA P . 24.50 -30.37 4.03
C6 BMA P . 24.72 -30.55 5.53
O2 BMA P . 25.11 -27.46 2.10
O3 BMA P . 26.66 -29.56 0.96
O4 BMA P . 26.68 -31.22 3.39
O5 BMA P . 23.57 -29.23 3.86
O6 BMA P . 25.64 -29.61 6.10
C1 MAN P . 27.35 -30.72 0.27
C2 MAN P . 28.38 -30.15 -0.77
C3 MAN P . 27.58 -29.48 -1.95
C4 MAN P . 26.62 -30.54 -2.61
C5 MAN P . 25.64 -31.08 -1.51
C6 MAN P . 24.70 -32.18 -2.02
O2 MAN P . 29.26 -31.18 -1.23
O3 MAN P . 28.49 -28.95 -2.93
O4 MAN P . 25.88 -29.93 -3.67
O5 MAN P . 26.43 -31.66 -0.38
O6 MAN P . 23.63 -32.42 -1.10
C1 MAN P . 24.98 -28.35 6.56
C2 MAN P . 26.07 -27.22 6.75
C3 MAN P . 26.96 -27.58 7.98
C4 MAN P . 26.07 -27.76 9.25
C5 MAN P . 25.01 -28.90 8.99
C6 MAN P . 24.02 -29.11 10.14
O2 MAN P . 25.43 -25.94 6.87
O3 MAN P . 27.93 -26.55 8.19
O4 MAN P . 26.89 -28.13 10.37
O5 MAN P . 24.20 -28.54 7.78
O6 MAN P . 23.12 -30.17 9.88
C1 NAG Q . -7.46 -37.57 -3.79
C2 NAG Q . -8.76 -38.39 -4.20
C3 NAG Q . -9.36 -39.04 -2.91
C4 NAG Q . -8.31 -39.97 -2.21
C5 NAG Q . -7.03 -39.12 -1.90
C6 NAG Q . -5.89 -39.94 -1.31
C7 NAG Q . -10.29 -37.52 -5.97
C8 NAG Q . -11.29 -36.47 -6.39
N2 NAG Q . -9.76 -37.44 -4.74
O3 NAG Q . -10.50 -39.82 -3.30
O4 NAG Q . -8.93 -40.37 -0.95
O5 NAG Q . -6.52 -38.50 -3.16
O6 NAG Q . -5.45 -40.99 -2.18
O7 NAG Q . -9.97 -38.41 -6.75
C1 NAG Q . -8.74 -41.79 -0.51
C2 NAG Q . -8.82 -41.83 1.07
C3 NAG Q . -8.53 -43.30 1.53
C4 NAG Q . -9.60 -44.27 0.89
C5 NAG Q . -9.52 -44.13 -0.68
C6 NAG Q . -10.58 -44.95 -1.42
C7 NAG Q . -8.16 -39.73 2.24
C8 NAG Q . -7.09 -38.82 2.78
N2 NAG Q . -7.82 -40.89 1.66
O3 NAG Q . -8.58 -43.36 2.96
O4 NAG Q . -9.29 -45.65 1.21
O5 NAG Q . -9.72 -42.70 -1.08
O6 NAG Q . -10.36 -44.96 -2.82
O7 NAG Q . -9.35 -39.38 2.35
C1 BMA Q . -10.20 -46.33 2.22
C2 BMA Q . -9.96 -47.89 2.17
C3 BMA Q . -10.91 -48.56 3.22
C4 BMA Q . -10.63 -47.98 4.66
C5 BMA Q . -10.86 -46.42 4.63
C6 BMA Q . -10.50 -45.74 5.96
O2 BMA Q . -8.58 -48.22 2.43
O3 BMA Q . -10.71 -49.99 3.21
O4 BMA Q . -11.53 -48.58 5.60
O5 BMA Q . -9.98 -45.82 3.57
O6 BMA Q . -10.90 -44.37 5.99
C1 NAG R . 13.49 -30.96 9.09
C2 NAG R . 12.63 -32.29 9.24
C3 NAG R . 13.61 -33.51 9.26
C4 NAG R . 14.45 -33.55 7.93
C5 NAG R . 15.22 -32.18 7.79
C6 NAG R . 16.00 -32.10 6.45
C7 NAG R . 12.06 -32.05 11.69
C8 NAG R . 11.01 -32.05 12.76
N2 NAG R . 11.71 -32.25 10.41
O3 NAG R . 12.84 -34.71 9.42
O4 NAG R . 15.47 -34.60 8.00
O5 NAG R . 14.26 -31.03 7.83
O6 NAG R . 16.58 -30.82 6.21
O7 NAG R . 13.25 -31.87 12.01
C1 NAG R . 15.04 -36.04 7.73
C2 NAG R . 16.17 -36.72 6.85
C3 NAG R . 15.74 -38.21 6.58
C4 NAG R . 15.53 -38.95 7.95
C5 NAG R . 14.42 -38.20 8.78
C6 NAG R . 14.21 -38.80 10.18
C7 NAG R . 17.46 -35.53 5.06
C8 NAG R . 17.48 -34.80 3.74
N2 NAG R . 16.29 -35.98 5.55
O3 NAG R . 16.78 -38.89 5.83
O4 NAG R . 15.11 -40.30 7.70
O5 NAG R . 14.84 -36.78 8.97
O6 NAG R . 13.06 -38.24 10.82
O7 NAG R . 18.53 -35.72 5.66
C1 NAG S . -22.26 -34.48 -3.32
C2 NAG S . -21.90 -35.01 -4.75
C3 NAG S . -22.60 -34.07 -5.77
C4 NAG S . -24.15 -34.00 -5.55
C5 NAG S . -24.43 -33.57 -4.07
C6 NAG S . -25.92 -33.62 -3.69
C7 NAG S . -19.70 -35.69 -5.69
C8 NAG S . -18.21 -35.52 -5.72
N2 NAG S . -20.42 -34.95 -4.86
O3 NAG S . -22.34 -34.55 -7.10
O4 NAG S . -24.54 -32.87 -6.36
O5 NAG S . -23.72 -34.48 -3.13
O6 NAG S . -26.18 -32.93 -2.48
O7 NAG S . -20.22 -36.54 -6.41
C1 NAG S . -25.69 -32.99 -7.30
C2 NAG S . -25.18 -33.37 -8.75
C3 NAG S . -26.40 -33.27 -9.74
C4 NAG S . -27.60 -34.19 -9.25
C5 NAG S . -27.95 -33.81 -7.76
C6 NAG S . -29.01 -34.71 -7.12
C7 NAG S . -23.95 -31.22 -9.27
C8 NAG S . -22.68 -30.52 -9.68
N2 NAG S . -23.99 -32.57 -9.17
O3 NAG S . -25.95 -33.74 -11.01
O4 NAG S . -28.82 -33.82 -9.99
O5 NAG S . -26.75 -33.89 -6.87
O6 NAG S . -29.52 -34.17 -5.90
O7 NAG S . -24.94 -30.52 -9.01
C2 BGC S . -28.89 -33.25 -12.43
C3 BGC S . -29.28 -33.79 -13.81
C4 BGC S . -28.42 -35.01 -14.08
C5 BGC S . -28.64 -36.07 -12.98
C6 BGC S . -27.81 -37.30 -13.23
C1 BGC S . -29.07 -34.38 -11.37
O2 BGC S . -29.70 -32.12 -12.10
O3 BGC S . -29.20 -32.85 -14.96
O4 BGC S . -28.80 -35.58 -15.32
O5 BGC S . -28.28 -35.53 -11.68
O6 BGC S . -28.21 -37.95 -14.42
C1 NAG T . -18.20 -25.01 24.22
C2 NAG T . -18.02 -26.55 24.63
C3 NAG T . -19.21 -26.99 25.58
C4 NAG T . -19.24 -26.04 26.84
C5 NAG T . -19.46 -24.57 26.35
C6 NAG T . -19.46 -23.52 27.47
C7 NAG T . -17.16 -28.25 23.00
C8 NAG T . -17.34 -29.01 21.71
N2 NAG T . -18.09 -27.37 23.39
O3 NAG T . -18.94 -28.35 25.98
O4 NAG T . -20.07 -26.33 28.04
O5 NAG T . -18.35 -24.21 25.44
O6 NAG T . -19.71 -22.20 26.98
O7 NAG T . -16.13 -28.45 23.68
C1 NAG T . -21.37 -27.10 28.01
C2 NAG T . -22.54 -26.41 27.18
C3 NAG T . -23.85 -27.28 27.46
C4 NAG T . -23.63 -28.78 27.05
C5 NAG T . -22.38 -29.36 27.84
C6 NAG T . -21.99 -30.77 27.40
C7 NAG T . -23.13 -24.01 26.82
C8 NAG T . -23.33 -22.63 27.36
N2 NAG T . -22.77 -25.01 27.64
O3 NAG T . -24.93 -26.73 26.67
O4 NAG T . -24.78 -29.70 27.18
O5 NAG T . -21.20 -28.49 27.60
O6 NAG T . -21.09 -31.39 28.32
O7 NAG T . -23.31 -24.20 25.60
C1 BMA T . -25.86 -29.59 28.27
C2 BMA T . -25.38 -29.97 29.74
C3 BMA T . -26.66 -30.00 30.66
C4 BMA T . -27.38 -28.59 30.62
C5 BMA T . -27.77 -28.25 29.13
C6 BMA T . -28.34 -26.84 28.95
O2 BMA T . -24.44 -29.03 30.29
O3 BMA T . -26.30 -30.33 32.01
O4 BMA T . -28.54 -28.64 31.45
O5 BMA T . -26.55 -28.30 28.26
O6 BMA T . -29.63 -26.70 29.54
C1 NAG U . -25.72 -28.05 6.42
C2 NAG U . -26.25 -28.99 7.57
C3 NAG U . -27.51 -29.75 7.04
C4 NAG U . -28.62 -28.72 6.61
C5 NAG U . -28.00 -27.78 5.50
C6 NAG U . -28.95 -26.66 5.05
C7 NAG U . -24.47 -29.89 9.09
C8 NAG U . -23.38 -30.88 9.39
N2 NAG U . -25.15 -29.95 7.92
O3 NAG U . -28.03 -30.61 8.08
O4 NAG U . -29.73 -29.46 6.02
O5 NAG U . -26.78 -27.11 6.03
O6 NAG U . -28.40 -25.92 3.96
O7 NAG U . -24.75 -29.05 9.95
C1 NAG U . -31.11 -29.13 6.55
C2 NAG U . -32.17 -29.62 5.48
C3 NAG U . -33.60 -29.28 6.01
C4 NAG U . -33.84 -29.96 7.42
C5 NAG U . -32.72 -29.43 8.41
C6 NAG U . -32.79 -30.04 9.80
C7 NAG U . -31.67 -29.51 3.02
C8 NAG U . -31.46 -28.68 1.78
N2 NAG U . -31.95 -28.90 4.19
O3 NAG U . -34.56 -29.73 5.04
O4 NAG U . -35.17 -29.55 7.90
O5 NAG U . -31.37 -29.74 7.85
O6 NAG U . -31.87 -29.42 10.70
O7 NAG U . -31.58 -30.74 2.95
C1 BMA U . -36.14 -30.64 8.34
C2 BMA U . -36.86 -31.34 7.11
C3 BMA U . -37.92 -32.35 7.67
C4 BMA U . -37.21 -33.40 8.61
C5 BMA U . -36.50 -32.63 9.79
C6 BMA U . -35.71 -33.55 10.73
O2 BMA U . -35.94 -32.02 6.26
O3 BMA U . -38.58 -33.02 6.59
O4 BMA U . -38.18 -34.30 9.14
O5 BMA U . -35.53 -31.65 9.22
O6 BMA U . -35.39 -32.91 11.95
C1 NAG V . -3.19 -33.01 14.94
C2 NAG V . -2.33 -34.31 14.65
C3 NAG V . -2.58 -35.31 15.83
C4 NAG V . -2.21 -34.68 17.22
C5 NAG V . -3.05 -33.35 17.41
C6 NAG V . -2.66 -32.51 18.63
C7 NAG V . -1.98 -35.43 12.46
C8 NAG V . -2.58 -36.07 11.23
N2 NAG V . -2.81 -34.92 13.39
O3 NAG V . -1.78 -36.49 15.60
O4 NAG V . -2.62 -35.70 18.18
O5 NAG V . -2.81 -32.45 16.24
O6 NAG V . -3.60 -31.47 18.88
O7 NAG V . -0.76 -35.41 12.59
C1 NAG V . -1.96 -35.72 19.54
C2 NAG V . -1.73 -37.23 19.98
C3 NAG V . -1.14 -37.21 21.45
C4 NAG V . 0.18 -36.37 21.49
C5 NAG V . -0.12 -34.91 20.98
C6 NAG V . 1.13 -34.04 20.91
C7 NAG V . -3.15 -39.25 19.60
C8 NAG V . -4.49 -39.90 19.59
N2 NAG V . -3.03 -37.96 19.94
O3 NAG V . -0.89 -38.56 21.87
O4 NAG V . 0.66 -36.28 22.87
O5 NAG V . -0.71 -34.97 19.61
O6 NAG V . 0.82 -32.69 20.56
O7 NAG V . -2.15 -39.93 19.30
C1 BMA V . 1.63 -37.36 23.36
C2 BMA V . 3.11 -36.75 23.36
C3 BMA V . 4.08 -37.89 23.85
C4 BMA V . 3.65 -38.39 25.26
C5 BMA V . 2.17 -38.94 25.19
C6 BMA V . 1.61 -39.38 26.55
O2 BMA V . 3.19 -35.59 24.19
O3 BMA V . 5.43 -37.38 23.88
O4 BMA V . 4.53 -39.44 25.69
O5 BMA V . 1.28 -37.85 24.68
O6 BMA V . 0.37 -40.04 26.42
C1 NAG W . -22.79 3.34 -19.42
C2 NAG W . -22.87 4.39 -20.61
C3 NAG W . -23.30 3.60 -21.90
C4 NAG W . -22.23 2.53 -22.22
C5 NAG W . -22.06 1.58 -20.99
C6 NAG W . -20.82 0.69 -21.10
C7 NAG W . -23.56 6.75 -20.72
C8 NAG W . -24.50 7.85 -20.34
N2 NAG W . -23.78 5.50 -20.27
O3 NAG W . -23.43 4.51 -23.00
O4 NAG W . -22.75 1.68 -23.28
O5 NAG W . -21.77 2.35 -19.77
O6 NAG W . -19.66 1.38 -21.58
O7 NAG W . -22.61 7.02 -21.46
C1 NAG W . -21.95 1.60 -24.55
C2 NAG W . -22.19 0.19 -25.20
C3 NAG W . -21.39 0.12 -26.54
C4 NAG W . -21.86 1.28 -27.49
C5 NAG W . -21.60 2.64 -26.76
C6 NAG W . -22.09 3.87 -27.54
C7 NAG W . -22.50 -1.85 -23.79
C8 NAG W . -21.93 -2.90 -22.86
N2 NAG W . -21.71 -0.89 -24.28
O3 NAG W . -21.60 -1.15 -27.15
O4 NAG W . -21.13 1.24 -28.75
O5 NAG W . -22.33 2.66 -25.47
O6 NAG W . -23.50 3.85 -27.77
O7 NAG W . -23.70 -1.92 -24.07
C1 BMA W . -22.00 1.24 -29.99
C2 BMA W . -21.10 1.31 -31.26
C3 BMA W . -22.02 1.35 -32.52
C4 BMA W . -22.91 0.08 -32.52
C5 BMA W . -23.75 0.05 -31.21
C6 BMA W . -24.63 -1.20 -31.09
O2 BMA W . -20.21 0.19 -31.32
O3 BMA W . -21.17 1.41 -33.69
O4 BMA W . -23.79 0.10 -33.64
O5 BMA W . -22.85 0.07 -30.03
O6 BMA W . -23.96 -2.41 -31.48
C1 MAN W . -21.68 2.21 -34.88
C2 MAN W . -20.50 2.44 -35.90
C3 MAN W . -19.48 3.44 -35.25
C4 MAN W . -20.20 4.79 -34.90
C5 MAN W . -21.37 4.48 -33.90
C6 MAN W . -22.20 5.72 -33.53
O2 MAN W . -21.01 2.91 -37.15
O3 MAN W . -18.39 3.68 -36.16
O4 MAN W . -19.27 5.68 -34.28
O5 MAN W . -22.30 3.49 -34.52
O6 MAN W . -23.04 5.46 -32.40
C1 MAN W . -23.24 -3.08 -30.35
C2 MAN W . -22.19 -4.11 -30.92
C3 MAN W . -22.99 -5.31 -31.54
C4 MAN W . -23.93 -5.95 -30.47
C5 MAN W . -24.93 -4.85 -29.95
C6 MAN W . -25.84 -5.34 -28.83
O2 MAN W . -21.29 -4.51 -29.89
O3 MAN W . -22.05 -6.28 -32.04
O4 MAN W . -24.66 -7.03 -31.05
O5 MAN W . -24.15 -3.70 -29.40
O6 MAN W . -26.77 -4.34 -28.41
C1 NAG X . -31.15 21.67 -6.48
C2 NAG X . -31.85 22.85 -5.66
C3 NAG X . -33.15 22.28 -5.01
C4 NAG X . -34.11 21.70 -6.08
C5 NAG X . -33.34 20.60 -6.89
C6 NAG X . -34.14 20.01 -8.05
C7 NAG X . -30.47 24.52 -4.44
C8 NAG X . -29.54 24.81 -3.30
N2 NAG X . -30.94 23.28 -4.58
O3 NAG X . -33.80 23.36 -4.32
O4 NAG X . -35.19 21.05 -5.33
O5 NAG X . -32.10 21.17 -7.48
O6 NAG X . -34.52 21.00 -9.01
O7 NAG X . -30.78 25.42 -5.22
C1 NAG X . -36.60 21.21 -5.86
C2 NAG X . -37.43 19.95 -5.40
C3 NAG X . -38.87 20.08 -6.03
C4 NAG X . -39.53 21.43 -5.53
C5 NAG X . -38.61 22.63 -5.96
C6 NAG X . -39.11 23.98 -5.44
C7 NAG X . -36.14 17.86 -5.01
C8 NAG X . -35.47 16.62 -5.55
N2 NAG X . -36.77 18.70 -5.85
O3 NAG X . -39.65 18.94 -5.64
O4 NAG X . -40.82 21.61 -6.19
O5 NAG X . -37.24 22.43 -5.41
O6 NAG X . -38.38 25.06 -6.01
O7 NAG X . -36.09 18.08 -3.78
C1 BMA X . -42.06 21.41 -5.32
C2 BMA X . -43.30 22.01 -6.07
C3 BMA X . -44.57 21.79 -5.16
C4 BMA X . -44.75 20.25 -4.86
C5 BMA X . -43.45 19.72 -4.14
C6 BMA X . -43.49 18.20 -3.91
O2 BMA X . -43.50 21.42 -7.36
O3 BMA X . -45.74 22.32 -5.80
O4 BMA X . -45.89 20.07 -4.00
O5 BMA X . -42.27 19.99 -5.01
O6 BMA X . -42.42 17.75 -3.08
C1 NAG Y . -28.61 0.31 -20.11
C2 NAG Y . -29.96 1.07 -19.72
C3 NAG Y . -30.85 1.18 -21.00
C4 NAG Y . -30.07 1.98 -22.12
C5 NAG Y . -28.70 1.24 -22.41
C6 NAG Y . -27.84 2.01 -23.42
C7 NAG Y . -31.08 -0.84 -18.51
C8 NAG Y . -31.79 -1.33 -17.27
N2 NAG Y . -30.67 0.43 -18.57
O3 NAG Y . -32.07 1.85 -20.66
O4 NAG Y . -30.82 1.98 -23.37
O5 NAG Y . -27.90 1.08 -21.15
O6 NAG Y . -26.54 1.45 -23.61
O7 NAG Y . -30.91 -1.63 -19.44
C1 NAG Y . -31.97 2.97 -23.53
C2 NAG Y . -31.92 3.54 -25.00
C3 NAG Y . -33.13 4.54 -25.17
C4 NAG Y . -34.48 3.81 -24.86
C5 NAG Y . -34.44 3.23 -23.40
C6 NAG Y . -35.68 2.42 -23.05
C7 NAG Y . -29.81 4.04 -26.25
C8 NAG Y . -28.52 4.81 -26.36
N2 NAG Y . -30.63 4.26 -25.20
O3 NAG Y . -33.15 5.05 -26.51
O4 NAG Y . -35.56 4.74 -25.00
O5 NAG Y . -33.27 2.33 -23.26
O6 NAG Y . -35.73 2.08 -21.66
O7 NAG Y . -30.09 3.21 -27.12
C1 NAG Z . -31.19 25.61 8.14
C2 NAG Z . -30.86 26.89 7.26
C3 NAG Z . -29.66 27.60 7.95
C4 NAG Z . -29.96 27.98 9.44
C5 NAG Z . -30.40 26.68 10.21
C6 NAG Z . -30.88 26.96 11.64
C7 NAG Z . -30.61 27.10 4.79
C8 NAG Z . -30.20 26.50 3.49
N2 NAG Z . -30.51 26.39 5.91
O3 NAG Z . -29.36 28.80 7.22
O4 NAG Z . -28.67 28.32 9.96
O5 NAG Z . -31.52 26.02 9.50
O6 NAG Z . -30.94 25.76 12.41
O7 NAG Z . -31.04 28.26 4.81
C1 NAG Z . -28.48 29.59 10.73
C2 NAG Z . -28.00 30.75 9.77
C3 NAG Z . -27.61 31.98 10.67
C4 NAG Z . -28.83 32.42 11.57
C5 NAG Z . -29.31 31.16 12.39
C6 NAG Z . -30.57 31.42 13.23
C7 NAG Z . -25.70 29.81 9.22
C8 NAG Z . -24.70 29.37 8.18
N2 NAG Z . -26.90 30.30 8.85
O3 NAG Z . -27.29 33.06 9.78
O4 NAG Z . -28.34 33.34 12.61
O5 NAG Z . -29.63 30.00 11.50
O6 NAG Z . -30.82 30.38 14.18
O7 NAG Z . -25.41 29.68 10.41
C2 BGC Z . -26.64 35.13 12.25
C3 BGC Z . -26.46 36.66 12.08
C4 BGC Z . -27.22 37.07 10.82
C5 BGC Z . -28.70 36.68 10.97
C6 BGC Z . -29.49 37.08 9.74
C1 BGC Z . -28.16 34.81 12.32
O2 BGC Z . -25.99 34.71 13.45
O3 BGC Z . -25.07 37.19 12.02
O4 BGC Z . -27.14 38.47 10.67
O5 BGC Z . -28.85 35.24 11.13
O6 BGC Z . -29.50 38.50 9.59
C1 NAG AA . -36.41 -2.60 14.53
C2 NAG AA . -37.90 -2.37 13.96
C3 NAG AA . -38.94 -2.51 15.14
C4 NAG AA . -38.78 -3.94 15.81
C5 NAG AA . -37.31 -4.07 16.36
C6 NAG AA . -36.99 -5.42 16.98
C7 NAG AA . -38.37 -0.64 12.20
C8 NAG AA . -38.39 0.81 11.80
N2 NAG AA . -37.98 -0.97 13.44
O3 NAG AA . -40.25 -2.37 14.56
O4 NAG AA . -39.75 -4.48 16.77
O5 NAG AA . -36.37 -3.89 15.23
O6 NAG AA . -35.67 -5.48 17.51
O7 NAG AA . -38.71 -1.51 11.38
C1 NAG AA . -40.61 -3.64 17.69
C2 NAG AA . -39.80 -2.80 18.77
C3 NAG AA . -40.88 -2.18 19.76
C4 NAG AA . -41.93 -1.30 18.94
C5 NAG AA . -42.61 -2.18 17.83
C6 NAG AA . -43.51 -1.37 16.89
C7 NAG AA . -37.68 -3.29 20.00
C8 NAG AA . -36.81 -4.24 20.77
N2 NAG AA . -38.88 -3.69 19.54
O3 NAG AA . -40.21 -1.34 20.71
O4 NAG AA . -42.97 -0.58 19.73
O5 NAG AA . -41.55 -2.79 16.97
O6 NAG AA . -44.35 -2.21 16.11
O7 NAG AA . -37.26 -2.14 19.79
C1 BMA AA . -43.60 -1.11 21.03
C2 BMA AA . -44.58 -2.35 20.85
C3 BMA AA . -45.27 -2.62 22.24
C4 BMA AA . -44.17 -2.89 23.33
C5 BMA AA . -43.20 -1.66 23.42
C6 BMA AA . -42.01 -1.88 24.36
O2 BMA AA . -43.90 -3.54 20.42
O3 BMA AA . -46.18 -3.72 22.12
O4 BMA AA . -44.83 -3.11 24.59
O5 BMA AA . -42.61 -1.38 22.07
O6 BMA AA . -42.40 -1.93 25.73
C1 NAG BA . -31.22 16.22 15.85
C2 NAG BA . -32.70 15.86 16.31
C3 NAG BA . -33.28 17.10 17.08
C4 NAG BA . -32.36 17.44 18.32
C5 NAG BA . -30.91 17.73 17.79
C6 NAG BA . -29.89 17.99 18.89
C7 NAG BA . -33.93 14.31 14.80
C8 NAG BA . -34.74 14.05 13.55
N2 NAG BA . -33.50 15.55 15.09
O3 NAG BA . -34.61 16.79 17.53
O4 NAG BA . -32.88 18.66 18.94
O5 NAG BA . -30.41 16.55 17.02
O6 NAG BA . -28.61 18.37 18.36
O7 NAG BA . -33.69 13.35 15.54
C1 NAG BA . -33.09 18.62 20.44
C2 NAG BA . -33.14 20.11 20.97
C3 NAG BA . -33.36 20.06 22.52
C4 NAG BA . -34.69 19.28 22.88
C5 NAG BA . -34.55 17.82 22.28
C6 NAG BA . -35.79 16.95 22.49
C7 NAG BA . -31.73 21.89 19.93
C8 NAG BA . -30.37 22.48 19.70
N2 NAG BA . -31.84 20.79 20.67
O3 NAG BA . -33.41 21.42 23.01
O4 NAG BA . -34.80 19.22 24.34
O5 NAG BA . -34.31 17.89 20.80
O6 NAG BA . -35.56 15.60 22.09
O7 NAG BA . -32.72 22.44 19.43
C1 BMA BA . -36.11 19.67 24.98
C2 BMA BA . -36.19 21.26 25.09
C3 BMA BA . -37.51 21.62 25.86
C4 BMA BA . -38.75 21.02 25.12
C5 BMA BA . -38.58 19.46 25.01
C6 BMA BA . -39.70 18.77 24.24
O2 BMA BA . -36.19 21.90 23.81
O3 BMA BA . -37.63 23.05 25.98
O4 BMA BA . -39.94 21.33 25.84
O5 BMA BA . -37.30 19.13 24.31
O6 BMA BA . -39.72 17.36 24.48
C1 NAG CA . -36.03 2.69 -4.11
C2 NAG CA . -36.85 3.14 -5.39
C3 NAG CA . -38.34 2.68 -5.19
C4 NAG CA . -38.44 1.12 -4.98
C5 NAG CA . -37.55 0.74 -3.72
C6 NAG CA . -37.39 -0.76 -3.49
C7 NAG CA . -36.64 5.29 -6.62
C8 NAG CA . -36.65 6.79 -6.61
N2 NAG CA . -36.82 4.62 -5.48
O3 NAG CA . -39.09 3.06 -6.36
O4 NAG CA . -39.86 0.92 -4.69
O5 NAG CA . -36.16 1.23 -3.94
O6 NAG CA . -36.79 -1.05 -2.24
O7 NAG CA . -36.48 4.70 -7.71
C1 NAG CA . -40.46 -0.44 -4.96
C2 NAG CA . -41.92 -0.27 -5.55
C3 NAG CA . -42.55 -1.70 -5.69
C4 NAG CA . -41.64 -2.60 -6.62
C5 NAG CA . -40.20 -2.67 -5.99
C6 NAG CA . -39.21 -3.45 -6.86
C7 NAG CA . -43.68 1.43 -5.02
C8 NAG CA . -44.45 2.22 -4.00
N2 NAG CA . -42.72 0.56 -4.61
O3 NAG CA . -43.86 -1.58 -6.27
O4 NAG CA . -42.18 -3.96 -6.68
O5 NAG CA . -39.65 -1.29 -5.84
O6 NAG CA . -37.95 -3.61 -6.22
O7 NAG CA . -43.94 1.59 -6.22
C1 BMA CA . -43.18 -4.28 -7.79
C2 BMA CA . -42.44 -5.09 -8.92
C3 BMA CA . -43.47 -5.39 -10.07
C4 BMA CA . -44.70 -6.19 -9.48
C5 BMA CA . -45.35 -5.33 -8.33
C6 BMA CA . -46.51 -6.05 -7.62
O2 BMA CA . -41.86 -6.30 -8.41
O3 BMA CA . -42.84 -6.14 -11.12
O4 BMA CA . -45.64 -6.43 -10.51
O5 BMA CA . -44.33 -5.03 -7.29
O6 BMA CA . -47.21 -5.20 -6.73
C1 NAG DA . 1.88 -23.50 -12.78
C2 NAG DA . 1.99 -24.48 -11.55
C3 NAG DA . 2.72 -25.77 -12.01
C4 NAG DA . 1.94 -26.45 -13.18
C5 NAG DA . 1.77 -25.42 -14.33
C6 NAG DA . 0.92 -25.91 -15.50
C7 NAG DA . 2.17 -23.59 -9.25
C8 NAG DA . 2.98 -22.96 -8.16
N2 NAG DA . 2.73 -23.84 -10.44
O3 NAG DA . 2.77 -26.64 -10.87
O4 NAG DA . 2.76 -27.50 -13.75
O5 NAG DA . 1.12 -24.19 -13.83
O6 NAG DA . -0.20 -26.72 -15.12
O7 NAG DA . 0.99 -23.86 -9.03
C1 NAG DA . 2.47 -28.91 -13.35
C2 NAG DA . 3.18 -29.84 -14.40
C3 NAG DA . 2.94 -31.33 -13.98
C4 NAG DA . 3.48 -31.56 -12.53
C5 NAG DA . 2.74 -30.59 -11.57
C6 NAG DA . 3.17 -30.73 -10.10
C7 NAG DA . 3.21 -29.02 -16.76
C8 NAG DA . 2.49 -28.79 -18.05
N2 NAG DA . 2.56 -29.58 -15.73
O3 NAG DA . 3.61 -32.21 -14.89
O4 NAG DA . 3.12 -32.87 -12.06
O5 NAG DA . 2.94 -29.19 -12.01
O6 NAG DA . 4.59 -30.69 -9.92
O7 NAG DA . 4.40 -28.66 -16.66
C1 BMA DA . 4.18 -33.93 -12.04
C2 BMA DA . 3.87 -34.88 -10.83
C3 BMA DA . 4.94 -35.99 -10.79
C4 BMA DA . 4.91 -36.76 -12.14
C5 BMA DA . 5.21 -35.75 -13.29
C6 BMA DA . 5.10 -36.42 -14.66
O2 BMA DA . 2.56 -35.42 -10.97
O3 BMA DA . 4.62 -36.90 -9.70
O4 BMA DA . 5.91 -37.79 -12.13
O5 BMA DA . 4.21 -34.67 -13.28
O6 BMA DA . 3.82 -37.03 -14.81
C1 MAN DA . 5.72 -37.16 -8.70
C2 MAN DA . 5.27 -38.27 -7.71
C3 MAN DA . 4.16 -37.71 -6.83
C4 MAN DA . 4.71 -36.50 -6.10
C5 MAN DA . 5.12 -35.47 -7.13
C6 MAN DA . 5.62 -34.21 -6.48
O2 MAN DA . 6.37 -38.63 -6.85
O3 MAN DA . 3.75 -38.70 -5.89
O4 MAN DA . 3.71 -35.98 -5.25
O5 MAN DA . 6.16 -35.99 -7.99
O6 MAN DA . 6.91 -34.41 -5.92
C1 MAN DA . 6.93 -40.03 -7.03
C2 MAN DA . 7.83 -40.40 -5.79
C3 MAN DA . 9.11 -39.49 -5.82
C4 MAN DA . 9.88 -39.69 -7.17
C5 MAN DA . 8.91 -39.32 -8.35
C6 MAN DA . 9.51 -39.57 -9.74
O2 MAN DA . 8.15 -41.79 -5.81
O3 MAN DA . 9.95 -39.83 -4.70
O4 MAN DA . 11.03 -38.83 -7.17
O5 MAN DA . 7.68 -40.18 -8.28
O6 MAN DA . 10.47 -38.56 -10.09
C1 MAN DA . 3.66 -37.88 -16.01
C2 MAN DA . 2.26 -38.52 -15.94
C3 MAN DA . 2.22 -39.48 -14.75
C4 MAN DA . 3.30 -40.54 -15.00
C5 MAN DA . 4.66 -39.84 -15.08
C6 MAN DA . 5.75 -40.84 -15.31
O2 MAN DA . 2.01 -39.24 -17.14
O3 MAN DA . 0.87 -40.06 -14.64
O4 MAN DA . 3.33 -41.50 -13.95
O5 MAN DA . 4.67 -38.87 -16.17
O6 MAN DA . 5.91 -41.69 -14.19
C1 MAN DA . 0.38 -40.27 -13.21
C2 MAN DA . -1.02 -41.01 -13.24
C3 MAN DA . -2.09 -40.01 -13.79
C4 MAN DA . -2.13 -38.71 -12.90
C5 MAN DA . -0.71 -38.05 -12.90
C6 MAN DA . -0.60 -36.85 -11.96
O2 MAN DA . -1.34 -41.50 -11.93
O3 MAN DA . -3.37 -40.65 -13.81
O4 MAN DA . -3.11 -37.81 -13.43
O5 MAN DA . 0.30 -39.03 -12.42
O6 MAN DA . -1.36 -35.71 -12.38
C1 NAG EA . 23.85 -18.77 -20.90
C2 NAG EA . 23.84 -19.58 -19.53
C3 NAG EA . 25.31 -19.94 -19.18
C4 NAG EA . 25.95 -20.80 -20.33
C5 NAG EA . 25.88 -19.99 -21.67
C6 NAG EA . 26.35 -20.77 -22.90
C7 NAG EA . 22.01 -18.97 -17.97
C8 NAG EA . 21.42 -18.15 -16.84
N2 NAG EA . 23.25 -18.75 -18.44
O3 NAG EA . 25.32 -20.69 -17.96
O4 NAG EA . 27.34 -20.98 -20.01
O5 NAG EA . 24.47 -19.61 -21.94
O6 NAG EA . 26.13 -20.06 -24.12
O7 NAG EA . 21.33 -19.87 -18.48
C1 NAG EA . 27.87 -22.39 -19.99
C2 NAG EA . 29.45 -22.29 -20.04
C3 NAG EA . 30.03 -23.75 -20.00
C4 NAG EA . 29.53 -24.49 -18.70
C5 NAG EA . 27.96 -24.53 -18.73
C6 NAG EA . 27.35 -25.18 -17.47
C7 NAG EA . 30.17 -20.32 -21.40
C8 NAG EA . 30.56 -19.73 -22.72
N2 NAG EA . 29.84 -21.63 -21.32
O3 NAG EA . 31.46 -23.68 -20.01
O4 NAG EA . 30.07 -25.85 -18.66
O5 NAG EA . 27.43 -23.13 -18.80
O6 NAG EA . 25.94 -25.36 -17.59
O7 NAG EA . 30.17 -19.58 -20.40
C1 BMA EA . 31.21 -26.13 -17.67
C2 BMA EA . 30.61 -26.64 -16.30
C3 BMA EA . 31.80 -26.89 -15.32
C4 BMA EA . 32.81 -27.91 -15.94
C5 BMA EA . 33.32 -27.35 -17.31
C6 BMA EA . 34.27 -28.30 -18.05
O2 BMA EA . 29.83 -27.84 -16.48
O3 BMA EA . 31.30 -27.37 -14.05
O4 BMA EA . 33.91 -28.11 -15.04
O5 BMA EA . 32.17 -27.08 -18.21
O6 BMA EA . 34.86 -27.69 -19.18
C1 NAG FA . -13.16 19.64 -12.65
C2 NAG FA . -14.59 19.01 -12.76
C3 NAG FA . -15.32 19.64 -13.96
C4 NAG FA . -15.45 21.19 -13.77
C5 NAG FA . -14.01 21.77 -13.57
C6 NAG FA . -13.98 23.26 -13.26
C7 NAG FA . -14.96 16.67 -12.04
C8 NAG FA . -14.84 15.19 -12.30
N2 NAG FA . -14.49 17.53 -12.94
O3 NAG FA . -16.63 19.05 -14.01
O4 NAG FA . -15.90 21.78 -15.00
O5 NAG FA . -13.34 21.09 -12.45
O6 NAG FA . -15.04 23.71 -12.40
O7 NAG FA . -15.51 17.04 -11.01
C1 NAG FA . -17.35 22.16 -15.11
C2 NAG FA . -17.49 23.14 -16.33
C3 NAG FA . -19.00 23.51 -16.48
C4 NAG FA . -19.85 22.20 -16.69
C5 NAG FA . -19.63 21.29 -15.45
C6 NAG FA . -20.41 19.98 -15.51
C7 NAG FA . -15.60 24.72 -16.68
C8 NAG FA . -14.87 25.98 -16.27
N2 NAG FA . -16.70 24.36 -16.02
O3 NAG FA . -19.18 24.37 -17.62
O4 NAG FA . -21.26 22.51 -16.67
O5 NAG FA . -18.19 21.00 -15.28
O6 NAG FA . -20.25 19.27 -16.74
O7 NAG FA . -15.16 24.06 -17.62
C1 BMA FA . -21.99 22.52 -17.97
C2 BMA FA . -23.45 22.04 -17.70
C3 BMA FA . -24.24 22.06 -19.03
C4 BMA FA . -24.21 23.50 -19.59
C5 BMA FA . -22.73 23.92 -19.83
C6 BMA FA . -22.62 25.37 -20.29
O2 BMA FA . -24.06 22.88 -16.72
O3 BMA FA . -25.61 21.67 -18.75
O4 BMA FA . -24.92 23.55 -20.82
O5 BMA FA . -21.99 23.85 -18.56
O6 BMA FA . -23.27 26.24 -19.36
C1 MAN FA . -26.16 20.53 -19.58
C2 MAN FA . -27.68 20.35 -19.29
C3 MAN FA . -27.83 19.81 -17.87
C4 MAN FA . -27.07 18.50 -17.78
C5 MAN FA . -25.61 18.76 -18.09
C6 MAN FA . -24.80 17.50 -17.96
O2 MAN FA . -28.23 19.37 -20.19
O3 MAN FA . -29.22 19.61 -17.58
O4 MAN FA . -27.24 17.96 -16.47
O5 MAN FA . -25.46 19.29 -19.43
O6 MAN FA . -25.04 16.63 -19.07
C1 MAN FA . -29.24 19.89 -21.20
C2 MAN FA . -30.03 18.68 -21.82
C3 MAN FA . -29.04 17.83 -22.70
C4 MAN FA . -28.39 18.74 -23.80
C5 MAN FA . -27.64 19.94 -23.10
C6 MAN FA . -27.05 20.96 -24.09
O2 MAN FA . -31.15 19.15 -22.58
O3 MAN FA . -29.74 16.74 -23.29
O4 MAN FA . -27.47 17.95 -24.57
O5 MAN FA . -28.61 20.70 -22.25
O6 MAN FA . -25.87 20.46 -24.72
C1 MAN FA . -23.41 27.65 -19.80
C2 MAN FA . -24.22 28.39 -18.72
C3 MAN FA . -25.65 27.82 -18.70
C4 MAN FA . -26.24 28.07 -20.09
C5 MAN FA . -25.38 27.31 -21.11
C6 MAN FA . -25.92 27.51 -22.50
O2 MAN FA . -24.27 29.77 -19.03
O3 MAN FA . -26.41 28.48 -17.63
O4 MAN FA . -27.57 27.58 -20.17
O5 MAN FA . -24.01 27.80 -21.09
O6 MAN FA . -27.19 26.88 -22.64
C1 MAN FA . -27.40 27.58 -16.89
C2 MAN FA . -28.23 28.45 -15.86
C3 MAN FA . -27.28 28.89 -14.70
C4 MAN FA . -26.64 27.63 -14.01
C5 MAN FA . -25.85 26.81 -15.10
C6 MAN FA . -25.28 25.48 -14.56
O2 MAN FA . -29.36 27.70 -15.39
O3 MAN FA . -28.03 29.67 -13.75
O4 MAN FA . -25.77 28.07 -12.96
O5 MAN FA . -26.76 26.44 -16.21
O6 MAN FA . -24.23 25.65 -13.60
C1 NAG GA . -1.44 16.01 -33.16
C2 NAG GA . -2.82 15.23 -33.07
C3 NAG GA . -3.06 14.53 -34.44
C4 NAG GA . -3.10 15.59 -35.59
C5 NAG GA . -1.75 16.39 -35.59
C6 NAG GA . -1.72 17.54 -36.59
C7 NAG GA . -3.39 14.38 -30.80
C8 NAG GA . -3.37 13.33 -29.71
N2 NAG GA . -2.77 14.20 -31.98
O3 NAG GA . -4.30 13.81 -34.38
O4 NAG GA . -3.19 14.87 -36.84
O5 NAG GA . -1.53 16.98 -34.26
O6 NAG GA . -0.54 18.34 -36.47
O7 NAG GA . -4.01 15.43 -30.62
C1 NAG GA . -4.31 15.24 -37.77
C2 NAG GA . -3.94 14.65 -39.18
C3 NAG GA . -5.11 15.00 -40.18
C4 NAG GA . -6.47 14.42 -39.64
C5 NAG GA . -6.75 15.06 -38.22
C6 NAG GA . -8.04 14.53 -37.57
C7 NAG GA . -1.47 14.67 -39.55
C8 NAG GA . -0.24 15.37 -40.05
N2 NAG GA . -2.67 15.27 -39.66
O3 NAG GA . -4.80 14.42 -41.46
O4 NAG GA . -7.56 14.76 -40.56
O5 NAG GA . -5.61 14.74 -37.31
O6 NAG GA . -8.35 15.23 -36.37
O7 NAG GA . -1.35 13.53 -39.05
C1 BMA GA . -8.09 13.63 -41.44
C2 BMA GA . -9.33 12.94 -40.72
C3 BMA GA . -9.84 11.76 -41.63
C4 BMA GA . -10.23 12.33 -43.04
C5 BMA GA . -8.96 13.03 -43.68
C6 BMA GA . -9.25 13.68 -45.04
O2 BMA GA . -10.37 13.88 -40.44
O3 BMA GA . -10.97 11.12 -41.01
O4 BMA GA . -10.66 11.25 -43.87
O5 BMA GA . -8.48 14.11 -42.77
O6 BMA GA . -8.06 14.13 -45.67
C1 NAG HA . 28.75 -4.41 20.57
C2 NAG HA . 29.37 -5.80 20.08
C3 NAG HA . 29.87 -6.59 21.35
C4 NAG HA . 30.94 -5.73 22.11
C5 NAG HA . 30.29 -4.36 22.53
C6 NAG HA . 31.29 -3.42 23.21
C7 NAG HA . 28.25 -6.75 18.06
C8 NAG HA . 27.13 -7.55 17.44
N2 NAG HA . 28.31 -6.59 19.39
O3 NAG HA . 30.48 -7.83 20.93
O4 NAG HA . 31.36 -6.44 23.28
O5 NAG HA . 29.79 -3.66 21.31
O6 NAG HA . 30.64 -2.25 23.73
O7 NAG HA . 29.11 -6.26 17.30
C1 NAG IA . 37.25 4.03 12.61
C2 NAG IA . 38.05 2.75 13.10
C3 NAG IA . 38.99 3.15 14.29
C4 NAG IA . 39.96 4.29 13.83
C5 NAG IA . 39.12 5.51 13.34
C6 NAG IA . 39.99 6.64 12.78
C7 NAG IA . 36.55 0.58 13.85
C8 NAG IA . 35.07 0.47 14.10
N2 NAG IA . 37.08 1.73 13.49
O3 NAG IA . 39.74 1.99 14.69
O4 NAG IA . 40.79 4.66 14.93
O5 NAG IA . 38.22 5.09 12.23
O6 NAG IA . 39.21 7.77 12.42
O7 NAG IA . 37.28 -0.41 13.97
C1 NAG JA . -9.41 -26.07 -22.39
C2 NAG JA . -10.25 -25.31 -23.53
C3 NAG JA . -11.47 -26.22 -23.92
C4 NAG JA . -10.95 -27.63 -24.42
C5 NAG JA . -10.10 -28.29 -23.28
C6 NAG JA . -9.48 -29.63 -23.70
C7 NAG JA . -10.21 -22.82 -23.34
C8 NAG JA . -10.76 -21.56 -22.73
N2 NAG JA . -10.74 -24.02 -22.99
O3 NAG JA . -12.21 -25.59 -24.99
O4 NAG JA . -12.07 -28.45 -24.73
O5 NAG JA . -8.98 -27.38 -22.90
O6 NAG JA . -8.86 -30.29 -22.60
O7 NAG JA . -9.27 -22.74 -24.15
C1 NAG KA . 3.16 -26.27 -29.37
C2 NAG KA . 1.96 -26.43 -30.41
C3 NAG KA . 1.84 -27.95 -30.82
C4 NAG KA . 3.20 -28.41 -31.46
C5 NAG KA . 4.35 -28.19 -30.42
C6 NAG KA . 5.74 -28.53 -30.98
C7 NAG KA . -0.51 -25.57 -29.56
C8 NAG KA . -0.97 -25.18 -28.18
N2 NAG KA . 0.73 -25.96 -29.75
O3 NAG KA . 0.79 -28.08 -31.79
O4 NAG KA . 3.11 -29.79 -31.81
O5 NAG KA . 4.40 -26.76 -30.00
O6 NAG KA . 6.75 -28.41 -29.99
O7 NAG KA . -1.29 -25.54 -30.51
C1 NAG LA . -12.32 32.94 -5.66
C2 NAG LA . -11.25 33.89 -4.93
C3 NAG LA . -12.02 35.06 -4.22
C4 NAG LA . -12.87 35.86 -5.28
C5 NAG LA . -13.88 34.87 -5.98
C6 NAG LA . -14.70 35.54 -7.09
C7 NAG LA . -9.23 32.67 -4.11
C8 NAG LA . -8.55 31.85 -3.04
N2 NAG LA . -10.50 33.09 -3.93
O3 NAG LA . -11.07 35.95 -3.60
O4 NAG LA . -13.60 36.89 -4.61
O5 NAG LA . -13.12 33.75 -6.60
O6 NAG LA . -15.71 34.68 -7.59
O7 NAG LA . -8.59 32.96 -5.14
C1 NAG MA . -6.91 34.01 -18.94
C2 NAG MA . -6.72 35.39 -18.16
C3 NAG MA . -7.81 36.40 -18.65
C4 NAG MA . -7.67 36.61 -20.20
C5 NAG MA . -7.82 35.22 -20.92
C6 NAG MA . -7.60 35.30 -22.43
C7 NAG MA . -6.83 35.26 -15.41
C8 NAG MA . -7.27 34.14 -14.52
N2 NAG MA . -6.86 35.12 -16.72
O3 NAG MA . -7.61 37.66 -17.99
O4 NAG MA . -8.67 37.51 -20.66
O5 NAG MA . -6.80 34.27 -20.38
O6 NAG MA . -7.82 34.04 -23.06
O7 NAG MA . -6.44 36.34 -14.93
#